data_7Q04
#
_entry.id   7Q04
#
_cell.length_a   220.807
_cell.length_b   220.807
_cell.length_c   84.093
_cell.angle_alpha   90.000
_cell.angle_beta   90.000
_cell.angle_gamma   120.000
#
_symmetry.space_group_name_H-M   'P 61'
#
loop_
_entity.id
_entity.type
_entity.pdbx_description
1 polymer 'Terephthalate 1,2-dioxygenase, terminal oxygenase component subunit beta 1'
2 polymer 'Terephthalate 1,2-dioxygenase, terminal oxygenase component subunit alpha 2'
3 polymer Lysozyme
4 non-polymer 'FE2/S2 (INORGANIC) CLUSTER'
5 non-polymer 'FE (III) ION'
6 water water
#
loop_
_entity_poly.entity_id
_entity_poly.type
_entity_poly.pdbx_seq_one_letter_code
_entity_poly.pdbx_strand_id
1 'polypeptide(L)'
;MINEIQIAAFNAAYAKTVDSDAMEQWPTFFTKDCHYRVTNVDNHAEGLAAGIVWADSQDMLTDRISALREANIYERHRYR
HILGLPSIQSGDATQASASTPFMVLRIMHTGETEVFASGEYLDKFTTIDGKLRLQERIAVCDSTVTDTLMALPL
;
A,B,C
2 'polypeptide(L)'
;MGMQESIIQWHGATNTRVPFGIYTDTANADQEQQRIYRGEVWNYLCLESEIPGAGDFRTTFAGETPIVVVRDADQEIYAF
ENRCAHRGALIALEKSGRTDSFQCVYHAWSYNRQGDLTGVAFEKGVKGQGGMPASFCKEEHGPRKLRVAVFCGLVFGSFS
EDVPSIEDYLGPEICERIERVLHKPVEVIGRFTQKLPNNWKLYFENVKDSYHASLLHMFFTTFELNRLSQKGGVIVDESG
GHHVSYSMIDRGAKDDSYKDQAIRSDNERYRLKDPSLLEGFEEFEDGVTLQILSVFPGFVLQQIQNSIAVRQLLPKSISS
SELNWTYLGYADDSAEQRKVRLKQANLIGPAGFISMEDGAVGGFVQRGIAGAANLDAVIEMGGDHEGSSEGRATETSVRG
FWKAYRKHMGQEMQAENLYFQGHHHHHH
;
D,E,F
3 'polypeptide(L)'
;KVFGRCELAAAMKRHGLDNYRGYSLGNWVCAAKFESNFNTQATNRNTDGSTDYGILQINSRWWCNDGRTPGSRNLCNIPC
SALLSSDITASVNCAKKIVSDGNGMNAWVAWRNRCKGTDVQAWIRGCRL
;
H
#
# COMPACT_ATOMS: atom_id res chain seq x y z
N MET A 1 16.78 -34.76 17.64
CA MET A 1 16.79 -33.26 17.73
C MET A 1 15.77 -32.77 16.72
N ILE A 2 14.91 -31.85 17.13
CA ILE A 2 14.14 -30.95 16.22
C ILE A 2 15.14 -30.05 15.50
N ASN A 3 15.05 -29.90 14.18
CA ASN A 3 15.98 -29.03 13.41
C ASN A 3 15.21 -28.07 12.49
N GLU A 4 15.96 -27.19 11.81
CA GLU A 4 15.45 -26.12 10.92
C GLU A 4 14.67 -26.74 9.74
N ILE A 5 15.10 -27.89 9.22
CA ILE A 5 14.44 -28.56 8.06
C ILE A 5 13.05 -29.02 8.47
N GLN A 6 12.94 -29.64 9.65
CA GLN A 6 11.67 -30.21 10.11
C GLN A 6 10.68 -29.06 10.35
N ILE A 7 11.16 -27.94 10.88
CA ILE A 7 10.27 -26.80 11.25
C ILE A 7 9.82 -26.13 9.95
N ALA A 8 10.74 -25.94 9.00
CA ALA A 8 10.44 -25.41 7.64
C ALA A 8 9.27 -26.19 7.03
N ALA A 9 9.36 -27.52 7.03
CA ALA A 9 8.37 -28.41 6.41
C ALA A 9 7.03 -28.21 7.15
N PHE A 10 7.09 -28.21 8.48
CA PHE A 10 5.92 -28.01 9.37
C PHE A 10 5.25 -26.67 9.03
N ASN A 11 6.06 -25.63 8.89
CA ASN A 11 5.59 -24.23 8.64
C ASN A 11 4.90 -24.15 7.28
N ALA A 12 5.44 -24.81 6.26
CA ALA A 12 4.85 -24.82 4.91
C ALA A 12 3.50 -25.52 4.95
N ALA A 13 3.37 -26.60 5.74
CA ALA A 13 2.08 -27.37 5.79
C ALA A 13 1.05 -26.57 6.58
N TYR A 14 1.47 -25.94 7.68
CA TYR A 14 0.62 -25.02 8.48
C TYR A 14 0.08 -23.94 7.53
N ALA A 15 0.98 -23.32 6.78
CA ALA A 15 0.61 -22.23 5.86
C ALA A 15 -0.44 -22.68 4.83
N LYS A 16 -0.16 -23.82 4.17
CA LYS A 16 -1.05 -24.39 3.15
C LYS A 16 -2.43 -24.65 3.75
N THR A 17 -2.45 -25.19 4.97
CA THR A 17 -3.71 -25.54 5.65
C THR A 17 -4.54 -24.28 5.81
N VAL A 18 -3.94 -23.21 6.34
CA VAL A 18 -4.70 -21.98 6.65
C VAL A 18 -5.09 -21.25 5.35
N ASP A 19 -4.20 -21.28 4.35
CA ASP A 19 -4.38 -20.53 3.10
C ASP A 19 -5.38 -21.25 2.20
N SER A 20 -5.53 -22.57 2.35
CA SER A 20 -6.48 -23.39 1.56
C SER A 20 -7.86 -23.43 2.25
N ASP A 21 -8.07 -22.73 3.35
CA ASP A 21 -9.38 -22.79 4.05
C ASP A 21 -9.71 -24.24 4.52
N ALA A 22 -8.71 -25.14 4.65
CA ALA A 22 -8.85 -26.48 5.29
C ALA A 22 -8.75 -26.29 6.80
N MET A 23 -9.52 -25.36 7.34
CA MET A 23 -9.25 -24.84 8.70
C MET A 23 -9.47 -25.94 9.74
N GLU A 24 -10.19 -27.02 9.41
CA GLU A 24 -10.51 -28.12 10.34
C GLU A 24 -9.22 -28.87 10.70
N GLN A 25 -8.22 -28.83 9.83
CA GLN A 25 -6.92 -29.50 10.02
C GLN A 25 -5.99 -28.61 10.88
N TRP A 26 -6.32 -27.32 11.05
CA TRP A 26 -5.46 -26.33 11.75
C TRP A 26 -5.16 -26.74 13.20
N PRO A 27 -6.13 -27.15 14.05
CA PRO A 27 -5.79 -27.60 15.40
C PRO A 27 -4.89 -28.82 15.48
N THR A 28 -4.78 -29.61 14.43
CA THR A 28 -4.00 -30.87 14.38
C THR A 28 -2.52 -30.57 14.59
N PHE A 29 -2.11 -29.33 14.33
CA PHE A 29 -0.69 -28.87 14.38
C PHE A 29 -0.28 -28.62 15.83
N PHE A 30 -1.21 -28.69 16.78
CA PHE A 30 -0.95 -28.28 18.19
C PHE A 30 -1.06 -29.49 19.12
N THR A 31 -0.38 -29.45 20.25
CA THR A 31 -0.54 -30.42 21.36
C THR A 31 -1.89 -30.18 22.04
N LYS A 32 -2.34 -31.15 22.82
CA LYS A 32 -3.65 -31.10 23.52
C LYS A 32 -3.68 -29.86 24.45
N ASP A 33 -2.54 -29.62 25.12
CA ASP A 33 -2.27 -28.63 26.19
C ASP A 33 -1.52 -27.40 25.63
N CYS A 34 -1.77 -26.98 24.40
CA CYS A 34 -0.98 -25.95 23.68
C CYS A 34 -1.41 -24.53 24.06
N HIS A 35 -0.61 -23.54 23.69
CA HIS A 35 -0.97 -22.10 23.73
C HIS A 35 -0.83 -21.49 22.33
N TYR A 36 -1.87 -20.81 21.87
CA TYR A 36 -1.88 -20.01 20.63
C TYR A 36 -2.45 -18.62 20.94
N ARG A 37 -1.80 -17.60 20.37
CA ARG A 37 -2.10 -16.19 20.66
C ARG A 37 -1.70 -15.35 19.45
N VAL A 38 -2.55 -14.42 19.05
CA VAL A 38 -2.23 -13.35 18.08
C VAL A 38 -2.12 -12.06 18.90
N THR A 39 -0.95 -11.40 18.86
CA THR A 39 -0.70 -10.14 19.60
C THR A 39 0.16 -9.24 18.72
N ASN A 40 0.79 -8.25 19.32
CA ASN A 40 1.69 -7.33 18.59
C ASN A 40 2.91 -7.02 19.44
N VAL A 41 3.86 -6.36 18.81
CA VAL A 41 5.19 -6.05 19.37
C VAL A 41 5.02 -5.17 20.60
N ASP A 42 4.04 -4.27 20.62
CA ASP A 42 3.81 -3.35 21.76
C ASP A 42 3.44 -4.21 22.97
N ASN A 43 2.44 -5.05 22.83
CA ASN A 43 1.97 -5.89 23.94
C ASN A 43 3.12 -6.80 24.37
N HIS A 44 3.83 -7.39 23.42
CA HIS A 44 4.91 -8.37 23.72
C HIS A 44 6.05 -7.68 24.50
N ALA A 45 6.38 -6.45 24.11
CA ALA A 45 7.44 -5.62 24.76
C ALA A 45 7.03 -5.25 26.19
N GLU A 46 5.80 -4.79 26.42
CA GLU A 46 5.32 -4.42 27.77
C GLU A 46 4.86 -5.62 28.61
N GLY A 47 4.94 -6.86 28.13
CA GLY A 47 4.58 -8.06 28.91
C GLY A 47 3.09 -8.31 29.00
N LEU A 48 2.26 -7.68 28.17
CA LEU A 48 0.77 -7.78 28.18
C LEU A 48 0.33 -9.08 27.53
N ALA A 49 -0.57 -9.81 28.16
CA ALA A 49 -0.83 -11.24 27.93
C ALA A 49 -1.98 -11.46 26.92
N ALA A 50 -2.86 -10.48 26.76
CA ALA A 50 -4.10 -10.62 25.97
C ALA A 50 -3.77 -10.81 24.48
N GLY A 51 -4.66 -11.50 23.77
CA GLY A 51 -4.58 -11.77 22.34
C GLY A 51 -5.90 -11.49 21.66
N ILE A 52 -5.82 -11.18 20.36
CA ILE A 52 -6.99 -11.10 19.43
C ILE A 52 -7.59 -12.50 19.39
N VAL A 53 -6.68 -13.47 19.36
CA VAL A 53 -6.95 -14.92 19.58
C VAL A 53 -6.10 -15.33 20.79
N TRP A 54 -6.68 -16.13 21.70
CA TRP A 54 -6.07 -16.62 22.96
C TRP A 54 -6.63 -18.01 23.25
N ALA A 55 -5.78 -19.02 23.23
CA ALA A 55 -6.20 -20.43 23.42
C ALA A 55 -5.15 -21.13 24.23
N ASP A 56 -5.57 -21.97 25.19
CA ASP A 56 -4.66 -22.79 26.05
C ASP A 56 -5.02 -24.27 25.99
N SER A 57 -5.75 -24.68 24.95
CA SER A 57 -6.05 -26.10 24.63
C SER A 57 -6.30 -26.22 23.12
N GLN A 58 -6.06 -27.39 22.56
CA GLN A 58 -6.39 -27.67 21.14
C GLN A 58 -7.89 -27.53 20.96
N ASP A 59 -8.67 -27.86 21.98
CA ASP A 59 -10.15 -27.84 21.90
C ASP A 59 -10.61 -26.40 21.63
N MET A 60 -9.98 -25.39 22.24
CA MET A 60 -10.38 -23.97 22.05
C MET A 60 -10.15 -23.57 20.59
N LEU A 61 -9.10 -24.11 19.96
CA LEU A 61 -8.79 -23.88 18.52
C LEU A 61 -9.94 -24.46 17.73
N THR A 62 -10.36 -25.68 18.07
CA THR A 62 -11.45 -26.40 17.36
C THR A 62 -12.74 -25.58 17.46
N ASP A 63 -13.05 -25.02 18.63
CA ASP A 63 -14.25 -24.18 18.85
C ASP A 63 -14.20 -22.91 17.99
N ARG A 64 -13.02 -22.29 17.88
CA ARG A 64 -12.85 -21.05 17.09
C ARG A 64 -13.24 -21.33 15.64
N ILE A 65 -12.85 -22.50 15.14
CA ILE A 65 -13.14 -22.88 13.73
C ILE A 65 -14.61 -23.29 13.59
N SER A 66 -15.19 -24.02 14.55
CA SER A 66 -16.66 -24.27 14.56
C SER A 66 -17.38 -22.93 14.39
N ALA A 67 -17.06 -21.95 15.24
CA ALA A 67 -17.74 -20.63 15.26
C ALA A 67 -17.55 -19.88 13.93
N LEU A 68 -16.38 -20.03 13.30
CA LEU A 68 -16.08 -19.40 11.98
C LEU A 68 -17.08 -19.93 10.95
N ARG A 69 -17.29 -21.25 10.94
CA ARG A 69 -18.14 -21.97 9.96
C ARG A 69 -19.61 -21.66 10.27
N GLU A 70 -20.02 -21.86 11.53
CA GLU A 70 -21.45 -22.00 11.92
C GLU A 70 -22.04 -20.61 12.21
N ALA A 71 -21.25 -19.69 12.76
CA ALA A 71 -21.76 -18.52 13.52
C ALA A 71 -21.28 -17.23 12.88
N ASN A 72 -19.97 -17.03 12.79
CA ASN A 72 -19.37 -15.75 12.35
C ASN A 72 -19.79 -15.46 10.89
N ILE A 73 -20.22 -14.23 10.65
CA ILE A 73 -20.55 -13.64 9.34
C ILE A 73 -19.39 -12.69 9.01
N TYR A 74 -18.79 -12.87 7.84
CA TYR A 74 -17.70 -12.00 7.35
C TYR A 74 -17.70 -12.11 5.82
N GLU A 75 -17.24 -11.04 5.15
CA GLU A 75 -17.10 -11.02 3.69
C GLU A 75 -15.97 -11.98 3.27
N ARG A 76 -16.20 -12.80 2.25
CA ARG A 76 -15.25 -13.83 1.78
C ARG A 76 -13.90 -13.19 1.50
N HIS A 77 -12.86 -13.85 1.98
CA HIS A 77 -11.45 -13.48 1.71
C HIS A 77 -10.57 -14.67 2.03
N ARG A 78 -9.34 -14.61 1.54
CA ARG A 78 -8.35 -15.71 1.66
CA ARG A 78 -8.37 -15.71 1.70
C ARG A 78 -7.05 -15.08 2.09
N TYR A 79 -6.15 -15.90 2.62
CA TYR A 79 -4.82 -15.48 3.10
C TYR A 79 -3.79 -16.07 2.13
N ARG A 80 -2.68 -15.37 2.00
CA ARG A 80 -1.46 -15.89 1.37
C ARG A 80 -0.31 -15.61 2.33
N HIS A 81 0.13 -16.67 3.01
CA HIS A 81 1.31 -16.72 3.90
C HIS A 81 2.57 -16.76 3.04
N ILE A 82 3.49 -15.82 3.25
CA ILE A 82 4.91 -15.95 2.83
C ILE A 82 5.73 -16.00 4.11
N LEU A 83 6.48 -17.09 4.33
CA LEU A 83 7.23 -17.35 5.58
C LEU A 83 8.73 -17.21 5.32
N GLY A 84 9.49 -16.82 6.30
CA GLY A 84 10.96 -16.89 6.23
C GLY A 84 11.45 -18.20 6.81
N LEU A 85 12.77 -18.32 6.97
CA LEU A 85 13.44 -19.48 7.58
C LEU A 85 13.21 -19.43 9.09
N PRO A 86 12.80 -20.56 9.69
CA PRO A 86 12.81 -20.68 11.13
C PRO A 86 14.25 -20.62 11.65
N SER A 87 14.41 -19.95 12.79
CA SER A 87 15.69 -19.75 13.48
C SER A 87 15.48 -20.30 14.91
N ILE A 88 16.21 -21.37 15.26
CA ILE A 88 16.06 -22.06 16.57
C ILE A 88 16.82 -21.25 17.62
N GLN A 89 16.09 -20.80 18.64
CA GLN A 89 16.57 -19.92 19.74
C GLN A 89 17.19 -20.77 20.85
N SER A 90 16.50 -21.87 21.21
CA SER A 90 16.89 -22.74 22.33
C SER A 90 16.53 -24.18 21.98
N GLY A 91 17.19 -25.15 22.61
CA GLY A 91 16.74 -26.54 22.54
C GLY A 91 17.67 -27.44 23.32
N ASP A 92 17.14 -28.63 23.66
CA ASP A 92 17.87 -29.72 24.36
C ASP A 92 17.78 -30.89 23.38
N ALA A 93 17.78 -32.13 23.85
CA ALA A 93 17.67 -33.28 22.94
C ALA A 93 16.25 -33.49 22.45
N THR A 94 15.23 -32.84 23.02
CA THR A 94 13.79 -33.18 22.74
C THR A 94 12.92 -31.94 22.45
N GLN A 95 13.14 -30.82 23.13
CA GLN A 95 12.34 -29.57 22.91
C GLN A 95 13.20 -28.58 22.07
N ALA A 96 12.48 -27.62 21.51
CA ALA A 96 13.09 -26.51 20.77
C ALA A 96 12.12 -25.33 20.78
N SER A 97 12.70 -24.15 20.96
CA SER A 97 12.06 -22.86 20.78
C SER A 97 12.56 -22.27 19.44
N ALA A 98 11.70 -21.64 18.65
CA ALA A 98 12.14 -21.02 17.37
C ALA A 98 11.35 -19.75 17.08
N SER A 99 11.90 -18.93 16.20
CA SER A 99 11.20 -17.74 15.62
C SER A 99 11.21 -17.89 14.09
N THR A 100 10.05 -17.67 13.48
CA THR A 100 9.85 -17.70 12.03
C THR A 100 9.19 -16.40 11.62
N PRO A 101 9.85 -15.59 10.77
CA PRO A 101 9.21 -14.44 10.16
C PRO A 101 8.04 -14.86 9.28
N PHE A 102 7.04 -13.99 9.20
CA PHE A 102 5.84 -14.23 8.36
C PHE A 102 5.37 -12.91 7.77
N MET A 103 4.73 -13.04 6.61
CA MET A 103 3.92 -11.99 6.00
C MET A 103 2.62 -12.64 5.54
N VAL A 104 1.49 -12.04 5.84
CA VAL A 104 0.16 -12.56 5.41
C VAL A 104 -0.51 -11.53 4.52
N LEU A 105 -0.72 -11.87 3.25
CA LEU A 105 -1.56 -11.05 2.37
C LEU A 105 -3.01 -11.45 2.62
N ARG A 106 -3.92 -10.50 2.56
CA ARG A 106 -5.36 -10.75 2.53
C ARG A 106 -5.87 -10.40 1.13
N ILE A 107 -6.50 -11.35 0.47
CA ILE A 107 -7.17 -11.17 -0.85
C ILE A 107 -8.69 -11.25 -0.68
N MET A 108 -9.40 -10.13 -0.85
CA MET A 108 -10.89 -10.12 -0.81
C MET A 108 -11.40 -10.85 -2.06
N HIS A 109 -12.57 -11.51 -1.98
CA HIS A 109 -13.34 -12.06 -3.14
C HIS A 109 -13.48 -10.99 -4.25
N THR A 110 -13.54 -9.71 -3.90
CA THR A 110 -13.64 -8.57 -4.84
C THR A 110 -12.27 -8.23 -5.47
N GLY A 111 -11.17 -8.86 -5.02
CA GLY A 111 -9.86 -8.84 -5.74
C GLY A 111 -8.79 -7.95 -5.11
N GLU A 112 -9.13 -7.16 -4.10
CA GLU A 112 -8.15 -6.25 -3.41
C GLU A 112 -7.14 -7.12 -2.67
N THR A 113 -5.84 -6.89 -2.89
CA THR A 113 -4.74 -7.59 -2.19
C THR A 113 -3.98 -6.62 -1.30
N GLU A 114 -3.84 -6.92 0.00
CA GLU A 114 -3.22 -6.02 1.01
C GLU A 114 -2.28 -6.83 1.89
N VAL A 115 -1.17 -6.24 2.33
CA VAL A 115 -0.35 -6.82 3.43
C VAL A 115 -1.20 -6.66 4.68
N PHE A 116 -1.72 -7.75 5.20
CA PHE A 116 -2.76 -7.77 6.26
C PHE A 116 -2.07 -7.90 7.60
N ALA A 117 -0.96 -8.62 7.64
CA ALA A 117 -0.14 -8.77 8.87
C ALA A 117 1.27 -9.20 8.49
N SER A 118 2.23 -8.92 9.37
CA SER A 118 3.62 -9.41 9.28
C SER A 118 4.13 -9.52 10.69
N GLY A 119 5.15 -10.35 10.93
CA GLY A 119 5.78 -10.42 12.25
C GLY A 119 6.58 -11.67 12.38
N GLU A 120 6.57 -12.30 13.55
CA GLU A 120 7.21 -13.62 13.74
C GLU A 120 6.35 -14.49 14.63
N TYR A 121 6.41 -15.77 14.33
CA TYR A 121 5.91 -16.86 15.17
C TYR A 121 7.01 -17.16 16.21
N LEU A 122 6.75 -16.88 17.47
CA LEU A 122 7.54 -17.40 18.61
C LEU A 122 6.94 -18.73 19.03
N ASP A 123 7.66 -19.82 18.74
CA ASP A 123 7.13 -21.20 18.79
C ASP A 123 7.87 -22.02 19.85
N LYS A 124 7.15 -22.93 20.49
CA LYS A 124 7.74 -24.05 21.31
C LYS A 124 7.31 -25.36 20.66
N PHE A 125 8.30 -26.14 20.20
CA PHE A 125 8.04 -27.37 19.42
C PHE A 125 8.31 -28.56 20.32
N THR A 126 7.50 -29.58 20.14
CA THR A 126 7.83 -30.93 20.66
C THR A 126 7.52 -31.95 19.57
N THR A 127 7.90 -33.19 19.82
CA THR A 127 7.94 -34.30 18.83
C THR A 127 7.38 -35.48 19.60
N ILE A 128 6.10 -35.82 19.36
CA ILE A 128 5.34 -36.85 20.12
C ILE A 128 4.86 -37.95 19.16
N ASP A 129 5.24 -39.21 19.43
CA ASP A 129 4.86 -40.39 18.59
C ASP A 129 5.26 -40.11 17.15
N GLY A 130 6.38 -39.43 16.92
CA GLY A 130 6.95 -39.22 15.59
C GLY A 130 6.35 -38.04 14.88
N LYS A 131 5.46 -37.28 15.51
CA LYS A 131 4.85 -36.04 14.91
C LYS A 131 5.40 -34.75 15.55
N LEU A 132 5.88 -33.81 14.73
CA LEU A 132 6.30 -32.50 15.22
C LEU A 132 5.05 -31.68 15.49
N ARG A 133 4.94 -31.08 16.69
CA ARG A 133 3.74 -30.32 17.10
C ARG A 133 4.14 -29.01 17.79
N LEU A 134 3.26 -28.02 17.68
CA LEU A 134 3.33 -26.79 18.48
C LEU A 134 2.77 -27.06 19.88
N GLN A 135 3.63 -26.97 20.87
CA GLN A 135 3.26 -26.73 22.28
C GLN A 135 2.80 -25.26 22.41
N GLU A 136 3.43 -24.35 21.68
CA GLU A 136 3.08 -22.92 21.74
C GLU A 136 3.41 -22.27 20.39
N ARG A 137 2.53 -21.38 19.94
CA ARG A 137 2.78 -20.43 18.85
C ARG A 137 2.16 -19.08 19.23
N ILE A 138 3.00 -18.06 19.27
CA ILE A 138 2.59 -16.64 19.46
C ILE A 138 2.89 -15.90 18.17
N ALA A 139 1.84 -15.51 17.44
CA ALA A 139 1.95 -14.68 16.23
C ALA A 139 2.16 -13.24 16.70
N VAL A 140 3.41 -12.82 16.82
CA VAL A 140 3.71 -11.42 17.25
C VAL A 140 3.69 -10.55 16.00
N CYS A 141 2.63 -9.78 15.80
CA CYS A 141 2.44 -8.87 14.66
C CYS A 141 3.24 -7.59 14.83
N ASP A 142 3.81 -7.11 13.72
CA ASP A 142 4.62 -5.87 13.65
C ASP A 142 3.74 -4.62 13.82
N SER A 143 2.48 -4.68 13.39
CA SER A 143 1.52 -3.54 13.44
C SER A 143 0.57 -3.72 14.63
N THR A 144 0.20 -2.61 15.29
CA THR A 144 -0.91 -2.56 16.28
C THR A 144 -2.28 -2.54 15.56
N VAL A 145 -2.28 -2.43 14.22
CA VAL A 145 -3.53 -2.23 13.44
C VAL A 145 -3.87 -3.52 12.69
N THR A 146 -5.11 -3.95 12.86
CA THR A 146 -5.81 -4.98 12.04
C THR A 146 -6.85 -4.28 11.17
N ASP A 147 -6.83 -4.54 9.86
CA ASP A 147 -7.75 -3.84 8.93
C ASP A 147 -9.07 -4.59 8.95
N THR A 148 -10.13 -3.90 9.39
CA THR A 148 -11.56 -4.32 9.35
C THR A 148 -11.84 -5.33 10.46
N LEU A 149 -11.23 -6.50 10.38
CA LEU A 149 -11.45 -7.58 11.36
C LEU A 149 -10.44 -8.67 11.08
N MET A 150 -10.35 -9.65 11.97
CA MET A 150 -9.54 -10.87 11.79
C MET A 150 -10.48 -12.06 11.92
N ALA A 151 -10.74 -12.76 10.81
CA ALA A 151 -11.64 -13.93 10.79
C ALA A 151 -10.80 -15.20 10.94
N LEU A 152 -9.80 -15.34 10.12
CA LEU A 152 -8.97 -16.55 10.06
C LEU A 152 -7.74 -16.30 10.91
N PRO A 153 -7.29 -17.35 11.62
CA PRO A 153 -6.07 -17.25 12.41
C PRO A 153 -4.82 -17.21 11.50
N LEU A 154 -3.73 -16.67 12.07
CA LEU A 154 -2.44 -16.46 11.41
C LEU A 154 -1.60 -17.71 11.61
N MET B 1 14.46 -39.61 -5.57
CA MET B 1 13.25 -38.79 -5.48
C MET B 1 13.66 -37.35 -5.82
N ILE B 2 12.91 -36.67 -6.69
CA ILE B 2 12.84 -35.18 -6.81
C ILE B 2 12.32 -34.65 -5.47
N ASN B 3 12.96 -33.65 -4.87
CA ASN B 3 12.60 -33.21 -3.49
C ASN B 3 12.32 -31.70 -3.45
N GLU B 4 11.93 -31.21 -2.28
CA GLU B 4 11.53 -29.81 -1.98
C GLU B 4 12.69 -28.85 -2.30
N ILE B 5 13.93 -29.26 -2.01
CA ILE B 5 15.13 -28.40 -2.22
C ILE B 5 15.40 -28.23 -3.73
N GLN B 6 15.26 -29.30 -4.51
CA GLN B 6 15.56 -29.25 -5.95
C GLN B 6 14.52 -28.37 -6.63
N ILE B 7 13.27 -28.41 -6.17
CA ILE B 7 12.17 -27.64 -6.78
C ILE B 7 12.37 -26.17 -6.40
N ALA B 8 12.70 -25.92 -5.13
CA ALA B 8 12.97 -24.57 -4.61
C ALA B 8 14.07 -23.92 -5.47
N ALA B 9 15.15 -24.64 -5.74
CA ALA B 9 16.30 -24.13 -6.53
C ALA B 9 15.82 -23.81 -7.95
N PHE B 10 15.08 -24.74 -8.57
CA PHE B 10 14.48 -24.58 -9.91
C PHE B 10 13.62 -23.29 -9.91
N ASN B 11 12.79 -23.15 -8.86
CA ASN B 11 11.83 -22.02 -8.74
C ASN B 11 12.57 -20.68 -8.67
N ALA B 12 13.67 -20.62 -7.92
CA ALA B 12 14.48 -19.39 -7.77
C ALA B 12 15.15 -19.04 -9.10
N ALA B 13 15.60 -20.01 -9.88
CA ALA B 13 16.20 -19.76 -11.22
C ALA B 13 15.14 -19.27 -12.20
N TYR B 14 13.96 -19.91 -12.20
CA TYR B 14 12.77 -19.47 -12.99
C TYR B 14 12.50 -18.00 -12.64
N ALA B 15 12.41 -17.70 -11.35
CA ALA B 15 12.07 -16.35 -10.85
C ALA B 15 13.10 -15.35 -11.33
N LYS B 16 14.39 -15.65 -11.18
CA LYS B 16 15.49 -14.75 -11.58
C LYS B 16 15.39 -14.50 -13.08
N THR B 17 15.07 -15.53 -13.87
CA THR B 17 14.95 -15.40 -15.32
C THR B 17 13.87 -14.36 -15.63
N VAL B 18 12.70 -14.50 -15.03
CA VAL B 18 11.54 -13.62 -15.32
C VAL B 18 11.80 -12.22 -14.77
N ASP B 19 12.40 -12.12 -13.59
CA ASP B 19 12.57 -10.84 -12.86
C ASP B 19 13.70 -10.04 -13.51
N SER B 20 14.66 -10.71 -14.14
CA SER B 20 15.83 -10.07 -14.82
C SER B 20 15.48 -9.73 -16.28
N ASP B 21 14.25 -9.99 -16.73
CA ASP B 21 13.82 -9.70 -18.12
C ASP B 21 14.67 -10.49 -19.12
N ALA B 22 15.29 -11.61 -18.72
CA ALA B 22 15.98 -12.57 -19.61
C ALA B 22 14.92 -13.52 -20.17
N MET B 23 13.84 -12.96 -20.70
CA MET B 23 12.60 -13.70 -20.98
C MET B 23 12.85 -14.78 -22.05
N GLU B 24 13.91 -14.68 -22.84
CA GLU B 24 14.20 -15.64 -23.94
C GLU B 24 14.59 -16.99 -23.34
N GLN B 25 15.08 -17.01 -22.09
CA GLN B 25 15.48 -18.23 -21.35
C GLN B 25 14.24 -18.85 -20.69
N TRP B 26 13.12 -18.12 -20.56
CA TRP B 26 11.88 -18.58 -19.86
C TRP B 26 11.32 -19.86 -20.46
N PRO B 27 11.14 -20.03 -21.79
CA PRO B 27 10.62 -21.29 -22.33
C PRO B 27 11.53 -22.50 -22.08
N THR B 28 12.82 -22.28 -21.81
CA THR B 28 13.78 -23.41 -21.65
C THR B 28 13.45 -24.18 -20.37
N PHE B 29 12.64 -23.62 -19.48
CA PHE B 29 12.23 -24.23 -18.18
C PHE B 29 11.11 -25.26 -18.40
N PHE B 30 10.61 -25.36 -19.63
CA PHE B 30 9.42 -26.20 -19.93
C PHE B 30 9.80 -27.33 -20.90
N THR B 31 9.01 -28.39 -20.90
CA THR B 31 9.16 -29.47 -21.90
C THR B 31 8.61 -28.95 -23.23
N LYS B 32 8.96 -29.64 -24.31
CA LYS B 32 8.52 -29.35 -25.69
C LYS B 32 6.97 -29.35 -25.73
N ASP B 33 6.32 -30.34 -25.10
CA ASP B 33 4.83 -30.44 -25.12
C ASP B 33 4.25 -30.17 -23.73
N CYS B 34 4.61 -29.05 -23.16
CA CYS B 34 4.20 -28.56 -21.83
C CYS B 34 2.81 -27.90 -21.85
N HIS B 35 2.28 -27.59 -20.66
CA HIS B 35 1.12 -26.70 -20.46
C HIS B 35 1.50 -25.60 -19.48
N TYR B 36 1.22 -24.35 -19.86
CA TYR B 36 1.37 -23.16 -18.99
C TYR B 36 0.08 -22.34 -19.09
N ARG B 37 -0.40 -21.87 -17.95
CA ARG B 37 -1.65 -21.10 -17.86
C ARG B 37 -1.53 -20.14 -16.68
N VAL B 38 -1.96 -18.90 -16.86
CA VAL B 38 -2.26 -17.94 -15.76
C VAL B 38 -3.78 -17.88 -15.62
N THR B 39 -4.31 -18.22 -14.43
CA THR B 39 -5.77 -18.19 -14.17
C THR B 39 -5.98 -17.67 -12.76
N ASN B 40 -7.16 -17.93 -12.17
CA ASN B 40 -7.44 -17.48 -10.79
C ASN B 40 -8.22 -18.55 -10.08
N VAL B 41 -8.37 -18.37 -8.77
CA VAL B 41 -8.98 -19.39 -7.88
C VAL B 41 -10.44 -19.61 -8.26
N ASP B 42 -11.14 -18.58 -8.73
CA ASP B 42 -12.57 -18.73 -9.09
C ASP B 42 -12.67 -19.69 -10.29
N ASN B 43 -11.89 -19.44 -11.34
CA ASN B 43 -11.90 -20.29 -12.55
C ASN B 43 -11.46 -21.69 -12.14
N HIS B 44 -10.45 -21.80 -11.29
CA HIS B 44 -9.85 -23.11 -10.91
C HIS B 44 -10.88 -23.92 -10.12
N ALA B 45 -11.63 -23.27 -9.22
CA ALA B 45 -12.71 -23.91 -8.43
C ALA B 45 -13.87 -24.37 -9.33
N GLU B 46 -14.34 -23.55 -10.28
CA GLU B 46 -15.42 -23.97 -11.22
C GLU B 46 -14.96 -24.86 -12.39
N GLY B 47 -13.67 -25.22 -12.52
CA GLY B 47 -13.19 -26.11 -13.60
C GLY B 47 -13.04 -25.42 -14.95
N LEU B 48 -12.98 -24.09 -14.98
CA LEU B 48 -12.93 -23.29 -16.24
C LEU B 48 -11.48 -23.27 -16.72
N ALA B 49 -11.27 -23.54 -18.01
CA ALA B 49 -9.96 -23.92 -18.61
C ALA B 49 -9.20 -22.69 -19.14
N ALA B 50 -9.88 -21.57 -19.42
CA ALA B 50 -9.28 -20.43 -20.14
C ALA B 50 -8.20 -19.76 -19.26
N GLY B 51 -7.20 -19.19 -19.92
CA GLY B 51 -6.09 -18.48 -19.23
C GLY B 51 -5.89 -17.10 -19.81
N ILE B 52 -5.37 -16.18 -19.00
CA ILE B 52 -4.83 -14.87 -19.46
C ILE B 52 -3.68 -15.17 -20.42
N VAL B 53 -2.91 -16.17 -20.03
CA VAL B 53 -1.90 -16.86 -20.85
C VAL B 53 -2.31 -18.33 -20.85
N TRP B 54 -2.21 -18.97 -22.02
CA TRP B 54 -2.58 -20.38 -22.28
C TRP B 54 -1.64 -20.93 -23.34
N ALA B 55 -0.84 -21.95 -23.00
CA ALA B 55 0.14 -22.54 -23.94
C ALA B 55 0.15 -24.05 -23.74
N ASP B 56 0.22 -24.81 -24.84
CA ASP B 56 0.31 -26.29 -24.83
C ASP B 56 1.55 -26.78 -25.60
N SER B 57 2.51 -25.91 -25.86
CA SER B 57 3.82 -26.24 -26.46
C SER B 57 4.84 -25.19 -26.01
N GLN B 58 6.11 -25.57 -25.95
CA GLN B 58 7.20 -24.61 -25.63
C GLN B 58 7.24 -23.56 -26.73
N ASP B 59 6.89 -23.93 -27.97
CA ASP B 59 6.98 -22.96 -29.10
C ASP B 59 6.01 -21.80 -28.84
N MET B 60 4.82 -22.06 -28.29
CA MET B 60 3.83 -21.00 -28.01
C MET B 60 4.41 -19.99 -26.99
N LEU B 61 5.20 -20.50 -26.04
CA LEU B 61 5.88 -19.67 -25.00
C LEU B 61 6.86 -18.77 -25.75
N THR B 62 7.62 -19.34 -26.68
CA THR B 62 8.65 -18.62 -27.47
C THR B 62 7.95 -17.48 -28.25
N ASP B 63 6.80 -17.74 -28.86
CA ASP B 63 6.03 -16.73 -29.64
C ASP B 63 5.53 -15.60 -28.72
N ARG B 64 5.13 -15.93 -27.49
CA ARG B 64 4.59 -14.93 -26.53
C ARG B 64 5.71 -13.94 -26.25
N ILE B 65 6.93 -14.44 -26.14
CA ILE B 65 8.11 -13.59 -25.85
C ILE B 65 8.52 -12.81 -27.10
N SER B 66 8.50 -13.42 -28.29
CA SER B 66 8.69 -12.67 -29.57
C SER B 66 7.76 -11.46 -29.55
N ALA B 67 6.47 -11.68 -29.30
CA ALA B 67 5.43 -10.62 -29.34
C ALA B 67 5.68 -9.56 -28.25
N LEU B 68 6.23 -9.94 -27.11
CA LEU B 68 6.56 -8.99 -26.01
C LEU B 68 7.61 -8.01 -26.54
N ARG B 69 8.62 -8.55 -27.23
CA ARG B 69 9.78 -7.78 -27.75
C ARG B 69 9.33 -6.94 -28.94
N GLU B 70 8.71 -7.58 -29.93
CA GLU B 70 8.57 -7.07 -31.32
C GLU B 70 7.20 -6.46 -31.53
N ALA B 71 6.20 -6.70 -30.68
CA ALA B 71 4.79 -6.32 -30.95
C ALA B 71 4.22 -5.46 -29.82
N ASN B 72 4.17 -6.00 -28.61
CA ASN B 72 3.40 -5.40 -27.49
C ASN B 72 3.98 -4.00 -27.17
N ILE B 73 3.09 -3.06 -26.88
CA ILE B 73 3.31 -1.72 -26.26
C ILE B 73 2.85 -1.79 -24.80
N TYR B 74 3.68 -1.38 -23.85
CA TYR B 74 3.36 -1.28 -22.40
C TYR B 74 4.43 -0.38 -21.74
N GLU B 75 4.05 0.31 -20.67
CA GLU B 75 4.92 1.21 -19.86
C GLU B 75 5.91 0.33 -19.09
N ARG B 76 7.18 0.74 -19.09
CA ARG B 76 8.27 -0.09 -18.51
C ARG B 76 7.95 -0.43 -17.06
N HIS B 77 8.22 -1.68 -16.70
CA HIS B 77 8.08 -2.18 -15.31
C HIS B 77 8.85 -3.49 -15.19
N ARG B 78 9.08 -3.92 -13.96
CA ARG B 78 9.79 -5.17 -13.65
C ARG B 78 8.99 -5.88 -12.58
N TYR B 79 9.28 -7.17 -12.39
CA TYR B 79 8.65 -8.07 -11.40
C TYR B 79 9.69 -8.37 -10.33
N ARG B 80 9.23 -8.57 -9.11
CA ARG B 80 10.01 -9.18 -8.01
C ARG B 80 9.16 -10.32 -7.44
N HIS B 81 9.54 -11.55 -7.79
CA HIS B 81 9.04 -12.85 -7.29
C HIS B 81 9.55 -13.10 -5.87
N ILE B 82 8.65 -13.27 -4.92
CA ILE B 82 8.94 -13.81 -3.57
C ILE B 82 8.19 -15.13 -3.42
N LEU B 83 8.91 -16.22 -3.17
CA LEU B 83 8.37 -17.61 -3.26
C LEU B 83 8.31 -18.27 -1.90
N GLY B 84 7.36 -19.15 -1.67
CA GLY B 84 7.34 -20.01 -0.48
C GLY B 84 8.04 -21.34 -0.75
N LEU B 85 8.01 -22.23 0.26
CA LEU B 85 8.54 -23.61 0.14
C LEU B 85 7.57 -24.45 -0.67
N PRO B 86 8.09 -25.25 -1.63
CA PRO B 86 7.31 -26.24 -2.34
C PRO B 86 6.75 -27.30 -1.38
N SER B 87 5.55 -27.79 -1.69
CA SER B 87 4.96 -29.01 -1.14
C SER B 87 4.73 -30.00 -2.29
N ILE B 88 5.33 -31.19 -2.19
CA ILE B 88 5.19 -32.30 -3.17
C ILE B 88 3.96 -33.11 -2.77
N GLN B 89 3.03 -33.32 -3.68
CA GLN B 89 1.77 -34.08 -3.47
C GLN B 89 2.03 -35.57 -3.74
N SER B 90 2.74 -35.88 -4.83
CA SER B 90 3.07 -37.23 -5.31
C SER B 90 4.34 -37.14 -6.17
N GLY B 91 5.05 -38.25 -6.34
CA GLY B 91 6.24 -38.27 -7.19
C GLY B 91 7.13 -39.46 -6.90
N ASP B 92 7.90 -39.84 -7.91
CA ASP B 92 8.89 -40.95 -7.92
C ASP B 92 10.25 -40.28 -8.16
N ALA B 93 11.18 -40.97 -8.81
CA ALA B 93 12.53 -40.43 -9.06
C ALA B 93 12.52 -39.46 -10.24
N THR B 94 11.46 -39.45 -11.07
CA THR B 94 11.47 -38.72 -12.38
C THR B 94 10.24 -37.80 -12.58
N GLN B 95 9.04 -38.16 -12.10
CA GLN B 95 7.86 -37.24 -12.07
C GLN B 95 7.67 -36.68 -10.66
N ALA B 96 7.05 -35.50 -10.55
CA ALA B 96 6.53 -34.99 -9.26
C ALA B 96 5.45 -33.96 -9.54
N SER B 97 4.39 -34.01 -8.76
CA SER B 97 3.33 -32.97 -8.71
C SER B 97 3.54 -32.11 -7.45
N ALA B 98 3.59 -30.78 -7.58
CA ALA B 98 3.90 -29.90 -6.44
C ALA B 98 3.14 -28.58 -6.51
N SER B 99 2.95 -27.95 -5.37
CA SER B 99 2.40 -26.58 -5.22
C SER B 99 3.42 -25.70 -4.52
N THR B 100 3.66 -24.53 -5.09
CA THR B 100 4.59 -23.50 -4.56
C THR B 100 3.85 -22.18 -4.45
N PRO B 101 3.71 -21.63 -3.23
CA PRO B 101 3.20 -20.28 -3.07
C PRO B 101 4.10 -19.25 -3.75
N PHE B 102 3.48 -18.17 -4.23
CA PHE B 102 4.19 -17.04 -4.86
C PHE B 102 3.52 -15.71 -4.50
N MET B 103 4.35 -14.68 -4.49
CA MET B 103 3.93 -13.28 -4.53
C MET B 103 4.75 -12.61 -5.64
N VAL B 104 4.12 -11.80 -6.49
CA VAL B 104 4.87 -10.99 -7.48
C VAL B 104 4.59 -9.52 -7.20
N LEU B 105 5.63 -8.76 -6.87
CA LEU B 105 5.55 -7.29 -6.87
C LEU B 105 5.75 -6.82 -8.30
N ARG B 106 5.06 -5.75 -8.68
CA ARG B 106 5.35 -4.97 -9.90
C ARG B 106 5.95 -3.64 -9.48
N ILE B 107 7.11 -3.32 -10.02
CA ILE B 107 7.77 -1.99 -9.87
C ILE B 107 7.76 -1.25 -11.22
N MET B 108 7.00 -0.15 -11.33
CA MET B 108 6.99 0.74 -12.52
C MET B 108 8.34 1.45 -12.58
N HIS B 109 8.81 1.80 -13.80
CA HIS B 109 9.99 2.67 -14.03
C HIS B 109 9.84 3.97 -13.22
N THR B 110 8.62 4.46 -13.01
CA THR B 110 8.36 5.70 -12.20
C THR B 110 8.47 5.42 -10.70
N GLY B 111 8.58 4.15 -10.28
CA GLY B 111 9.02 3.77 -8.93
C GLY B 111 7.93 3.25 -8.03
N GLU B 112 6.66 3.29 -8.46
CA GLU B 112 5.53 2.67 -7.71
C GLU B 112 5.78 1.14 -7.59
N THR B 113 5.72 0.61 -6.37
CA THR B 113 5.72 -0.84 -6.05
C THR B 113 4.34 -1.27 -5.54
N GLU B 114 3.78 -2.34 -6.13
CA GLU B 114 2.43 -2.87 -5.81
C GLU B 114 2.52 -4.40 -5.83
N VAL B 115 1.74 -5.04 -4.97
CA VAL B 115 1.51 -6.50 -5.05
C VAL B 115 0.66 -6.71 -6.30
N PHE B 116 1.24 -7.30 -7.32
CA PHE B 116 0.65 -7.41 -8.66
C PHE B 116 -0.12 -8.71 -8.80
N ALA B 117 0.40 -9.77 -8.18
CA ALA B 117 -0.31 -11.06 -8.11
C ALA B 117 0.24 -11.88 -6.95
N SER B 118 -0.56 -12.82 -6.44
CA SER B 118 -0.13 -13.83 -5.46
C SER B 118 -0.92 -15.11 -5.75
N GLY B 119 -0.43 -16.27 -5.32
CA GLY B 119 -1.19 -17.51 -5.47
C GLY B 119 -0.30 -18.70 -5.29
N GLU B 120 -0.54 -19.75 -6.05
CA GLU B 120 0.39 -20.91 -6.09
C GLU B 120 0.50 -21.41 -7.52
N TYR B 121 1.70 -21.89 -7.79
CA TYR B 121 2.04 -22.68 -8.98
C TYR B 121 1.63 -24.12 -8.66
N LEU B 122 0.65 -24.63 -9.39
CA LEU B 122 0.34 -26.07 -9.47
C LEU B 122 1.19 -26.62 -10.62
N ASP B 123 2.22 -27.39 -10.27
CA ASP B 123 3.28 -27.84 -11.18
C ASP B 123 3.22 -29.36 -11.35
N LYS B 124 3.58 -29.81 -12.55
CA LYS B 124 4.00 -31.20 -12.86
C LYS B 124 5.43 -31.13 -13.39
N PHE B 125 6.34 -31.76 -12.67
CA PHE B 125 7.80 -31.77 -12.99
C PHE B 125 8.15 -33.11 -13.62
N THR B 126 9.08 -33.07 -14.54
CA THR B 126 9.75 -34.26 -15.10
C THR B 126 11.25 -34.01 -15.08
N THR B 127 12.05 -35.00 -15.48
CA THR B 127 13.54 -34.94 -15.42
C THR B 127 14.06 -35.30 -16.80
N ILE B 128 14.77 -34.38 -17.45
CA ILE B 128 15.40 -34.57 -18.79
C ILE B 128 16.90 -34.38 -18.63
N ASP B 129 17.68 -35.41 -18.96
CA ASP B 129 19.18 -35.39 -18.87
C ASP B 129 19.57 -34.98 -17.44
N GLY B 130 18.82 -35.46 -16.45
CA GLY B 130 19.16 -35.28 -15.03
C GLY B 130 18.70 -33.95 -14.47
N LYS B 131 18.06 -33.09 -15.26
CA LYS B 131 17.61 -31.74 -14.83
C LYS B 131 16.10 -31.64 -14.79
N LEU B 132 15.62 -30.82 -13.87
CA LEU B 132 14.17 -30.65 -13.62
C LEU B 132 13.61 -29.80 -14.76
N ARG B 133 12.48 -30.19 -15.36
CA ARG B 133 11.67 -29.32 -16.26
C ARG B 133 10.21 -29.35 -15.88
N LEU B 134 9.48 -28.28 -16.20
CA LEU B 134 8.02 -28.20 -16.06
C LEU B 134 7.37 -28.85 -17.27
N GLN B 135 6.66 -29.95 -17.03
CA GLN B 135 5.64 -30.49 -17.97
C GLN B 135 4.41 -29.57 -17.89
N GLU B 136 4.09 -29.07 -16.69
CA GLU B 136 2.91 -28.21 -16.48
C GLU B 136 3.19 -27.23 -15.33
N ARG B 137 2.80 -25.98 -15.55
CA ARG B 137 2.73 -24.95 -14.49
C ARG B 137 1.45 -24.13 -14.67
N ILE B 138 0.59 -24.14 -13.66
CA ILE B 138 -0.64 -23.32 -13.62
C ILE B 138 -0.47 -22.28 -12.52
N ALA B 139 -0.30 -21.04 -12.89
CA ALA B 139 -0.21 -19.92 -11.93
C ALA B 139 -1.64 -19.61 -11.47
N VAL B 140 -2.07 -20.20 -10.36
CA VAL B 140 -3.44 -19.94 -9.86
C VAL B 140 -3.39 -18.71 -8.99
N CYS B 141 -3.85 -17.57 -9.51
CA CYS B 141 -3.82 -16.27 -8.80
C CYS B 141 -4.94 -16.20 -7.76
N ASP B 142 -4.64 -15.61 -6.60
CA ASP B 142 -5.59 -15.40 -5.48
C ASP B 142 -6.68 -14.38 -5.87
N SER B 143 -6.31 -13.40 -6.70
CA SER B 143 -7.21 -12.29 -7.13
C SER B 143 -7.71 -12.55 -8.54
N THR B 144 -9.00 -12.27 -8.77
CA THR B 144 -9.64 -12.17 -10.10
C THR B 144 -9.17 -10.89 -10.82
N VAL B 145 -8.48 -9.97 -10.13
CA VAL B 145 -8.11 -8.64 -10.70
C VAL B 145 -6.62 -8.58 -11.05
N THR B 146 -6.35 -8.13 -12.26
CA THR B 146 -5.05 -7.72 -12.82
C THR B 146 -5.06 -6.20 -12.99
N ASP B 147 -4.06 -5.51 -12.44
CA ASP B 147 -4.02 -4.03 -12.50
C ASP B 147 -3.44 -3.63 -13.86
N THR B 148 -4.23 -2.91 -14.66
CA THR B 148 -3.86 -2.29 -15.96
C THR B 148 -3.73 -3.35 -17.05
N LEU B 149 -2.74 -4.22 -16.94
CA LEU B 149 -2.49 -5.25 -17.96
C LEU B 149 -1.47 -6.22 -17.41
N MET B 150 -1.27 -7.33 -18.12
CA MET B 150 -0.20 -8.32 -17.83
C MET B 150 0.65 -8.45 -19.10
N ALA B 151 1.88 -7.98 -19.02
CA ALA B 151 2.86 -8.07 -20.10
C ALA B 151 3.72 -9.28 -19.83
N LEU B 152 4.32 -9.37 -18.65
CA LEU B 152 5.29 -10.46 -18.39
C LEU B 152 4.57 -11.63 -17.74
N PRO B 153 4.93 -12.88 -18.08
CA PRO B 153 4.28 -14.04 -17.48
C PRO B 153 4.71 -14.22 -16.02
N LEU B 154 3.91 -14.96 -15.25
CA LEU B 154 4.19 -15.21 -13.81
C LEU B 154 5.06 -16.46 -13.65
N MET C 1 32.88 -26.52 0.25
CA MET C 1 32.17 -25.50 -0.53
C MET C 1 31.23 -24.76 0.41
N ILE C 2 31.22 -23.42 0.34
CA ILE C 2 30.11 -22.56 0.84
C ILE C 2 28.89 -22.86 -0.04
N ASN C 3 27.72 -23.07 0.56
CA ASN C 3 26.48 -23.41 -0.19
C ASN C 3 25.32 -22.43 0.11
N GLU C 4 24.20 -22.66 -0.57
CA GLU C 4 22.99 -21.81 -0.55
C GLU C 4 22.37 -21.84 0.85
N ILE C 5 22.45 -22.95 1.57
CA ILE C 5 21.86 -23.10 2.94
C ILE C 5 22.64 -22.19 3.91
N GLN C 6 23.98 -22.21 3.82
CA GLN C 6 24.84 -21.44 4.76
C GLN C 6 24.61 -19.95 4.52
N ILE C 7 24.42 -19.55 3.25
CA ILE C 7 24.22 -18.12 2.91
C ILE C 7 22.84 -17.69 3.40
N ALA C 8 21.84 -18.53 3.15
CA ALA C 8 20.45 -18.31 3.58
C ALA C 8 20.42 -18.08 5.10
N ALA C 9 21.14 -18.89 5.87
CA ALA C 9 21.16 -18.80 7.34
C ALA C 9 21.83 -17.48 7.73
N PHE C 10 22.96 -17.16 7.12
CA PHE C 10 23.67 -15.87 7.31
C PHE C 10 22.69 -14.71 7.04
N ASN C 11 21.96 -14.79 5.93
CA ASN C 11 21.02 -13.73 5.47
C ASN C 11 19.91 -13.55 6.49
N ALA C 12 19.38 -14.64 7.05
CA ALA C 12 18.29 -14.60 8.05
C ALA C 12 18.80 -13.94 9.34
N ALA C 13 20.05 -14.15 9.75
CA ALA C 13 20.63 -13.55 10.97
C ALA C 13 20.88 -12.06 10.73
N TYR C 14 21.42 -11.71 9.57
CA TYR C 14 21.57 -10.28 9.15
C TYR C 14 20.19 -9.61 9.27
N ALA C 15 19.18 -10.22 8.67
CA ALA C 15 17.81 -9.69 8.63
C ALA C 15 17.29 -9.47 10.05
N LYS C 16 17.40 -10.48 10.91
CA LYS C 16 16.92 -10.41 12.31
C LYS C 16 17.62 -9.28 13.03
N THR C 17 18.91 -9.13 12.82
CA THR C 17 19.69 -8.04 13.45
C THR C 17 19.09 -6.69 13.08
N VAL C 18 18.86 -6.46 11.80
CA VAL C 18 18.38 -5.13 11.30
C VAL C 18 16.92 -4.92 11.71
N ASP C 19 16.12 -5.98 11.64
CA ASP C 19 14.66 -5.93 11.87
C ASP C 19 14.37 -5.78 13.37
N SER C 20 15.28 -6.26 14.22
CA SER C 20 15.15 -6.21 15.70
C SER C 20 15.77 -4.92 16.24
N ASP C 21 16.27 -4.02 15.40
CA ASP C 21 16.87 -2.74 15.89
C ASP C 21 18.11 -3.02 16.75
N ALA C 22 18.74 -4.19 16.64
CA ALA C 22 20.03 -4.53 17.29
C ALA C 22 21.15 -3.98 16.40
N MET C 23 21.05 -2.71 16.05
CA MET C 23 21.82 -2.16 14.91
C MET C 23 23.32 -2.21 15.18
N GLU C 24 23.74 -2.26 16.45
CA GLU C 24 25.17 -2.23 16.84
C GLU C 24 25.84 -3.53 16.39
N GLN C 25 25.09 -4.61 16.22
CA GLN C 25 25.61 -5.92 15.73
C GLN C 25 25.73 -5.91 14.18
N TRP C 26 25.09 -4.97 13.48
CA TRP C 26 25.04 -4.93 11.99
C TRP C 26 26.45 -4.87 11.35
N PRO C 27 27.37 -3.99 11.76
CA PRO C 27 28.72 -3.99 11.19
C PRO C 27 29.50 -5.30 11.36
N THR C 28 29.14 -6.13 12.37
CA THR C 28 29.92 -7.35 12.68
C THR C 28 29.77 -8.34 11.53
N PHE C 29 28.79 -8.16 10.63
CA PHE C 29 28.50 -9.03 9.47
C PHE C 29 29.49 -8.77 8.32
N PHE C 30 30.34 -7.74 8.45
CA PHE C 30 31.22 -7.28 7.36
C PHE C 30 32.70 -7.43 7.75
N THR C 31 33.56 -7.52 6.74
CA THR C 31 35.02 -7.50 6.94
C THR C 31 35.45 -6.06 7.25
N LYS C 32 36.66 -5.89 7.76
CA LYS C 32 37.26 -4.59 8.11
C LYS C 32 37.26 -3.68 6.87
N ASP C 33 37.63 -4.23 5.72
CA ASP C 33 37.85 -3.51 4.43
C ASP C 33 36.71 -3.87 3.47
N CYS C 34 35.46 -3.87 3.95
CA CYS C 34 34.27 -4.26 3.17
C CYS C 34 33.76 -3.12 2.30
N HIS C 35 32.82 -3.41 1.41
CA HIS C 35 32.01 -2.40 0.70
C HIS C 35 30.53 -2.70 0.93
N TYR C 36 29.78 -1.68 1.35
CA TYR C 36 28.31 -1.71 1.46
C TYR C 36 27.73 -0.48 0.75
N ARG C 37 26.65 -0.67 0.02
CA ARG C 37 26.05 0.36 -0.85
C ARG C 37 24.57 0.06 -0.99
N VAL C 38 23.72 1.07 -0.85
CA VAL C 38 22.28 1.00 -1.23
C VAL C 38 22.16 1.83 -2.50
N THR C 39 21.72 1.23 -3.59
CA THR C 39 21.56 1.90 -4.88
C THR C 39 20.28 1.36 -5.52
N ASN C 40 20.13 1.59 -6.82
CA ASN C 40 18.93 1.15 -7.54
C ASN C 40 19.36 0.60 -8.88
N VAL C 41 18.42 -0.04 -9.56
CA VAL C 41 18.75 -0.78 -10.80
C VAL C 41 19.09 0.23 -11.90
N ASP C 42 18.58 1.46 -11.88
CA ASP C 42 18.94 2.49 -12.89
C ASP C 42 20.43 2.80 -12.75
N ASN C 43 20.88 3.13 -11.54
CA ASN C 43 22.29 3.48 -11.29
C ASN C 43 23.14 2.26 -11.64
N HIS C 44 22.71 1.08 -11.22
CA HIS C 44 23.50 -0.17 -11.41
C HIS C 44 23.63 -0.47 -12.90
N ALA C 45 22.57 -0.26 -13.67
CA ALA C 45 22.53 -0.51 -15.15
C ALA C 45 23.46 0.46 -15.88
N GLU C 46 23.38 1.77 -15.61
CA GLU C 46 24.44 2.71 -16.06
C GLU C 46 25.54 2.22 -15.13
N GLY C 47 26.75 2.70 -15.08
CA GLY C 47 27.58 2.11 -13.99
C GLY C 47 27.80 3.14 -12.93
N LEU C 48 26.77 3.85 -12.46
CA LEU C 48 26.89 4.98 -11.50
C LEU C 48 27.16 4.43 -10.09
N ALA C 49 28.14 5.02 -9.39
CA ALA C 49 28.78 4.40 -8.22
C ALA C 49 28.15 4.87 -6.90
N ALA C 50 27.43 5.98 -6.88
CA ALA C 50 26.86 6.58 -5.64
C ALA C 50 25.84 5.66 -4.98
N GLY C 51 25.77 5.75 -3.66
CA GLY C 51 24.77 5.09 -2.83
C GLY C 51 24.10 6.07 -1.90
N ILE C 52 22.88 5.73 -1.49
CA ILE C 52 22.13 6.35 -0.37
C ILE C 52 22.97 6.14 0.88
N VAL C 53 23.52 4.94 0.97
CA VAL C 53 24.61 4.55 1.89
C VAL C 53 25.76 4.05 1.03
N TRP C 54 26.99 4.47 1.38
CA TRP C 54 28.27 4.11 0.70
C TRP C 54 29.32 3.96 1.75
N ALA C 55 29.87 2.77 1.91
CA ALA C 55 30.87 2.48 2.96
C ALA C 55 31.94 1.57 2.37
N ASP C 56 33.22 1.88 2.65
CA ASP C 56 34.36 1.03 2.22
C ASP C 56 35.19 0.60 3.44
N SER C 57 34.62 0.64 4.64
CA SER C 57 35.20 0.08 5.87
C SER C 57 34.09 -0.29 6.86
N GLN C 58 34.36 -1.26 7.71
CA GLN C 58 33.42 -1.63 8.79
C GLN C 58 33.26 -0.43 9.72
N ASP C 59 34.31 0.37 9.89
CA ASP C 59 34.27 1.52 10.83
C ASP C 59 33.21 2.53 10.35
N MET C 60 33.08 2.73 9.03
CA MET C 60 32.07 3.65 8.46
C MET C 60 30.67 3.18 8.83
N LEU C 61 30.46 1.86 8.82
CA LEU C 61 29.17 1.23 9.18
C LEU C 61 28.91 1.58 10.65
N THR C 62 29.94 1.45 11.50
CA THR C 62 29.83 1.68 12.96
C THR C 62 29.40 3.13 13.18
N ASP C 63 30.04 4.08 12.47
CA ASP C 63 29.74 5.53 12.61
C ASP C 63 28.30 5.82 12.16
N ARG C 64 27.83 5.14 11.11
CA ARG C 64 26.46 5.37 10.57
C ARG C 64 25.47 5.04 11.68
N ILE C 65 25.74 3.98 12.41
CA ILE C 65 24.84 3.54 13.52
C ILE C 65 25.00 4.45 14.74
N SER C 66 26.23 4.88 15.09
CA SER C 66 26.42 5.92 16.13
C SER C 66 25.52 7.11 15.79
N ALA C 67 25.58 7.64 14.57
CA ALA C 67 24.81 8.83 14.13
C ALA C 67 23.30 8.57 14.20
N LEU C 68 22.87 7.35 13.91
CA LEU C 68 21.45 6.96 13.99
C LEU C 68 20.96 7.12 15.43
N ARG C 69 21.77 6.68 16.39
CA ARG C 69 21.48 6.73 17.86
C ARG C 69 21.59 8.18 18.35
N GLU C 70 22.74 8.82 18.11
CA GLU C 70 23.20 10.06 18.79
C GLU C 70 22.59 11.29 18.13
N ALA C 71 22.41 11.27 16.80
CA ALA C 71 22.19 12.46 15.97
C ALA C 71 20.82 12.40 15.28
N ASN C 72 20.62 11.41 14.41
CA ASN C 72 19.49 11.41 13.44
C ASN C 72 18.16 11.39 14.20
N ILE C 73 17.23 12.23 13.74
CA ILE C 73 15.81 12.31 14.20
C ILE C 73 14.91 11.68 13.14
N TYR C 74 14.03 10.74 13.52
CA TYR C 74 13.10 10.09 12.56
C TYR C 74 11.96 9.47 13.35
N GLU C 75 10.80 9.34 12.73
CA GLU C 75 9.59 8.75 13.36
C GLU C 75 9.81 7.23 13.50
N ARG C 76 9.44 6.69 14.67
CA ARG C 76 9.66 5.26 14.99
C ARG C 76 9.06 4.37 13.89
N HIS C 77 9.82 3.37 13.49
CA HIS C 77 9.40 2.33 12.54
C HIS C 77 10.37 1.16 12.62
N ARG C 78 9.94 0.04 12.07
CA ARG C 78 10.77 -1.17 12.00
C ARG C 78 10.66 -1.69 10.58
N TYR C 79 11.57 -2.58 10.24
CA TYR C 79 11.66 -3.29 8.96
C TYR C 79 11.25 -4.73 9.22
N ARG C 80 10.67 -5.36 8.22
CA ARG C 80 10.45 -6.82 8.15
C ARG C 80 11.01 -7.26 6.80
N HIS C 81 12.16 -7.93 6.85
CA HIS C 81 12.90 -8.52 5.71
C HIS C 81 12.22 -9.85 5.33
N ILE C 82 11.82 -10.00 4.08
CA ILE C 82 11.47 -11.31 3.44
C ILE C 82 12.49 -11.57 2.34
N LEU C 83 13.24 -12.66 2.42
CA LEU C 83 14.41 -12.95 1.55
C LEU C 83 14.10 -14.14 0.67
N GLY C 84 14.70 -14.18 -0.52
CA GLY C 84 14.64 -15.36 -1.40
C GLY C 84 15.82 -16.27 -1.16
N LEU C 85 15.91 -17.31 -1.98
CA LEU C 85 17.04 -18.26 -2.03
C LEU C 85 18.23 -17.57 -2.67
N PRO C 86 19.42 -17.70 -2.07
CA PRO C 86 20.64 -17.23 -2.69
C PRO C 86 20.92 -18.08 -3.94
N SER C 87 21.48 -17.42 -4.94
CA SER C 87 22.00 -18.04 -6.17
C SER C 87 23.50 -17.70 -6.27
N ILE C 88 24.33 -18.75 -6.20
CA ILE C 88 25.81 -18.65 -6.12
C ILE C 88 26.33 -18.61 -7.55
N GLN C 89 27.10 -17.56 -7.88
CA GLN C 89 27.70 -17.32 -9.22
C GLN C 89 29.05 -18.04 -9.32
N SER C 90 29.88 -17.94 -8.29
CA SER C 90 31.21 -18.62 -8.18
C SER C 90 31.52 -18.83 -6.70
N GLY C 91 32.39 -19.78 -6.37
CA GLY C 91 32.89 -19.92 -4.99
C GLY C 91 33.63 -21.21 -4.78
N ASP C 92 34.54 -21.18 -3.81
CA ASP C 92 35.41 -22.31 -3.38
C ASP C 92 35.01 -22.62 -1.93
N ALA C 93 35.93 -23.11 -1.10
CA ALA C 93 35.60 -23.49 0.29
C ALA C 93 35.50 -22.26 1.19
N THR C 94 36.01 -21.10 0.76
CA THR C 94 36.30 -19.92 1.62
C THR C 94 35.68 -18.63 1.05
N GLN C 95 35.70 -18.42 -0.28
CA GLN C 95 35.04 -17.26 -0.96
C GLN C 95 33.75 -17.74 -1.64
N ALA C 96 32.85 -16.80 -1.94
CA ALA C 96 31.68 -17.02 -2.80
C ALA C 96 31.09 -15.68 -3.22
N SER C 97 30.63 -15.60 -4.46
CA SER C 97 29.82 -14.48 -4.99
C SER C 97 28.37 -14.97 -5.16
N ALA C 98 27.38 -14.19 -4.72
CA ALA C 98 25.98 -14.66 -4.76
C ALA C 98 25.04 -13.46 -4.84
N SER C 99 23.85 -13.73 -5.34
CA SER C 99 22.72 -12.76 -5.40
C SER C 99 21.54 -13.35 -4.63
N THR C 100 20.96 -12.54 -3.76
CA THR C 100 19.82 -12.89 -2.90
C THR C 100 18.71 -11.86 -3.14
N PRO C 101 17.54 -12.28 -3.62
CA PRO C 101 16.36 -11.41 -3.66
C PRO C 101 15.93 -11.01 -2.25
N PHE C 102 15.38 -9.80 -2.12
CA PHE C 102 14.86 -9.28 -0.84
C PHE C 102 13.60 -8.46 -1.08
N MET C 103 12.77 -8.41 -0.06
CA MET C 103 11.65 -7.47 0.09
C MET C 103 11.71 -6.93 1.52
N VAL C 104 11.59 -5.63 1.69
CA VAL C 104 11.60 -4.98 3.02
C VAL C 104 10.26 -4.27 3.22
N LEU C 105 9.47 -4.74 4.17
CA LEU C 105 8.29 -3.99 4.64
C LEU C 105 8.78 -2.95 5.65
N ARG C 106 8.17 -1.78 5.64
CA ARG C 106 8.30 -0.80 6.71
C ARG C 106 6.98 -0.74 7.48
N ILE C 107 7.03 -0.96 8.80
CA ILE C 107 5.88 -0.79 9.72
C ILE C 107 6.14 0.42 10.63
N MET C 108 5.35 1.49 10.42
CA MET C 108 5.39 2.68 11.31
C MET C 108 4.82 2.28 12.69
N HIS C 109 5.29 2.90 13.77
CA HIS C 109 4.72 2.81 15.14
C HIS C 109 3.20 3.09 15.09
N THR C 110 2.73 3.93 14.14
CA THR C 110 1.28 4.24 13.98
C THR C 110 0.55 3.11 13.25
N GLY C 111 1.26 2.10 12.74
CA GLY C 111 0.65 0.82 12.31
C GLY C 111 0.63 0.58 10.81
N GLU C 112 0.86 1.60 10.01
CA GLU C 112 0.86 1.50 8.52
C GLU C 112 2.01 0.59 8.09
N THR C 113 1.68 -0.38 7.24
CA THR C 113 2.63 -1.39 6.68
C THR C 113 2.74 -1.17 5.17
N GLU C 114 3.95 -0.97 4.63
CA GLU C 114 4.17 -0.66 3.19
C GLU C 114 5.38 -1.46 2.72
N VAL C 115 5.38 -1.85 1.46
CA VAL C 115 6.59 -2.38 0.80
C VAL C 115 7.51 -1.18 0.62
N PHE C 116 8.59 -1.13 1.36
CA PHE C 116 9.48 0.04 1.49
C PHE C 116 10.61 -0.08 0.48
N ALA C 117 11.07 -1.31 0.22
CA ALA C 117 12.11 -1.58 -0.80
C ALA C 117 12.03 -3.05 -1.21
N SER C 118 12.54 -3.35 -2.40
CA SER C 118 12.71 -4.74 -2.91
C SER C 118 13.91 -4.71 -3.86
N GLY C 119 14.56 -5.84 -4.09
CA GLY C 119 15.66 -5.89 -5.05
C GLY C 119 16.48 -7.14 -4.85
N GLU C 120 17.79 -7.05 -5.00
CA GLU C 120 18.70 -8.15 -4.68
C GLU C 120 19.97 -7.58 -4.06
N TYR C 121 20.50 -8.37 -3.16
CA TYR C 121 21.84 -8.22 -2.59
C TYR C 121 22.82 -8.89 -3.55
N LEU C 122 23.70 -8.10 -4.15
CA LEU C 122 24.90 -8.60 -4.88
C LEU C 122 26.02 -8.69 -3.84
N ASP C 123 26.39 -9.90 -3.45
CA ASP C 123 27.29 -10.17 -2.29
C ASP C 123 28.59 -10.83 -2.76
N LYS C 124 29.65 -10.54 -2.00
CA LYS C 124 30.94 -11.27 -2.00
C LYS C 124 31.17 -11.70 -0.57
N PHE C 125 31.25 -13.01 -0.37
CA PHE C 125 31.42 -13.63 0.97
C PHE C 125 32.86 -14.12 1.11
N THR C 126 33.40 -13.96 2.29
CA THR C 126 34.67 -14.58 2.72
C THR C 126 34.42 -15.32 4.03
N THR C 127 35.46 -15.99 4.53
CA THR C 127 35.38 -16.86 5.72
C THR C 127 36.49 -16.42 6.67
N ILE C 128 36.08 -15.96 7.85
CA ILE C 128 36.95 -15.42 8.92
C ILE C 128 36.71 -16.27 10.16
N ASP C 129 37.75 -16.95 10.64
CA ASP C 129 37.68 -17.84 11.83
C ASP C 129 36.53 -18.84 11.62
N GLY C 130 36.35 -19.33 10.39
CA GLY C 130 35.39 -20.40 10.04
C GLY C 130 33.95 -19.93 10.01
N LYS C 131 33.71 -18.61 9.99
CA LYS C 131 32.36 -18.00 9.84
C LYS C 131 32.29 -17.20 8.54
N LEU C 132 31.10 -17.14 7.96
CA LEU C 132 30.77 -16.32 6.77
C LEU C 132 30.82 -14.84 7.16
N ARG C 133 31.49 -14.00 6.38
CA ARG C 133 31.40 -12.52 6.47
C ARG C 133 31.21 -11.92 5.08
N LEU C 134 30.56 -10.77 5.00
CA LEU C 134 30.44 -9.98 3.75
C LEU C 134 31.71 -9.14 3.57
N GLN C 135 32.44 -9.45 2.50
CA GLN C 135 33.46 -8.56 1.90
C GLN C 135 32.72 -7.43 1.17
N GLU C 136 31.56 -7.73 0.57
CA GLU C 136 30.79 -6.75 -0.22
C GLU C 136 29.32 -7.13 -0.24
N ARG C 137 28.46 -6.14 -0.01
CA ARG C 137 26.99 -6.24 -0.19
C ARG C 137 26.49 -4.96 -0.88
N ILE C 138 25.90 -5.12 -2.05
CA ILE C 138 25.23 -4.02 -2.81
C ILE C 138 23.73 -4.31 -2.82
N ALA C 139 22.96 -3.54 -2.09
CA ALA C 139 21.50 -3.66 -2.06
C ALA C 139 20.97 -2.95 -3.30
N VAL C 140 20.78 -3.67 -4.39
CA VAL C 140 20.29 -3.04 -5.65
C VAL C 140 18.76 -3.02 -5.57
N CYS C 141 18.19 -1.84 -5.29
CA CYS C 141 16.74 -1.65 -5.15
C CYS C 141 16.06 -1.58 -6.51
N ASP C 142 14.86 -2.17 -6.60
CA ASP C 142 14.03 -2.19 -7.82
C ASP C 142 13.46 -0.79 -8.12
N SER C 143 13.20 0.01 -7.11
CA SER C 143 12.58 1.35 -7.26
C SER C 143 13.66 2.44 -7.10
N THR C 144 13.56 3.51 -7.90
CA THR C 144 14.33 4.77 -7.72
C THR C 144 13.75 5.58 -6.55
N VAL C 145 12.60 5.17 -6.00
CA VAL C 145 11.86 5.94 -4.97
C VAL C 145 12.04 5.29 -3.60
N THR C 146 12.43 6.12 -2.63
CA THR C 146 12.43 5.88 -1.17
C THR C 146 11.32 6.74 -0.55
N ASP C 147 10.45 6.12 0.25
CA ASP C 147 9.32 6.85 0.87
C ASP C 147 9.81 7.57 2.12
N THR C 148 9.73 8.90 2.11
CA THR C 148 10.03 9.83 3.23
C THR C 148 11.55 9.95 3.44
N LEU C 149 12.21 8.87 3.84
CA LEU C 149 13.65 8.86 4.14
C LEU C 149 14.07 7.40 4.39
N MET C 150 15.38 7.17 4.49
CA MET C 150 15.96 5.86 4.85
C MET C 150 16.83 6.03 6.09
N ALA C 151 16.37 5.50 7.22
CA ALA C 151 17.07 5.61 8.52
C ALA C 151 17.90 4.35 8.70
N LEU C 152 17.29 3.20 8.58
CA LEU C 152 17.97 1.90 8.80
C LEU C 152 18.46 1.40 7.45
N PRO C 153 19.67 0.82 7.41
CA PRO C 153 20.20 0.19 6.22
C PRO C 153 19.44 -1.11 5.86
N LEU C 154 19.53 -1.50 4.59
CA LEU C 154 18.83 -2.65 4.02
C LEU C 154 19.72 -3.90 4.18
N SER D 6 -28.39 19.45 -1.95
CA SER D 6 -27.97 19.13 -0.55
C SER D 6 -28.45 17.73 -0.17
N ILE D 7 -27.48 16.86 0.10
CA ILE D 7 -27.68 15.43 0.52
C ILE D 7 -27.71 15.35 2.06
N ILE D 8 -27.53 16.49 2.77
CA ILE D 8 -27.53 16.64 4.27
C ILE D 8 -28.77 17.44 4.72
N GLN D 9 -29.80 17.44 3.87
CA GLN D 9 -31.15 17.98 4.15
C GLN D 9 -31.90 16.97 4.99
N TRP D 10 -32.15 17.28 6.25
CA TRP D 10 -33.00 16.47 7.16
C TRP D 10 -34.48 16.55 6.71
N HIS D 11 -35.17 15.41 6.70
CA HIS D 11 -36.58 15.31 6.20
C HIS D 11 -37.50 16.13 7.14
N GLY D 12 -37.40 15.93 8.46
CA GLY D 12 -38.13 16.69 9.48
C GLY D 12 -37.35 16.80 10.79
N ALA D 13 -38.03 17.07 11.91
CA ALA D 13 -37.42 17.38 13.22
C ALA D 13 -37.24 16.11 14.06
N THR D 14 -37.44 14.94 13.48
CA THR D 14 -37.94 13.73 14.20
C THR D 14 -36.80 12.72 14.49
N ASN D 15 -35.86 12.51 13.56
CA ASN D 15 -34.73 11.53 13.63
C ASN D 15 -35.15 10.09 13.29
N THR D 16 -36.35 9.87 12.75
CA THR D 16 -36.74 8.56 12.17
C THR D 16 -36.14 8.42 10.76
N ARG D 17 -35.57 9.50 10.23
CA ARG D 17 -35.00 9.58 8.87
C ARG D 17 -33.64 10.30 8.91
N VAL D 18 -32.59 9.63 8.49
CA VAL D 18 -31.21 10.18 8.43
C VAL D 18 -30.80 10.27 6.96
N PRO D 19 -30.40 11.46 6.47
CA PRO D 19 -29.94 11.57 5.09
C PRO D 19 -28.60 10.82 4.92
N PHE D 20 -28.55 9.86 3.98
CA PHE D 20 -27.36 9.02 3.73
C PHE D 20 -26.15 9.88 3.33
N GLY D 21 -26.38 11.11 2.88
CA GLY D 21 -25.31 12.05 2.53
C GLY D 21 -24.49 12.43 3.75
N ILE D 22 -25.05 12.26 4.95
CA ILE D 22 -24.37 12.66 6.21
C ILE D 22 -23.06 11.87 6.35
N TYR D 23 -22.96 10.72 5.68
CA TYR D 23 -21.84 9.75 5.76
C TYR D 23 -20.79 9.95 4.66
N THR D 24 -20.95 10.98 3.84
CA THR D 24 -20.34 11.18 2.50
C THR D 24 -19.89 12.64 2.32
N ASP D 25 -20.63 13.62 2.82
CA ASP D 25 -20.35 15.05 2.55
C ASP D 25 -19.09 15.46 3.31
N THR D 26 -18.03 15.87 2.59
CA THR D 26 -16.70 16.16 3.19
C THR D 26 -16.74 17.53 3.87
N ALA D 27 -17.52 18.48 3.35
CA ALA D 27 -17.72 19.82 3.95
C ALA D 27 -18.36 19.62 5.34
N ASN D 28 -19.31 18.69 5.42
CA ASN D 28 -20.08 18.41 6.65
C ASN D 28 -19.12 17.81 7.65
N ALA D 29 -18.17 16.99 7.20
CA ALA D 29 -17.14 16.37 8.09
C ALA D 29 -16.27 17.46 8.71
N ASP D 30 -15.89 18.46 7.91
CA ASP D 30 -15.01 19.55 8.42
C ASP D 30 -15.81 20.31 9.49
N GLN D 31 -17.12 20.49 9.30
CA GLN D 31 -18.00 21.11 10.31
C GLN D 31 -18.00 20.25 11.58
N GLU D 32 -18.03 18.93 11.45
CA GLU D 32 -17.98 18.00 12.61
C GLU D 32 -16.70 18.28 13.42
N GLN D 33 -15.59 18.55 12.74
CA GLN D 33 -14.32 18.88 13.44
C GLN D 33 -14.52 20.16 14.26
N GLN D 34 -15.04 21.25 13.66
CA GLN D 34 -15.06 22.54 14.40
C GLN D 34 -16.24 22.56 15.35
N ARG D 35 -17.36 21.89 15.06
CA ARG D 35 -18.58 21.97 15.92
C ARG D 35 -18.70 20.82 16.94
N ILE D 36 -18.18 19.63 16.67
CA ILE D 36 -18.26 18.46 17.60
C ILE D 36 -16.92 18.33 18.32
N TYR D 37 -15.89 17.85 17.64
CA TYR D 37 -14.65 17.40 18.32
C TYR D 37 -13.99 18.59 19.07
N ARG D 38 -13.94 19.78 18.46
CA ARG D 38 -13.41 21.02 19.10
C ARG D 38 -14.58 21.90 19.58
N GLY D 39 -15.77 21.33 19.76
CA GLY D 39 -16.94 22.04 20.31
C GLY D 39 -17.26 21.58 21.73
N GLU D 40 -18.53 21.65 22.11
CA GLU D 40 -18.97 21.42 23.51
C GLU D 40 -19.09 19.92 23.74
N VAL D 41 -17.97 19.19 23.69
CA VAL D 41 -17.95 17.72 23.98
C VAL D 41 -16.73 17.40 24.85
N TRP D 42 -16.76 16.21 25.43
CA TRP D 42 -15.59 15.59 26.10
C TRP D 42 -15.07 14.42 25.24
N ASN D 43 -13.84 14.55 24.77
CA ASN D 43 -13.11 13.54 23.95
C ASN D 43 -12.33 12.60 24.88
N TYR D 44 -12.51 11.28 24.81
CA TYR D 44 -11.71 10.34 25.64
C TYR D 44 -10.26 10.31 25.15
N LEU D 45 -9.32 10.44 26.06
CA LEU D 45 -7.86 10.53 25.79
C LEU D 45 -7.13 9.23 26.18
N CYS D 46 -7.29 8.75 27.42
CA CYS D 46 -6.55 7.56 27.94
C CYS D 46 -6.99 7.26 29.38
N LEU D 47 -6.45 6.21 29.99
CA LEU D 47 -6.65 5.92 31.44
C LEU D 47 -5.55 6.61 32.24
N GLU D 48 -5.90 7.09 33.42
CA GLU D 48 -4.95 7.76 34.35
C GLU D 48 -3.88 6.72 34.70
N SER D 49 -4.23 5.45 34.77
CA SER D 49 -3.29 4.36 35.15
C SER D 49 -2.28 4.10 34.03
N GLU D 50 -2.56 4.55 32.80
CA GLU D 50 -1.61 4.49 31.66
C GLU D 50 -0.55 5.61 31.77
N ILE D 51 -0.76 6.65 32.58
CA ILE D 51 0.28 7.69 32.82
C ILE D 51 0.39 7.90 34.32
N PRO D 52 0.83 6.88 35.07
CA PRO D 52 0.79 6.91 36.54
C PRO D 52 1.71 7.96 37.20
N GLY D 53 2.96 8.08 36.70
CA GLY D 53 4.06 8.85 37.29
C GLY D 53 4.28 10.18 36.58
N ALA D 54 4.97 11.12 37.23
CA ALA D 54 5.21 12.50 36.74
C ALA D 54 6.10 12.43 35.49
N GLY D 55 5.66 13.12 34.42
CA GLY D 55 6.33 13.09 33.12
C GLY D 55 5.76 12.03 32.17
N ASP D 56 5.06 10.99 32.68
CA ASP D 56 4.43 9.94 31.86
C ASP D 56 3.44 10.65 30.93
N PHE D 57 3.61 10.45 29.61
CA PHE D 57 2.71 11.05 28.59
C PHE D 57 2.33 9.99 27.56
N ARG D 58 1.25 10.28 26.84
CA ARG D 58 0.78 9.55 25.64
C ARG D 58 0.39 10.60 24.61
N THR D 59 0.34 10.22 23.32
CA THR D 59 -0.25 11.02 22.23
C THR D 59 -1.48 10.31 21.66
N THR D 60 -2.52 11.06 21.32
CA THR D 60 -3.73 10.57 20.61
C THR D 60 -4.35 11.74 19.88
N PHE D 61 -5.67 11.75 19.80
CA PHE D 61 -6.45 12.58 18.87
C PHE D 61 -7.74 12.96 19.59
N ALA D 62 -8.17 14.17 19.27
CA ALA D 62 -9.55 14.64 19.45
C ALA D 62 -10.05 15.03 18.06
N GLY D 63 -10.87 14.16 17.47
CA GLY D 63 -11.17 14.18 16.03
C GLY D 63 -9.87 14.09 15.24
N GLU D 64 -9.70 15.01 14.29
CA GLU D 64 -8.51 15.09 13.40
C GLU D 64 -7.29 15.57 14.20
N THR D 65 -7.50 16.22 15.34
CA THR D 65 -6.48 17.08 16.01
C THR D 65 -5.63 16.25 16.96
N PRO D 66 -4.31 16.18 16.73
CA PRO D 66 -3.44 15.40 17.60
C PRO D 66 -3.30 16.09 18.96
N ILE D 67 -3.12 15.27 20.00
CA ILE D 67 -3.21 15.68 21.43
C ILE D 67 -2.06 15.03 22.19
N VAL D 68 -1.42 15.78 23.08
CA VAL D 68 -0.53 15.23 24.15
C VAL D 68 -1.28 15.25 25.46
N VAL D 69 -1.21 14.16 26.21
CA VAL D 69 -1.78 14.06 27.57
C VAL D 69 -0.65 13.59 28.49
N VAL D 70 -0.47 14.26 29.64
CA VAL D 70 0.73 14.10 30.50
C VAL D 70 0.43 14.37 31.97
N ARG D 71 1.05 13.57 32.84
CA ARG D 71 1.07 13.72 34.30
C ARG D 71 2.16 14.72 34.69
N ASP D 72 1.88 15.65 35.61
CA ASP D 72 2.90 16.58 36.17
C ASP D 72 3.23 16.16 37.62
N ALA D 73 4.24 16.81 38.23
CA ALA D 73 4.78 16.49 39.58
C ALA D 73 3.67 16.61 40.64
N ASP D 74 2.74 17.56 40.44
CA ASP D 74 1.55 17.82 41.32
C ASP D 74 0.58 16.62 41.29
N GLN D 75 0.84 15.60 40.48
CA GLN D 75 -0.01 14.40 40.28
C GLN D 75 -1.29 14.74 39.49
N GLU D 76 -1.39 15.95 38.94
CA GLU D 76 -2.53 16.33 38.07
C GLU D 76 -2.18 15.93 36.61
N ILE D 77 -3.20 15.85 35.74
CA ILE D 77 -3.03 15.48 34.31
C ILE D 77 -3.41 16.68 33.44
N TYR D 78 -2.57 17.01 32.47
CA TYR D 78 -2.76 18.11 31.51
C TYR D 78 -2.80 17.56 30.07
N ALA D 79 -3.38 18.34 29.17
CA ALA D 79 -3.49 17.97 27.74
C ALA D 79 -3.52 19.22 26.88
N PHE D 80 -2.79 19.17 25.79
CA PHE D 80 -2.66 20.28 24.82
C PHE D 80 -2.55 19.67 23.42
N GLU D 81 -2.97 20.46 22.44
CA GLU D 81 -2.82 20.22 20.99
C GLU D 81 -1.33 19.95 20.71
N ASN D 82 -1.04 18.88 19.96
CA ASN D 82 0.35 18.48 19.60
C ASN D 82 0.84 19.28 18.37
N ARG D 83 0.92 20.61 18.49
CA ARG D 83 1.26 21.54 17.37
C ARG D 83 2.22 22.62 17.88
N CYS D 84 3.42 22.67 17.34
CA CYS D 84 4.44 23.68 17.68
C CYS D 84 3.90 25.04 17.23
N ALA D 85 3.98 26.04 18.11
CA ALA D 85 3.36 27.37 17.92
C ALA D 85 4.20 28.17 16.94
N HIS D 86 5.37 27.66 16.57
CA HIS D 86 6.27 28.25 15.55
C HIS D 86 5.65 28.01 14.16
N ARG D 87 5.99 26.89 13.48
CA ARG D 87 5.56 26.60 12.09
C ARG D 87 4.66 25.36 11.99
N GLY D 88 4.20 24.80 13.11
CA GLY D 88 3.08 23.84 13.19
C GLY D 88 3.50 22.36 13.31
N ALA D 89 4.78 22.03 13.38
CA ALA D 89 5.26 20.63 13.51
C ALA D 89 4.66 19.94 14.74
N LEU D 90 4.38 18.63 14.65
CA LEU D 90 4.13 17.80 15.85
C LEU D 90 5.25 18.12 16.85
N ILE D 91 4.90 18.22 18.14
CA ILE D 91 5.87 18.42 19.25
C ILE D 91 6.37 17.06 19.73
N ALA D 92 5.46 16.21 20.19
CA ALA D 92 5.78 14.87 20.70
C ALA D 92 5.57 13.83 19.59
N LEU D 93 6.60 13.06 19.24
CA LEU D 93 6.58 12.13 18.08
C LEU D 93 6.28 10.71 18.51
N GLU D 94 6.15 10.46 19.80
CA GLU D 94 6.07 9.08 20.38
C GLU D 94 4.64 8.78 20.83
N LYS D 95 4.20 7.54 20.65
CA LYS D 95 2.91 6.98 21.18
C LYS D 95 2.83 7.31 22.68
N SER D 96 3.96 7.15 23.38
CA SER D 96 4.09 7.31 24.84
C SER D 96 5.56 7.44 25.25
N GLY D 97 5.81 7.92 26.47
CA GLY D 97 7.15 8.09 27.06
C GLY D 97 7.07 8.85 28.37
N ARG D 98 8.21 9.31 28.88
CA ARG D 98 8.27 10.11 30.12
C ARG D 98 9.27 11.23 29.87
N THR D 99 8.90 12.47 30.11
CA THR D 99 9.83 13.60 29.83
C THR D 99 9.69 14.69 30.90
N ASP D 100 10.75 15.47 31.12
CA ASP D 100 10.75 16.66 32.01
C ASP D 100 10.05 17.79 31.26
N SER D 101 10.41 18.02 30.02
CA SER D 101 9.68 18.95 29.12
C SER D 101 9.62 18.41 27.67
N PHE D 102 8.75 18.99 26.85
CA PHE D 102 8.60 18.63 25.42
C PHE D 102 9.44 19.60 24.60
N GLN D 103 9.93 19.12 23.48
CA GLN D 103 10.71 19.94 22.55
C GLN D 103 10.33 19.54 21.12
N CYS D 104 9.95 20.54 20.33
CA CYS D 104 9.81 20.44 18.86
C CYS D 104 11.21 20.19 18.25
N VAL D 105 11.34 19.13 17.48
CA VAL D 105 12.63 18.71 16.87
C VAL D 105 13.02 19.67 15.74
N TYR D 106 12.09 20.44 15.18
CA TYR D 106 12.36 21.24 13.94
C TYR D 106 13.32 22.38 14.30
N HIS D 107 12.96 23.22 15.26
CA HIS D 107 13.78 24.39 15.70
C HIS D 107 13.90 24.48 17.23
N ALA D 108 13.77 23.37 17.95
CA ALA D 108 14.13 23.23 19.37
C ALA D 108 13.42 24.30 20.21
N TRP D 109 12.14 24.56 19.96
CA TRP D 109 11.26 25.27 20.93
C TRP D 109 10.84 24.28 22.02
N SER D 110 10.95 24.72 23.27
CA SER D 110 10.66 23.95 24.50
C SER D 110 9.26 24.32 25.02
N TYR D 111 8.50 23.33 25.47
CA TYR D 111 7.15 23.47 26.10
C TYR D 111 7.20 22.72 27.45
N ASN D 112 6.57 23.29 28.49
CA ASN D 112 6.33 22.57 29.77
C ASN D 112 5.14 21.61 29.59
N ARG D 113 4.81 20.86 30.63
CA ARG D 113 3.77 19.79 30.58
C ARG D 113 2.37 20.41 30.55
N GLN D 114 2.22 21.72 30.64
CA GLN D 114 0.90 22.41 30.51
C GLN D 114 0.70 22.81 29.04
N GLY D 115 1.78 22.81 28.25
CA GLY D 115 1.75 23.25 26.84
C GLY D 115 2.15 24.72 26.67
N ASP D 116 2.83 25.30 27.66
CA ASP D 116 3.36 26.69 27.60
C ASP D 116 4.72 26.64 26.92
N LEU D 117 4.93 27.58 26.00
CA LEU D 117 6.25 27.84 25.38
C LEU D 117 7.21 28.38 26.45
N THR D 118 8.20 27.56 26.84
CA THR D 118 9.22 27.95 27.85
C THR D 118 10.54 28.33 27.19
N GLY D 119 10.70 28.15 25.89
CA GLY D 119 12.04 28.28 25.29
C GLY D 119 12.02 28.38 23.79
N VAL D 120 12.82 29.30 23.23
CA VAL D 120 12.93 29.52 21.77
C VAL D 120 14.41 29.53 21.39
N ALA D 121 14.86 28.52 20.65
CA ALA D 121 16.26 28.42 20.17
C ALA D 121 16.63 29.71 19.49
N PHE D 122 17.75 30.32 19.93
CA PHE D 122 18.35 31.55 19.36
C PHE D 122 17.37 32.72 19.43
N GLU D 123 16.49 32.79 20.44
CA GLU D 123 15.49 33.87 20.58
C GLU D 123 16.16 35.25 20.44
N LYS D 124 17.37 35.41 21.01
CA LYS D 124 18.06 36.72 21.18
C LYS D 124 19.24 36.78 20.19
N GLY D 125 19.12 36.10 19.07
CA GLY D 125 20.16 36.08 18.01
C GLY D 125 21.35 35.23 18.40
N VAL D 126 22.37 35.19 17.53
CA VAL D 126 23.74 34.64 17.78
C VAL D 126 24.75 35.73 17.42
N LYS D 127 25.54 36.18 18.40
CA LYS D 127 26.46 37.35 18.31
C LYS D 127 25.66 38.61 17.93
N GLY D 128 24.58 38.92 18.68
CA GLY D 128 23.71 40.09 18.47
C GLY D 128 23.20 40.21 17.03
N GLN D 129 23.15 39.09 16.30
CA GLN D 129 22.69 39.03 14.89
C GLN D 129 21.45 38.16 14.80
N GLY D 130 20.43 38.68 14.11
CA GLY D 130 19.10 38.04 13.96
C GLY D 130 18.45 37.80 15.32
N GLY D 131 17.65 36.73 15.41
CA GLY D 131 16.80 36.48 16.57
C GLY D 131 15.47 37.19 16.43
N MET D 132 14.65 37.13 17.46
CA MET D 132 13.26 37.63 17.39
C MET D 132 13.28 39.14 17.59
N PRO D 133 12.28 39.87 17.03
CA PRO D 133 12.16 41.30 17.25
C PRO D 133 11.83 41.54 18.74
N ALA D 134 12.13 42.74 19.23
CA ALA D 134 11.85 43.16 20.63
C ALA D 134 10.38 42.88 20.97
N SER D 135 9.47 43.07 20.00
CA SER D 135 7.99 42.92 20.15
C SER D 135 7.55 41.47 20.40
N PHE D 136 8.41 40.46 20.18
CA PHE D 136 8.03 39.02 20.28
C PHE D 136 8.11 38.59 21.74
N CYS D 137 7.06 37.91 22.18
CA CYS D 137 6.81 37.52 23.60
C CYS D 137 6.37 36.06 23.66
N LYS D 138 7.21 35.19 24.24
CA LYS D 138 6.97 33.71 24.36
C LYS D 138 5.54 33.40 24.81
N GLU D 139 5.02 34.13 25.78
CA GLU D 139 3.78 33.76 26.52
C GLU D 139 2.56 34.07 25.63
N GLU D 140 2.76 34.69 24.46
CA GLU D 140 1.67 35.03 23.50
C GLU D 140 1.50 33.89 22.45
N HIS D 141 2.40 32.90 22.45
CA HIS D 141 2.42 31.78 21.48
C HIS D 141 2.43 30.46 22.24
N GLY D 142 1.67 29.49 21.74
CA GLY D 142 1.43 28.20 22.41
C GLY D 142 0.35 27.41 21.67
N PRO D 143 0.41 26.05 21.70
CA PRO D 143 -0.71 25.23 21.23
C PRO D 143 -1.95 25.52 22.05
N ARG D 144 -3.14 25.34 21.49
CA ARG D 144 -4.40 25.29 22.28
C ARG D 144 -4.25 24.25 23.39
N LYS D 145 -4.48 24.64 24.63
CA LYS D 145 -4.58 23.72 25.78
C LYS D 145 -6.02 23.25 25.86
N LEU D 146 -6.22 22.06 26.42
CA LEU D 146 -7.54 21.45 26.61
C LEU D 146 -7.87 21.51 28.11
N ARG D 147 -9.15 21.73 28.41
CA ARG D 147 -9.76 21.41 29.71
C ARG D 147 -9.70 19.90 29.84
N VAL D 148 -9.18 19.42 30.96
CA VAL D 148 -9.08 17.98 31.30
C VAL D 148 -10.04 17.69 32.45
N ALA D 149 -10.66 16.53 32.36
CA ALA D 149 -11.54 15.97 33.40
C ALA D 149 -11.16 14.50 33.59
N VAL D 150 -11.18 14.02 34.81
CA VAL D 150 -10.94 12.59 35.12
C VAL D 150 -12.18 12.07 35.83
N PHE D 151 -12.78 10.96 35.38
CA PHE D 151 -13.97 10.35 36.02
C PHE D 151 -13.71 8.84 36.08
N CYS D 152 -13.58 8.27 37.28
CA CYS D 152 -13.23 6.84 37.51
C CYS D 152 -12.02 6.43 36.65
N GLY D 153 -11.04 7.34 36.54
CA GLY D 153 -9.76 7.07 35.86
C GLY D 153 -9.76 7.44 34.39
N LEU D 154 -10.95 7.56 33.79
CA LEU D 154 -11.11 7.91 32.38
C LEU D 154 -10.70 9.37 32.24
N VAL D 155 -9.68 9.67 31.42
CA VAL D 155 -9.19 11.05 31.15
C VAL D 155 -9.85 11.55 29.87
N PHE D 156 -10.58 12.66 29.95
CA PHE D 156 -11.31 13.29 28.84
C PHE D 156 -10.76 14.70 28.62
N GLY D 157 -10.81 15.19 27.38
CA GLY D 157 -10.34 16.57 27.06
C GLY D 157 -11.37 17.32 26.25
N SER D 158 -11.52 18.63 26.50
CA SER D 158 -12.38 19.53 25.70
C SER D 158 -11.59 20.77 25.29
N PHE D 159 -11.94 21.38 24.17
CA PHE D 159 -11.40 22.68 23.70
C PHE D 159 -12.25 23.83 24.24
N SER D 160 -13.43 23.55 24.80
CA SER D 160 -14.50 24.55 25.10
C SER D 160 -14.47 24.93 26.58
N GLU D 161 -14.32 26.23 26.90
CA GLU D 161 -14.47 26.77 28.27
C GLU D 161 -15.91 26.52 28.73
N ASP D 162 -16.88 26.57 27.79
CA ASP D 162 -18.34 26.65 28.06
C ASP D 162 -18.93 25.25 28.28
N VAL D 163 -18.22 24.19 27.92
CA VAL D 163 -18.73 22.79 28.08
C VAL D 163 -19.01 22.58 29.57
N PRO D 164 -20.11 21.92 29.95
CA PRO D 164 -20.36 21.52 31.33
C PRO D 164 -19.30 20.55 31.88
N SER D 165 -19.28 20.34 33.19
CA SER D 165 -18.44 19.33 33.88
C SER D 165 -18.75 17.94 33.31
N ILE D 166 -17.82 17.01 33.41
CA ILE D 166 -18.08 15.60 32.95
C ILE D 166 -19.30 15.04 33.68
N GLU D 167 -19.53 15.34 34.96
CA GLU D 167 -20.70 14.76 35.70
C GLU D 167 -21.99 15.29 35.08
N ASP D 168 -22.03 16.59 34.77
CA ASP D 168 -23.22 17.25 34.16
C ASP D 168 -23.36 16.77 32.71
N TYR D 169 -22.26 16.69 31.94
CA TYR D 169 -22.22 16.19 30.54
C TYR D 169 -22.76 14.77 30.48
N LEU D 170 -22.23 13.89 31.33
CA LEU D 170 -22.60 12.46 31.34
C LEU D 170 -24.06 12.34 31.76
N GLY D 171 -24.41 13.09 32.81
CA GLY D 171 -25.66 12.88 33.57
C GLY D 171 -25.51 11.76 34.60
N PRO D 172 -26.46 11.70 35.55
CA PRO D 172 -26.34 10.84 36.73
C PRO D 172 -26.45 9.35 36.40
N GLU D 173 -27.32 8.98 35.45
CA GLU D 173 -27.56 7.55 35.15
C GLU D 173 -26.26 6.97 34.58
N ILE D 174 -25.57 7.71 33.72
CA ILE D 174 -24.37 7.11 33.07
C ILE D 174 -23.18 7.22 34.04
N CYS D 175 -23.11 8.28 34.85
CA CYS D 175 -22.10 8.39 35.95
C CYS D 175 -22.12 7.12 36.80
N GLU D 176 -23.31 6.66 37.19
CA GLU D 176 -23.46 5.49 38.10
C GLU D 176 -23.04 4.21 37.32
N ARG D 177 -23.41 4.13 36.05
CA ARG D 177 -23.14 2.93 35.22
C ARG D 177 -21.63 2.80 34.98
N ILE D 178 -20.90 3.92 34.88
CA ILE D 178 -19.42 3.87 34.75
C ILE D 178 -18.81 3.41 36.08
N GLU D 179 -19.20 4.05 37.20
CA GLU D 179 -18.70 3.73 38.57
C GLU D 179 -18.90 2.23 38.84
N ARG D 180 -20.03 1.68 38.36
CA ARG D 180 -20.40 0.26 38.56
C ARG D 180 -19.19 -0.62 38.18
N VAL D 181 -18.58 -0.35 37.01
CA VAL D 181 -17.55 -1.26 36.45
C VAL D 181 -16.16 -0.73 36.81
N LEU D 182 -15.94 0.58 36.79
CA LEU D 182 -14.64 1.18 37.20
C LEU D 182 -14.74 1.62 38.68
N HIS D 183 -14.92 0.65 39.58
CA HIS D 183 -15.17 0.87 41.04
C HIS D 183 -13.87 0.63 41.82
N LYS D 184 -12.84 0.15 41.14
CA LYS D 184 -11.56 -0.35 41.67
C LYS D 184 -10.44 0.04 40.72
N PRO D 185 -9.16 -0.09 41.15
CA PRO D 185 -8.04 0.07 40.22
C PRO D 185 -8.08 -1.02 39.15
N VAL D 186 -7.94 -0.57 37.90
CA VAL D 186 -7.84 -1.42 36.67
C VAL D 186 -6.38 -1.44 36.18
N GLU D 187 -6.06 -2.42 35.36
CA GLU D 187 -4.70 -2.72 34.82
C GLU D 187 -4.88 -3.03 33.32
N VAL D 188 -4.16 -2.33 32.44
CA VAL D 188 -4.21 -2.66 30.99
C VAL D 188 -3.61 -4.05 30.74
N ILE D 189 -4.31 -4.94 30.01
CA ILE D 189 -3.80 -6.30 29.71
C ILE D 189 -3.57 -6.49 28.19
N GLY D 190 -3.90 -5.51 27.39
CA GLY D 190 -3.62 -5.54 25.94
C GLY D 190 -4.17 -4.31 25.28
N ARG D 191 -3.53 -3.88 24.19
CA ARG D 191 -4.11 -2.90 23.23
C ARG D 191 -4.16 -3.55 21.85
N PHE D 192 -5.22 -3.28 21.09
CA PHE D 192 -5.36 -3.62 19.65
C PHE D 192 -6.13 -2.48 18.96
N THR D 193 -5.77 -2.16 17.72
CA THR D 193 -6.45 -1.15 16.90
C THR D 193 -7.12 -1.86 15.74
N GLN D 194 -8.35 -1.46 15.40
CA GLN D 194 -9.04 -1.86 14.14
C GLN D 194 -9.15 -0.65 13.21
N LYS D 195 -8.75 -0.81 11.95
CA LYS D 195 -9.05 0.23 10.93
C LYS D 195 -10.38 -0.17 10.29
N LEU D 196 -11.40 0.69 10.50
CA LEU D 196 -12.77 0.43 10.03
C LEU D 196 -12.94 1.10 8.67
N PRO D 197 -13.40 0.35 7.64
CA PRO D 197 -13.67 0.94 6.32
C PRO D 197 -15.04 1.63 6.29
N ASN D 198 -15.27 2.57 7.21
CA ASN D 198 -16.57 3.28 7.26
C ASN D 198 -16.38 4.62 7.97
N ASN D 199 -17.22 5.58 7.61
CA ASN D 199 -17.43 6.84 8.38
C ASN D 199 -17.59 6.50 9.88
N TRP D 200 -16.94 7.25 10.75
CA TRP D 200 -17.04 7.03 12.22
C TRP D 200 -18.49 6.85 12.69
N LYS D 201 -19.42 7.64 12.16
CA LYS D 201 -20.81 7.71 12.68
C LYS D 201 -21.43 6.32 12.58
N LEU D 202 -21.16 5.58 11.50
CA LEU D 202 -21.70 4.21 11.28
C LEU D 202 -21.26 3.30 12.44
N TYR D 203 -20.02 3.39 12.92
CA TYR D 203 -19.60 2.46 14.01
C TYR D 203 -20.26 2.89 15.31
N PHE D 204 -20.37 4.20 15.56
CA PHE D 204 -20.93 4.71 16.85
C PHE D 204 -22.44 4.38 16.91
N GLU D 205 -23.15 4.56 15.78
CA GLU D 205 -24.55 4.09 15.64
C GLU D 205 -24.59 2.61 16.05
N ASN D 206 -23.70 1.79 15.48
CA ASN D 206 -23.67 0.32 15.71
C ASN D 206 -23.47 0.01 17.20
N VAL D 207 -22.63 0.78 17.92
CA VAL D 207 -22.42 0.55 19.38
C VAL D 207 -23.77 0.71 20.09
N LYS D 208 -24.58 1.66 19.62
CA LYS D 208 -25.88 2.07 20.22
C LYS D 208 -27.02 1.19 19.68
N ASP D 209 -26.75 0.31 18.72
CA ASP D 209 -27.81 -0.44 18.01
C ASP D 209 -28.18 -1.70 18.82
N SER D 210 -29.09 -1.58 19.79
CA SER D 210 -29.64 -2.71 20.60
C SER D 210 -30.38 -3.71 19.71
N TYR D 211 -31.02 -3.20 18.65
CA TYR D 211 -31.77 -4.00 17.64
C TYR D 211 -30.83 -5.03 17.03
N HIS D 212 -29.67 -4.58 16.54
CA HIS D 212 -28.59 -5.43 15.97
C HIS D 212 -28.11 -6.44 17.03
N ALA D 213 -27.79 -5.93 18.22
CA ALA D 213 -27.03 -6.66 19.27
C ALA D 213 -27.91 -7.79 19.79
N SER D 214 -29.19 -7.49 20.06
CA SER D 214 -30.22 -8.50 20.43
C SER D 214 -30.27 -9.66 19.40
N LEU D 215 -30.12 -9.40 18.09
CA LEU D 215 -30.10 -10.51 17.08
C LEU D 215 -28.89 -11.42 17.38
N LEU D 216 -27.76 -10.83 17.81
CA LEU D 216 -26.43 -11.51 17.92
C LEU D 216 -25.98 -11.56 19.38
N GLN D 230 -31.62 -12.71 28.90
CA GLN D 230 -33.10 -12.79 28.66
C GLN D 230 -33.73 -11.39 28.85
N LYS D 231 -33.57 -10.73 30.01
CA LYS D 231 -34.24 -9.44 30.35
C LYS D 231 -33.20 -8.32 30.20
N GLY D 232 -33.58 -7.14 29.75
CA GLY D 232 -32.61 -6.10 29.34
C GLY D 232 -33.27 -4.75 29.22
N GLY D 233 -32.53 -3.75 28.73
CA GLY D 233 -33.04 -2.39 28.57
C GLY D 233 -32.04 -1.50 27.88
N VAL D 234 -32.45 -0.27 27.61
CA VAL D 234 -31.65 0.75 26.91
C VAL D 234 -31.90 2.07 27.64
N ILE D 235 -30.86 2.71 28.16
CA ILE D 235 -31.01 4.04 28.78
C ILE D 235 -30.32 5.09 27.89
N VAL D 236 -30.85 6.31 27.88
CA VAL D 236 -30.33 7.47 27.09
C VAL D 236 -30.31 8.69 28.02
N ASP D 237 -29.20 9.41 28.08
CA ASP D 237 -29.08 10.70 28.80
C ASP D 237 -30.02 11.74 28.18
N GLU D 238 -30.17 12.89 28.80
CA GLU D 238 -31.12 13.95 28.34
C GLU D 238 -30.68 14.49 26.97
N SER D 239 -29.37 14.57 26.66
CA SER D 239 -28.87 15.15 25.40
C SER D 239 -29.13 14.21 24.22
N GLY D 240 -29.23 12.89 24.45
CA GLY D 240 -29.35 11.85 23.39
C GLY D 240 -28.01 11.18 23.06
N GLY D 241 -26.90 11.86 23.38
CA GLY D 241 -25.53 11.51 22.93
C GLY D 241 -24.95 10.26 23.58
N HIS D 242 -25.35 9.95 24.81
CA HIS D 242 -24.78 8.83 25.61
C HIS D 242 -25.88 7.79 25.80
N HIS D 243 -25.50 6.51 25.82
CA HIS D 243 -26.48 5.43 26.03
C HIS D 243 -25.87 4.38 26.95
N VAL D 244 -26.71 3.49 27.48
CA VAL D 244 -26.31 2.17 28.05
C VAL D 244 -27.32 1.14 27.57
N SER D 245 -26.79 0.06 26.98
CA SER D 245 -27.48 -1.19 26.62
C SER D 245 -27.09 -2.18 27.72
N TYR D 246 -28.04 -2.87 28.37
CA TYR D 246 -27.74 -3.80 29.49
C TYR D 246 -28.62 -5.04 29.38
N SER D 247 -28.19 -6.15 30.02
CA SER D 247 -28.71 -7.51 29.78
C SER D 247 -28.32 -8.42 30.95
N MET D 248 -29.22 -9.34 31.32
CA MET D 248 -29.07 -10.20 32.52
C MET D 248 -29.89 -11.48 32.40
N ILE D 249 -29.42 -12.52 33.08
CA ILE D 249 -30.15 -13.80 33.30
C ILE D 249 -30.55 -13.78 34.78
N TYR D 270 -24.45 -26.66 17.61
CA TYR D 270 -23.16 -27.40 17.81
C TYR D 270 -22.59 -27.00 19.18
N ARG D 271 -22.05 -27.97 19.92
CA ARG D 271 -21.56 -27.80 21.33
C ARG D 271 -20.06 -27.46 21.30
N LEU D 272 -19.60 -26.70 22.31
CA LEU D 272 -18.18 -26.31 22.53
C LEU D 272 -17.43 -27.49 23.14
N LYS D 273 -16.31 -27.91 22.54
CA LYS D 273 -15.43 -28.96 23.11
C LYS D 273 -14.75 -28.43 24.37
N ASP D 274 -14.57 -27.11 24.48
CA ASP D 274 -13.98 -26.48 25.68
C ASP D 274 -14.91 -25.38 26.17
N PRO D 275 -15.92 -25.70 27.01
CA PRO D 275 -16.89 -24.70 27.46
C PRO D 275 -16.27 -23.62 28.38
N SER D 276 -15.02 -23.81 28.82
CA SER D 276 -14.24 -22.88 29.70
C SER D 276 -14.26 -21.45 29.14
N LEU D 277 -14.43 -21.26 27.84
CA LEU D 277 -14.56 -19.93 27.19
C LEU D 277 -15.65 -19.09 27.88
N LEU D 278 -16.75 -19.71 28.33
CA LEU D 278 -17.89 -18.99 28.95
C LEU D 278 -17.94 -19.22 30.46
N GLU D 279 -17.09 -20.10 31.01
CA GLU D 279 -16.98 -20.35 32.47
C GLU D 279 -16.50 -19.05 33.12
N GLY D 280 -17.44 -18.34 33.77
CA GLY D 280 -17.24 -17.03 34.39
C GLY D 280 -17.12 -17.12 35.90
N PHE D 281 -17.23 -15.98 36.55
CA PHE D 281 -17.25 -15.86 38.02
C PHE D 281 -18.10 -14.62 38.30
N GLU D 282 -18.71 -14.56 39.49
CA GLU D 282 -19.63 -13.44 39.83
C GLU D 282 -18.74 -12.29 40.36
N GLU D 283 -19.00 -11.05 39.94
CA GLU D 283 -18.29 -9.88 40.53
C GLU D 283 -19.10 -8.58 40.39
N PHE D 284 -20.36 -8.61 39.96
CA PHE D 284 -21.24 -7.43 40.02
C PHE D 284 -22.46 -7.71 40.91
N GLU D 285 -22.88 -6.70 41.66
CA GLU D 285 -23.86 -6.75 42.79
C GLU D 285 -25.30 -6.80 42.28
N ASP D 286 -25.44 -6.97 40.97
CA ASP D 286 -26.72 -7.08 40.21
C ASP D 286 -26.53 -8.33 39.33
N GLY D 287 -27.47 -8.61 38.44
CA GLY D 287 -27.42 -9.82 37.60
C GLY D 287 -26.77 -9.60 36.25
N VAL D 288 -26.34 -8.36 35.99
CA VAL D 288 -26.06 -7.81 34.62
C VAL D 288 -24.81 -8.50 34.08
N THR D 289 -24.99 -9.28 33.00
CA THR D 289 -23.92 -10.07 32.33
C THR D 289 -23.40 -9.31 31.10
N LEU D 290 -24.09 -8.27 30.64
CA LEU D 290 -23.65 -7.42 29.53
C LEU D 290 -24.02 -5.97 29.85
N GLN D 291 -23.07 -5.06 29.80
CA GLN D 291 -23.34 -3.60 29.91
C GLN D 291 -22.43 -2.90 28.94
N ILE D 292 -23.02 -2.31 27.90
CA ILE D 292 -22.29 -1.51 26.89
C ILE D 292 -22.71 -0.05 27.05
N LEU D 293 -21.74 0.81 27.33
CA LEU D 293 -21.98 2.24 27.66
C LEU D 293 -21.28 3.08 26.59
N SER D 294 -21.92 4.13 26.07
CA SER D 294 -21.30 5.04 25.07
C SER D 294 -21.36 6.50 25.56
N VAL D 295 -20.33 7.28 25.24
CA VAL D 295 -20.32 8.73 25.53
C VAL D 295 -19.89 9.50 24.27
N PHE D 296 -20.82 10.28 23.73
CA PHE D 296 -20.58 11.20 22.59
C PHE D 296 -19.26 11.92 22.77
N PRO D 297 -18.41 12.04 21.72
CA PRO D 297 -18.66 11.44 20.41
C PRO D 297 -17.90 10.16 20.02
N GLY D 298 -17.23 9.47 20.95
CA GLY D 298 -16.45 8.27 20.55
C GLY D 298 -15.87 7.45 21.70
N PHE D 299 -16.51 7.41 22.86
CA PHE D 299 -16.04 6.59 24.00
C PHE D 299 -16.98 5.40 24.18
N VAL D 300 -16.43 4.21 24.38
CA VAL D 300 -17.21 3.02 24.78
C VAL D 300 -16.53 2.35 25.98
N LEU D 301 -17.34 2.00 26.99
CA LEU D 301 -16.95 1.10 28.10
C LEU D 301 -17.84 -0.13 28.02
N GLN D 302 -17.25 -1.32 28.08
CA GLN D 302 -18.03 -2.58 27.99
C GLN D 302 -17.64 -3.54 29.10
N GLN D 303 -18.66 -4.24 29.58
CA GLN D 303 -18.56 -5.42 30.46
C GLN D 303 -19.38 -6.53 29.80
N ILE D 304 -18.75 -7.62 29.40
CA ILE D 304 -19.40 -8.83 28.84
C ILE D 304 -18.88 -9.99 29.67
N GLN D 305 -19.70 -10.54 30.54
CA GLN D 305 -19.30 -11.50 31.62
C GLN D 305 -18.13 -10.86 32.36
N ASN D 306 -16.95 -11.48 32.29
CA ASN D 306 -15.73 -10.97 32.98
C ASN D 306 -14.83 -10.20 32.00
N SER D 307 -15.26 -9.96 30.76
CA SER D 307 -14.48 -9.18 29.78
C SER D 307 -14.80 -7.70 29.96
N ILE D 308 -13.80 -6.94 30.41
CA ILE D 308 -13.87 -5.48 30.58
C ILE D 308 -13.03 -4.85 29.46
N ALA D 309 -13.50 -3.78 28.82
CA ALA D 309 -12.65 -3.05 27.87
C ALA D 309 -13.18 -1.65 27.64
N VAL D 310 -12.29 -0.80 27.17
CA VAL D 310 -12.61 0.57 26.72
C VAL D 310 -12.30 0.61 25.23
N ARG D 311 -13.08 1.38 24.47
CA ARG D 311 -12.83 1.69 23.04
C ARG D 311 -12.78 3.20 22.85
N GLN D 312 -11.87 3.63 21.99
CA GLN D 312 -11.76 5.01 21.48
C GLN D 312 -12.00 4.99 19.97
N LEU D 313 -13.01 5.72 19.51
CA LEU D 313 -13.40 5.80 18.09
C LEU D 313 -12.96 7.15 17.57
N LEU D 314 -12.08 7.15 16.56
CA LEU D 314 -11.58 8.40 15.93
C LEU D 314 -11.95 8.38 14.48
N PRO D 315 -12.37 9.52 13.93
CA PRO D 315 -12.57 9.65 12.48
C PRO D 315 -11.19 9.76 11.83
N LYS D 316 -11.05 9.27 10.61
CA LYS D 316 -9.73 9.36 9.92
C LYS D 316 -9.89 9.95 8.52
N SER D 317 -10.88 9.50 7.76
CA SER D 317 -11.23 10.07 6.44
C SER D 317 -12.75 9.91 6.29
N ILE D 318 -13.35 10.51 5.28
CA ILE D 318 -14.82 10.47 5.13
C ILE D 318 -15.34 9.02 5.27
N SER D 319 -14.61 8.03 4.76
CA SER D 319 -15.07 6.63 4.70
C SER D 319 -14.12 5.71 5.48
N SER D 320 -13.36 6.23 6.45
CA SER D 320 -12.54 5.39 7.35
C SER D 320 -12.52 5.96 8.77
N SER D 321 -12.47 5.08 9.77
CA SER D 321 -12.35 5.47 11.19
C SER D 321 -11.39 4.49 11.90
N GLU D 322 -10.92 4.87 13.09
CA GLU D 322 -9.98 4.06 13.88
C GLU D 322 -10.66 3.71 15.20
N LEU D 323 -10.57 2.43 15.58
CA LEU D 323 -11.14 1.91 16.84
C LEU D 323 -10.00 1.37 17.68
N ASN D 324 -9.73 2.00 18.82
CA ASN D 324 -8.61 1.58 19.68
C ASN D 324 -9.20 0.87 20.90
N TRP D 325 -8.81 -0.38 21.08
CA TRP D 325 -9.22 -1.24 22.21
C TRP D 325 -8.17 -1.09 23.30
N THR D 326 -8.62 -0.90 24.54
CA THR D 326 -7.80 -1.07 25.76
C THR D 326 -8.46 -2.17 26.58
N TYR D 327 -7.91 -3.39 26.57
CA TYR D 327 -8.44 -4.54 27.35
C TYR D 327 -8.02 -4.34 28.81
N LEU D 328 -8.88 -4.65 29.79
CA LEU D 328 -8.66 -4.37 31.23
C LEU D 328 -8.86 -5.62 32.09
N GLY D 329 -7.99 -5.78 33.09
CA GLY D 329 -8.26 -6.53 34.33
C GLY D 329 -8.43 -5.58 35.51
N TYR D 330 -8.75 -6.11 36.68
CA TYR D 330 -8.63 -5.38 37.97
C TYR D 330 -7.27 -5.74 38.58
N ALA D 331 -6.60 -4.75 39.17
CA ALA D 331 -5.26 -4.89 39.78
C ALA D 331 -5.26 -6.03 40.81
N ASP D 332 -6.38 -6.26 41.48
CA ASP D 332 -6.49 -7.28 42.56
C ASP D 332 -6.82 -8.67 42.00
N ASP D 333 -6.96 -8.85 40.67
CA ASP D 333 -7.28 -10.15 40.04
C ASP D 333 -6.31 -11.21 40.56
N SER D 334 -6.80 -12.41 40.89
CA SER D 334 -5.97 -13.63 41.04
C SER D 334 -5.54 -14.13 39.65
N ALA D 335 -4.55 -15.02 39.60
CA ALA D 335 -4.13 -15.76 38.39
C ALA D 335 -5.37 -16.35 37.72
N GLU D 336 -6.20 -17.09 38.47
CA GLU D 336 -7.34 -17.81 37.85
C GLU D 336 -8.35 -16.80 37.32
N GLN D 337 -8.59 -15.69 38.03
CA GLN D 337 -9.59 -14.70 37.57
C GLN D 337 -9.09 -14.03 36.28
N ARG D 338 -7.78 -13.80 36.17
CA ARG D 338 -7.17 -13.10 35.03
C ARG D 338 -7.30 -14.02 33.81
N LYS D 339 -6.96 -15.29 33.98
CA LYS D 339 -7.07 -16.34 32.93
C LYS D 339 -8.48 -16.29 32.36
N VAL D 340 -9.50 -16.16 33.20
CA VAL D 340 -10.91 -16.11 32.70
C VAL D 340 -11.06 -14.93 31.75
N ARG D 341 -10.52 -13.77 32.09
CA ARG D 341 -10.65 -12.55 31.24
C ARG D 341 -9.90 -12.74 29.91
N LEU D 342 -8.75 -13.40 29.95
CA LEU D 342 -7.93 -13.73 28.77
C LEU D 342 -8.71 -14.68 27.85
N LYS D 343 -9.41 -15.69 28.37
CA LYS D 343 -10.24 -16.61 27.55
C LYS D 343 -11.45 -15.87 27.02
N GLN D 344 -12.13 -15.09 27.84
CA GLN D 344 -13.37 -14.38 27.43
C GLN D 344 -13.05 -13.23 26.46
N ALA D 345 -11.80 -12.75 26.39
CA ALA D 345 -11.39 -11.72 25.40
C ALA D 345 -11.66 -12.23 23.96
N ASN D 346 -11.70 -13.55 23.73
CA ASN D 346 -12.00 -14.14 22.41
C ASN D 346 -13.39 -13.68 21.96
N LEU D 347 -14.21 -13.13 22.84
CA LEU D 347 -15.58 -12.68 22.51
C LEU D 347 -15.53 -11.31 21.87
N ILE D 348 -14.48 -10.54 22.15
CA ILE D 348 -14.38 -9.10 21.79
C ILE D 348 -13.17 -8.83 20.89
N GLY D 349 -13.07 -7.60 20.42
CA GLY D 349 -11.97 -7.14 19.55
C GLY D 349 -12.11 -7.66 18.12
N PRO D 350 -11.01 -7.51 17.34
CA PRO D 350 -11.03 -7.75 15.91
C PRO D 350 -11.49 -9.14 15.48
N ALA D 351 -11.28 -10.18 16.30
CA ALA D 351 -11.67 -11.59 16.01
C ALA D 351 -12.78 -12.08 16.96
N GLY D 352 -13.48 -11.19 17.65
CA GLY D 352 -14.46 -11.55 18.69
C GLY D 352 -15.59 -12.43 18.17
N PHE D 353 -15.90 -13.51 18.86
CA PHE D 353 -17.09 -14.34 18.57
C PHE D 353 -18.31 -13.41 18.50
N ILE D 354 -18.39 -12.43 19.40
CA ILE D 354 -19.48 -11.41 19.46
C ILE D 354 -19.22 -10.28 18.46
N SER D 355 -18.03 -9.68 18.49
CA SER D 355 -17.80 -8.33 17.90
C SER D 355 -17.14 -8.37 16.50
N MET D 356 -16.77 -9.53 15.95
CA MET D 356 -16.08 -9.64 14.63
C MET D 356 -16.86 -8.82 13.59
N GLU D 357 -18.18 -9.05 13.48
CA GLU D 357 -19.09 -8.44 12.47
C GLU D 357 -19.10 -6.92 12.60
N ASP D 358 -18.89 -6.41 13.81
CA ASP D 358 -18.98 -4.97 14.15
C ASP D 358 -17.97 -4.22 13.28
N GLY D 359 -16.84 -4.83 12.91
CA GLY D 359 -15.86 -4.20 12.01
C GLY D 359 -16.38 -3.98 10.59
N ALA D 360 -17.28 -4.83 10.11
CA ALA D 360 -17.68 -4.92 8.70
C ALA D 360 -19.02 -4.23 8.45
N VAL D 361 -19.96 -4.21 9.41
CA VAL D 361 -21.35 -3.79 9.08
C VAL D 361 -21.34 -2.35 8.62
N GLY D 362 -20.53 -1.50 9.25
CA GLY D 362 -20.36 -0.11 8.82
C GLY D 362 -20.04 -0.03 7.34
N GLY D 363 -19.10 -0.86 6.89
CA GLY D 363 -18.64 -0.90 5.49
C GLY D 363 -19.76 -1.38 4.60
N PHE D 364 -20.55 -2.34 5.07
CA PHE D 364 -21.70 -2.89 4.32
C PHE D 364 -22.67 -1.75 4.00
N VAL D 365 -22.85 -0.83 4.94
CA VAL D 365 -23.77 0.32 4.78
C VAL D 365 -23.10 1.32 3.84
N GLN D 366 -21.86 1.71 4.16
CA GLN D 366 -21.06 2.61 3.29
C GLN D 366 -21.21 2.17 1.82
N ARG D 367 -21.14 0.88 1.53
CA ARG D 367 -21.12 0.33 0.15
C ARG D 367 -22.55 0.17 -0.36
N GLY D 368 -23.50 -0.26 0.48
CA GLY D 368 -24.91 -0.40 0.07
C GLY D 368 -25.54 0.91 -0.39
N ILE D 369 -25.06 2.05 0.14
CA ILE D 369 -25.68 3.38 -0.12
C ILE D 369 -24.90 4.12 -1.21
N ALA D 370 -24.02 3.44 -1.93
CA ALA D 370 -23.09 4.11 -2.87
C ALA D 370 -23.88 4.85 -3.95
N GLY D 371 -25.06 4.34 -4.32
CA GLY D 371 -25.97 4.95 -5.32
C GLY D 371 -27.14 5.74 -4.73
N ALA D 372 -27.13 6.03 -3.43
CA ALA D 372 -28.31 6.47 -2.65
C ALA D 372 -27.92 7.61 -1.73
N ALA D 373 -27.03 8.50 -2.17
CA ALA D 373 -26.59 9.65 -1.35
C ALA D 373 -27.81 10.53 -1.00
N ASN D 374 -28.82 10.53 -1.87
CA ASN D 374 -30.01 11.43 -1.82
C ASN D 374 -31.16 10.79 -1.05
N LEU D 375 -31.04 9.52 -0.61
CA LEU D 375 -32.10 8.80 0.17
C LEU D 375 -31.80 8.87 1.69
N ASP D 376 -32.69 8.28 2.48
CA ASP D 376 -32.74 8.42 3.96
C ASP D 376 -32.75 7.03 4.62
N ALA D 377 -31.99 6.85 5.70
CA ALA D 377 -32.09 5.67 6.56
C ALA D 377 -33.43 5.73 7.29
N VAL D 378 -34.03 4.56 7.55
CA VAL D 378 -35.32 4.46 8.28
C VAL D 378 -35.05 3.94 9.70
N ILE D 379 -35.41 4.73 10.72
CA ILE D 379 -35.10 4.47 12.16
C ILE D 379 -36.37 4.69 12.99
N GLU D 380 -37.32 3.75 12.93
CA GLU D 380 -38.68 3.91 13.51
C GLU D 380 -38.92 2.91 14.66
N MET D 381 -38.02 1.95 14.85
CA MET D 381 -38.12 0.95 15.94
C MET D 381 -38.25 1.65 17.30
N GLY D 382 -39.37 1.45 18.01
CA GLY D 382 -39.68 2.07 19.33
C GLY D 382 -40.24 3.49 19.19
N GLY D 383 -40.63 3.90 17.98
CA GLY D 383 -41.35 5.15 17.68
C GLY D 383 -40.45 6.31 17.26
N ASP D 384 -40.72 7.52 17.79
CA ASP D 384 -39.94 8.80 17.65
C ASP D 384 -39.00 9.00 18.85
N HIS D 385 -39.20 8.22 19.91
CA HIS D 385 -38.61 8.27 21.27
C HIS D 385 -37.09 8.40 21.23
N GLU D 386 -36.50 9.21 22.12
CA GLU D 386 -35.03 9.39 22.27
C GLU D 386 -34.64 9.29 23.76
N GLY D 387 -35.49 8.64 24.56
CA GLY D 387 -35.29 8.37 26.00
C GLY D 387 -35.20 6.88 26.29
N SER D 388 -34.98 6.50 27.56
CA SER D 388 -34.81 5.10 28.03
C SER D 388 -36.04 4.23 27.72
N SER D 389 -35.85 2.91 27.60
CA SER D 389 -36.89 1.90 27.23
C SER D 389 -36.56 0.57 27.90
N GLU D 390 -37.59 -0.21 28.25
CA GLU D 390 -37.42 -1.58 28.82
C GLU D 390 -37.10 -2.57 27.70
N GLY D 391 -37.59 -2.37 26.48
CA GLY D 391 -37.30 -3.26 25.34
C GLY D 391 -35.84 -3.17 24.91
N ARG D 392 -35.40 -4.07 24.02
CA ARG D 392 -34.16 -3.87 23.20
C ARG D 392 -34.48 -3.90 21.69
N ALA D 393 -35.67 -4.37 21.29
CA ALA D 393 -36.25 -4.19 19.94
C ALA D 393 -36.67 -2.72 19.75
N THR D 394 -35.69 -1.81 19.83
CA THR D 394 -35.87 -0.33 19.65
C THR D 394 -34.59 0.26 19.05
N GLU D 395 -34.69 1.50 18.54
CA GLU D 395 -33.55 2.28 17.99
C GLU D 395 -33.48 3.64 18.70
N THR D 396 -33.96 3.72 19.93
CA THR D 396 -34.07 4.99 20.69
C THR D 396 -32.66 5.59 20.90
N SER D 397 -31.67 4.77 21.26
CA SER D 397 -30.25 5.19 21.51
C SER D 397 -29.59 5.68 20.21
N VAL D 398 -29.98 5.09 19.08
CA VAL D 398 -29.53 5.55 17.73
C VAL D 398 -30.15 6.93 17.46
N ARG D 399 -31.47 7.09 17.60
CA ARG D 399 -32.12 8.42 17.37
C ARG D 399 -31.47 9.43 18.32
N GLY D 400 -31.15 9.02 19.55
CA GLY D 400 -30.48 9.89 20.54
C GLY D 400 -29.18 10.48 19.99
N PHE D 401 -28.36 9.62 19.37
CA PHE D 401 -27.09 10.04 18.73
C PHE D 401 -27.38 11.25 17.83
N TRP D 402 -28.41 11.13 17.00
CA TRP D 402 -28.72 12.15 15.98
C TRP D 402 -29.36 13.39 16.62
N LYS D 403 -30.11 13.23 17.70
CA LYS D 403 -30.62 14.41 18.45
C LYS D 403 -29.40 15.24 18.87
N ALA D 404 -28.43 14.60 19.52
CA ALA D 404 -27.22 15.25 20.04
C ALA D 404 -26.41 15.85 18.89
N TYR D 405 -26.29 15.11 17.78
CA TYR D 405 -25.48 15.49 16.60
C TYR D 405 -26.01 16.81 16.02
N ARG D 406 -27.33 16.85 15.76
CA ARG D 406 -27.98 18.00 15.09
C ARG D 406 -27.87 19.23 16.00
N LYS D 407 -28.02 19.04 17.31
CA LYS D 407 -27.86 20.09 18.34
C LYS D 407 -26.47 20.73 18.18
N HIS D 408 -25.39 19.94 18.25
CA HIS D 408 -23.98 20.42 18.11
C HIS D 408 -23.75 21.05 16.73
N MET D 409 -24.42 20.56 15.69
CA MET D 409 -24.08 20.94 14.29
C MET D 409 -24.98 22.09 13.80
N GLY D 410 -25.93 22.54 14.63
CA GLY D 410 -26.95 23.52 14.22
C GLY D 410 -27.78 23.03 13.03
N GLN D 411 -28.32 21.81 13.13
CA GLN D 411 -29.07 21.11 12.04
C GLN D 411 -30.49 20.75 12.48
N GLU D 412 -31.04 21.46 13.47
CA GLU D 412 -32.48 21.34 13.84
C GLU D 412 -33.28 22.17 12.82
N GLU E 5 -15.06 29.41 -15.83
CA GLU E 5 -14.21 28.42 -15.10
C GLU E 5 -14.71 26.98 -15.31
N SER E 6 -16.01 26.77 -15.63
CA SER E 6 -16.56 25.44 -16.06
C SER E 6 -15.59 24.79 -17.05
N ILE E 7 -15.04 23.65 -16.66
CA ILE E 7 -14.06 22.83 -17.44
C ILE E 7 -14.81 21.74 -18.27
N ILE E 8 -16.16 21.78 -18.22
CA ILE E 8 -17.22 20.95 -18.89
C ILE E 8 -17.90 21.75 -20.01
N GLN E 9 -17.19 22.74 -20.55
CA GLN E 9 -17.67 23.68 -21.59
C GLN E 9 -17.55 22.98 -22.94
N TRP E 10 -18.65 22.61 -23.59
CA TRP E 10 -18.58 22.11 -24.98
C TRP E 10 -18.36 23.28 -25.96
N HIS E 11 -17.45 23.08 -26.92
CA HIS E 11 -17.00 24.08 -27.92
C HIS E 11 -18.22 24.50 -28.77
N GLY E 12 -18.96 23.54 -29.35
CA GLY E 12 -20.16 23.73 -30.19
C GLY E 12 -21.10 22.53 -30.09
N ALA E 13 -22.02 22.36 -31.04
CA ALA E 13 -23.08 21.31 -31.06
C ALA E 13 -22.54 20.02 -31.72
N THR E 14 -21.38 20.17 -32.34
CA THR E 14 -20.55 19.12 -32.94
C THR E 14 -19.69 18.44 -31.85
N ASN E 15 -19.25 17.22 -32.15
CA ASN E 15 -18.49 16.35 -31.23
C ASN E 15 -17.05 16.15 -31.75
N THR E 16 -16.56 17.06 -32.58
CA THR E 16 -15.15 17.06 -33.08
C THR E 16 -14.22 17.58 -31.99
N ARG E 17 -14.78 18.12 -30.91
CA ARG E 17 -14.02 18.67 -29.76
C ARG E 17 -14.65 18.20 -28.44
N VAL E 18 -13.85 17.53 -27.60
CA VAL E 18 -14.27 17.02 -26.26
C VAL E 18 -13.48 17.78 -25.20
N PRO E 19 -14.15 18.42 -24.22
CA PRO E 19 -13.42 19.09 -23.13
C PRO E 19 -12.74 18.04 -22.25
N PHE E 20 -11.42 18.14 -22.07
CA PHE E 20 -10.60 17.19 -21.28
C PHE E 20 -11.08 17.17 -19.84
N GLY E 21 -11.77 18.22 -19.38
CA GLY E 21 -12.30 18.24 -18.00
C GLY E 21 -13.38 17.19 -17.80
N ILE E 22 -13.97 16.68 -18.88
CA ILE E 22 -15.07 15.70 -18.82
C ILE E 22 -14.57 14.43 -18.10
N TYR E 23 -13.24 14.21 -18.12
CA TYR E 23 -12.55 13.02 -17.58
C TYR E 23 -12.03 13.24 -16.15
N THR E 24 -12.36 14.37 -15.53
CA THR E 24 -11.76 14.93 -14.28
C THR E 24 -12.83 15.49 -13.33
N ASP E 25 -13.90 16.12 -13.83
CA ASP E 25 -14.85 16.88 -12.97
C ASP E 25 -15.67 15.89 -12.14
N THR E 26 -15.58 15.95 -10.80
CA THR E 26 -16.24 14.97 -9.92
C THR E 26 -17.75 15.21 -9.86
N ALA E 27 -18.20 16.46 -9.91
CA ALA E 27 -19.64 16.80 -9.95
C ALA E 27 -20.26 16.21 -11.22
N ASN E 28 -19.51 16.25 -12.32
CA ASN E 28 -19.98 15.74 -13.62
C ASN E 28 -20.11 14.22 -13.53
N ALA E 29 -19.23 13.55 -12.79
CA ALA E 29 -19.28 12.09 -12.58
C ALA E 29 -20.55 11.72 -11.81
N ASP E 30 -20.89 12.51 -10.82
CA ASP E 30 -22.08 12.23 -9.99
C ASP E 30 -23.32 12.38 -10.91
N GLN E 31 -23.30 13.37 -11.83
CA GLN E 31 -24.39 13.53 -12.83
C GLN E 31 -24.47 12.27 -13.71
N GLU E 32 -23.33 11.71 -14.09
CA GLU E 32 -23.28 10.48 -14.92
C GLU E 32 -24.06 9.37 -14.21
N GLN E 33 -23.89 9.27 -12.88
CA GLN E 33 -24.62 8.28 -12.08
C GLN E 33 -26.12 8.55 -12.18
N GLN E 34 -26.58 9.78 -11.96
CA GLN E 34 -28.03 10.09 -11.93
C GLN E 34 -28.64 10.02 -13.34
N ARG E 35 -27.92 10.51 -14.35
CA ARG E 35 -28.50 10.76 -15.69
C ARG E 35 -28.22 9.63 -16.69
N ILE E 36 -27.10 8.91 -16.56
CA ILE E 36 -26.76 7.76 -17.43
C ILE E 36 -27.12 6.47 -16.70
N TYR E 37 -26.35 6.07 -15.69
CA TYR E 37 -26.41 4.68 -15.16
C TYR E 37 -27.79 4.40 -14.57
N ARG E 38 -28.36 5.36 -13.83
CA ARG E 38 -29.74 5.22 -13.28
C ARG E 38 -30.75 6.01 -14.14
N GLY E 39 -30.42 6.33 -15.40
CA GLY E 39 -31.30 7.03 -16.35
C GLY E 39 -31.81 6.09 -17.44
N GLU E 40 -32.11 6.61 -18.63
CA GLU E 40 -32.77 5.79 -19.67
C GLU E 40 -31.66 5.08 -20.45
N VAL E 41 -30.99 4.14 -19.79
CA VAL E 41 -30.04 3.20 -20.44
C VAL E 41 -30.35 1.77 -19.99
N TRP E 42 -29.78 0.81 -20.72
CA TRP E 42 -29.72 -0.62 -20.33
C TRP E 42 -28.30 -0.98 -19.89
N ASN E 43 -28.16 -1.38 -18.62
CA ASN E 43 -26.89 -1.79 -17.98
C ASN E 43 -26.74 -3.30 -18.13
N TYR E 44 -25.59 -3.77 -18.66
CA TYR E 44 -25.33 -5.23 -18.77
C TYR E 44 -25.06 -5.79 -17.40
N LEU E 45 -25.76 -6.85 -17.05
CA LEU E 45 -25.72 -7.51 -15.72
C LEU E 45 -24.97 -8.84 -15.79
N CYS E 46 -25.38 -9.77 -16.65
CA CYS E 46 -24.76 -11.14 -16.73
C CYS E 46 -25.39 -11.93 -17.87
N LEU E 47 -24.95 -13.15 -18.12
CA LEU E 47 -25.62 -14.09 -19.07
C LEU E 47 -26.65 -14.90 -18.28
N GLU E 48 -27.75 -15.19 -18.96
CA GLU E 48 -28.86 -16.01 -18.44
C GLU E 48 -28.26 -17.38 -18.05
N SER E 49 -27.29 -17.88 -18.81
CA SER E 49 -26.70 -19.22 -18.60
C SER E 49 -25.83 -19.23 -17.33
N GLU E 50 -25.46 -18.06 -16.82
CA GLU E 50 -24.71 -17.92 -15.54
C GLU E 50 -25.66 -18.02 -14.36
N ILE E 51 -26.97 -17.88 -14.52
CA ILE E 51 -27.94 -18.14 -13.42
C ILE E 51 -29.04 -19.05 -13.97
N PRO E 52 -28.69 -20.31 -14.32
CA PRO E 52 -29.60 -21.19 -15.06
C PRO E 52 -30.86 -21.64 -14.29
N GLY E 53 -30.69 -21.98 -13.01
CA GLY E 53 -31.74 -22.60 -12.17
C GLY E 53 -32.29 -21.62 -11.15
N ALA E 54 -33.42 -21.99 -10.56
CA ALA E 54 -34.22 -21.12 -9.66
C ALA E 54 -33.42 -20.90 -8.38
N GLY E 55 -33.30 -19.63 -7.99
CA GLY E 55 -32.49 -19.21 -6.83
C GLY E 55 -31.07 -18.81 -7.20
N ASP E 56 -30.55 -19.24 -8.36
CA ASP E 56 -29.17 -18.89 -8.81
C ASP E 56 -29.13 -17.37 -8.92
N PHE E 57 -28.18 -16.72 -8.24
CA PHE E 57 -28.01 -15.25 -8.29
C PHE E 57 -26.53 -14.91 -8.49
N ARG E 58 -26.31 -13.68 -8.95
CA ARG E 58 -24.99 -13.02 -9.01
C ARG E 58 -25.19 -11.60 -8.47
N THR E 59 -24.10 -10.98 -8.01
CA THR E 59 -24.05 -9.54 -7.66
C THR E 59 -23.08 -8.83 -8.62
N THR E 60 -23.47 -7.62 -9.03
CA THR E 60 -22.66 -6.77 -9.92
C THR E 60 -23.11 -5.33 -9.66
N PHE E 61 -22.95 -4.48 -10.65
CA PHE E 61 -23.09 -3.01 -10.51
C PHE E 61 -23.81 -2.50 -11.76
N ALA E 62 -24.58 -1.44 -11.56
CA ALA E 62 -24.99 -0.51 -12.60
C ALA E 62 -24.43 0.85 -12.21
N GLY E 63 -23.38 1.30 -12.90
CA GLY E 63 -22.54 2.40 -12.41
C GLY E 63 -22.00 2.09 -11.03
N GLU E 64 -22.13 3.08 -10.13
CA GLU E 64 -21.71 3.00 -8.71
C GLU E 64 -22.59 2.02 -7.95
N THR E 65 -23.78 1.73 -8.44
CA THR E 65 -24.89 1.14 -7.63
C THR E 65 -24.83 -0.38 -7.70
N PRO E 66 -24.64 -1.07 -6.56
CA PRO E 66 -24.57 -2.53 -6.56
C PRO E 66 -25.97 -3.10 -6.86
N ILE E 67 -25.98 -4.27 -7.48
CA ILE E 67 -27.19 -4.93 -8.07
C ILE E 67 -27.15 -6.41 -7.70
N VAL E 68 -28.32 -6.95 -7.35
CA VAL E 68 -28.58 -8.42 -7.33
C VAL E 68 -29.36 -8.81 -8.59
N VAL E 69 -28.93 -9.87 -9.26
CA VAL E 69 -29.67 -10.42 -10.43
C VAL E 69 -29.88 -11.90 -10.13
N VAL E 70 -31.11 -12.40 -10.31
CA VAL E 70 -31.53 -13.73 -9.79
C VAL E 70 -32.63 -14.35 -10.66
N ARG E 71 -32.54 -15.65 -10.85
CA ARG E 71 -33.57 -16.51 -11.47
C ARG E 71 -34.60 -16.89 -10.41
N ASP E 72 -35.90 -16.84 -10.76
CA ASP E 72 -37.01 -17.32 -9.90
C ASP E 72 -37.57 -18.63 -10.44
N ALA E 73 -38.48 -19.25 -9.68
CA ALA E 73 -39.10 -20.58 -9.98
C ALA E 73 -39.85 -20.50 -11.32
N ASP E 74 -40.41 -19.32 -11.66
CA ASP E 74 -41.13 -19.06 -12.95
C ASP E 74 -40.18 -19.14 -14.16
N GLN E 75 -38.89 -19.32 -13.91
CA GLN E 75 -37.80 -19.32 -14.92
C GLN E 75 -37.55 -17.90 -15.47
N GLU E 76 -38.13 -16.86 -14.88
CA GLU E 76 -37.84 -15.45 -15.26
C GLU E 76 -36.66 -14.95 -14.44
N ILE E 77 -36.04 -13.86 -14.87
CA ILE E 77 -34.86 -13.25 -14.19
C ILE E 77 -35.28 -11.87 -13.69
N TYR E 78 -34.95 -11.58 -12.44
CA TYR E 78 -35.21 -10.27 -11.78
C TYR E 78 -33.88 -9.63 -11.38
N ALA E 79 -33.91 -8.32 -11.17
CA ALA E 79 -32.77 -7.56 -10.61
C ALA E 79 -33.27 -6.39 -9.75
N PHE E 80 -32.60 -6.16 -8.63
CA PHE E 80 -32.87 -5.04 -7.71
C PHE E 80 -31.56 -4.52 -7.11
N GLU E 81 -31.58 -3.25 -6.70
CA GLU E 81 -30.49 -2.55 -6.01
C GLU E 81 -30.11 -3.34 -4.77
N ASN E 82 -28.82 -3.58 -4.54
CA ASN E 82 -28.31 -4.37 -3.37
C ASN E 82 -28.16 -3.47 -2.15
N ARG E 83 -29.27 -2.89 -1.68
CA ARG E 83 -29.33 -1.92 -0.56
C ARG E 83 -30.54 -2.27 0.30
N CYS E 84 -30.31 -2.63 1.56
CA CYS E 84 -31.37 -2.93 2.54
C CYS E 84 -32.14 -1.62 2.78
N ALA E 85 -33.48 -1.70 2.75
CA ALA E 85 -34.36 -0.53 2.84
C ALA E 85 -34.38 -0.01 4.27
N HIS E 86 -33.79 -0.74 5.21
CA HIS E 86 -33.62 -0.33 6.62
C HIS E 86 -32.56 0.79 6.70
N ARG E 87 -31.29 0.45 6.95
CA ARG E 87 -30.19 1.43 7.17
C ARG E 87 -29.10 1.31 6.09
N GLY E 88 -29.34 0.54 5.02
CA GLY E 88 -28.65 0.69 3.73
C GLY E 88 -27.57 -0.35 3.51
N ALA E 89 -27.42 -1.34 4.37
CA ALA E 89 -26.39 -2.41 4.20
C ALA E 89 -26.60 -3.15 2.87
N LEU E 90 -25.52 -3.58 2.22
CA LEU E 90 -25.61 -4.63 1.18
C LEU E 90 -26.49 -5.78 1.73
N ILE E 91 -27.34 -6.33 0.88
CA ILE E 91 -28.25 -7.48 1.21
C ILE E 91 -27.51 -8.79 0.93
N ALA E 92 -27.05 -8.98 -0.30
CA ALA E 92 -26.29 -10.16 -0.75
C ALA E 92 -24.80 -9.82 -0.70
N LEU E 93 -24.01 -10.60 0.04
CA LEU E 93 -22.57 -10.34 0.29
C LEU E 93 -21.70 -11.17 -0.64
N GLU E 94 -22.27 -12.04 -1.46
CA GLU E 94 -21.52 -13.02 -2.29
C GLU E 94 -21.57 -12.61 -3.77
N LYS E 95 -20.48 -12.84 -4.49
CA LYS E 95 -20.37 -12.70 -5.97
C LYS E 95 -21.50 -13.50 -6.62
N SER E 96 -21.76 -14.70 -6.13
CA SER E 96 -22.77 -15.64 -6.67
C SER E 96 -23.17 -16.68 -5.61
N GLY E 97 -24.32 -17.29 -5.82
CA GLY E 97 -24.90 -18.32 -4.95
C GLY E 97 -26.26 -18.75 -5.42
N ARG E 98 -26.96 -19.50 -4.59
CA ARG E 98 -28.34 -19.96 -4.84
C ARG E 98 -29.09 -19.76 -3.52
N THR E 99 -30.24 -19.12 -3.51
CA THR E 99 -31.00 -18.86 -2.27
C THR E 99 -32.51 -18.93 -2.53
N ASP E 100 -33.29 -19.24 -1.50
CA ASP E 100 -34.78 -19.18 -1.54
C ASP E 100 -35.17 -17.72 -1.41
N SER E 101 -34.58 -17.03 -0.43
CA SER E 101 -34.77 -15.58 -0.26
C SER E 101 -33.46 -14.93 0.21
N PHE E 102 -33.41 -13.60 0.10
CA PHE E 102 -32.26 -12.78 0.54
C PHE E 102 -32.56 -12.28 1.94
N GLN E 103 -31.51 -12.11 2.71
CA GLN E 103 -31.65 -11.60 4.08
C GLN E 103 -30.47 -10.66 4.35
N CYS E 104 -30.78 -9.45 4.79
CA CYS E 104 -29.81 -8.47 5.36
C CYS E 104 -29.24 -9.06 6.66
N VAL E 105 -27.93 -9.19 6.74
CA VAL E 105 -27.25 -9.77 7.94
C VAL E 105 -27.31 -8.78 9.11
N TYR E 106 -27.53 -7.49 8.88
CA TYR E 106 -27.42 -6.46 9.96
C TYR E 106 -28.58 -6.65 10.94
N HIS E 107 -29.83 -6.61 10.50
CA HIS E 107 -31.04 -6.75 11.36
C HIS E 107 -32.07 -7.74 10.77
N ALA E 108 -31.64 -8.68 9.93
CA ALA E 108 -32.46 -9.84 9.49
C ALA E 108 -33.80 -9.38 8.88
N TRP E 109 -33.78 -8.36 8.03
CA TRP E 109 -34.90 -8.09 7.07
C TRP E 109 -34.79 -9.05 5.89
N SER E 110 -35.91 -9.69 5.54
CA SER E 110 -36.03 -10.67 4.42
C SER E 110 -36.57 -9.99 3.15
N TYR E 111 -36.02 -10.36 1.99
CA TYR E 111 -36.42 -9.92 0.64
C TYR E 111 -36.65 -11.15 -0.23
N ASN E 112 -37.72 -11.16 -1.03
CA ASN E 112 -37.95 -12.21 -2.06
C ASN E 112 -37.05 -11.91 -3.28
N ARG E 113 -37.12 -12.76 -4.31
CA ARG E 113 -36.21 -12.65 -5.47
C ARG E 113 -36.60 -11.48 -6.37
N GLN E 114 -37.69 -10.78 -6.06
CA GLN E 114 -38.12 -9.58 -6.83
C GLN E 114 -37.54 -8.34 -6.16
N GLY E 115 -37.09 -8.47 -4.91
CA GLY E 115 -36.56 -7.35 -4.12
C GLY E 115 -37.57 -6.72 -3.19
N ASP E 116 -38.65 -7.43 -2.91
CA ASP E 116 -39.73 -6.99 -2.00
C ASP E 116 -39.32 -7.37 -0.59
N LEU E 117 -39.48 -6.41 0.32
CA LEU E 117 -39.40 -6.63 1.79
C LEU E 117 -40.54 -7.56 2.21
N THR E 118 -40.20 -8.80 2.55
CA THR E 118 -41.16 -9.84 2.98
C THR E 118 -41.12 -10.02 4.49
N GLY E 119 -40.19 -9.38 5.19
CA GLY E 119 -39.96 -9.71 6.60
C GLY E 119 -39.13 -8.68 7.33
N VAL E 120 -39.56 -8.29 8.53
CA VAL E 120 -38.82 -7.36 9.43
C VAL E 120 -38.69 -8.00 10.80
N ALA E 121 -37.46 -8.34 11.21
CA ALA E 121 -37.16 -8.90 12.54
C ALA E 121 -37.80 -7.99 13.60
N PHE E 122 -38.59 -8.57 14.50
CA PHE E 122 -39.25 -7.90 15.65
C PHE E 122 -40.17 -6.77 15.18
N GLU E 123 -40.80 -6.91 14.03
CA GLU E 123 -41.67 -5.84 13.45
C GLU E 123 -42.72 -5.42 14.47
N LYS E 124 -43.26 -6.41 15.22
CA LYS E 124 -44.45 -6.27 16.10
C LYS E 124 -44.01 -6.21 17.56
N GLY E 125 -42.77 -5.80 17.82
CA GLY E 125 -42.22 -5.73 19.18
C GLY E 125 -41.90 -7.09 19.75
N VAL E 126 -41.44 -7.13 21.00
CA VAL E 126 -41.17 -8.33 21.84
C VAL E 126 -41.91 -8.12 23.17
N LYS E 127 -42.91 -8.96 23.45
CA LYS E 127 -43.87 -8.84 24.59
C LYS E 127 -44.58 -7.48 24.51
N GLY E 128 -45.21 -7.19 23.37
CA GLY E 128 -45.98 -5.94 23.11
C GLY E 128 -45.19 -4.67 23.41
N GLN E 129 -43.85 -4.74 23.42
CA GLN E 129 -42.93 -3.59 23.69
C GLN E 129 -42.08 -3.31 22.46
N GLY E 130 -41.96 -2.03 22.10
CA GLY E 130 -41.20 -1.56 20.92
C GLY E 130 -41.71 -2.19 19.63
N GLY E 131 -40.83 -2.39 18.64
CA GLY E 131 -41.23 -2.77 17.27
C GLY E 131 -41.58 -1.55 16.46
N MET E 132 -42.17 -1.73 15.28
CA MET E 132 -42.49 -0.61 14.37
C MET E 132 -43.78 0.04 14.84
N PRO E 133 -43.97 1.36 14.58
CA PRO E 133 -45.24 2.03 14.89
C PRO E 133 -46.33 1.43 14.00
N ALA E 134 -47.59 1.51 14.45
CA ALA E 134 -48.75 0.94 13.74
C ALA E 134 -48.78 1.50 12.30
N SER E 135 -48.33 2.75 12.09
CA SER E 135 -48.30 3.49 10.78
C SER E 135 -47.35 2.84 9.75
N PHE E 136 -46.44 1.96 10.14
CA PHE E 136 -45.39 1.37 9.25
C PHE E 136 -45.98 0.23 8.43
N CYS E 137 -45.65 0.23 7.14
CA CYS E 137 -46.08 -0.76 6.12
C CYS E 137 -44.87 -1.31 5.33
N LYS E 138 -44.56 -2.60 5.45
CA LYS E 138 -43.47 -3.30 4.72
C LYS E 138 -43.44 -2.90 3.23
N GLU E 139 -44.60 -2.82 2.58
CA GLU E 139 -44.72 -2.71 1.11
C GLU E 139 -44.31 -1.30 0.66
N GLU E 140 -44.09 -0.37 1.59
CA GLU E 140 -43.72 1.05 1.31
C GLU E 140 -42.18 1.21 1.32
N HIS E 141 -41.44 0.16 1.69
CA HIS E 141 -39.96 0.16 1.80
C HIS E 141 -39.40 -0.99 0.96
N GLY E 142 -38.31 -0.70 0.24
CA GLY E 142 -37.69 -1.67 -0.67
C GLY E 142 -36.56 -1.06 -1.47
N PRO E 143 -35.55 -1.86 -1.86
CA PRO E 143 -34.55 -1.39 -2.81
C PRO E 143 -35.21 -1.08 -4.16
N ARG E 144 -34.64 -0.16 -4.94
CA ARG E 144 -35.11 0.13 -6.32
C ARG E 144 -35.02 -1.18 -7.14
N LYS E 145 -36.11 -1.60 -7.75
CA LYS E 145 -36.12 -2.77 -8.66
C LYS E 145 -35.79 -2.26 -10.05
N LEU E 146 -35.17 -3.10 -10.85
CA LEU E 146 -34.76 -2.76 -12.23
C LEU E 146 -35.68 -3.51 -13.18
N ARG E 147 -36.09 -2.80 -14.22
CA ARG E 147 -36.70 -3.37 -15.43
C ARG E 147 -35.61 -4.21 -16.08
N VAL E 148 -35.94 -5.47 -16.38
CA VAL E 148 -34.98 -6.48 -16.92
C VAL E 148 -35.42 -6.83 -18.33
N ALA E 149 -34.44 -7.03 -19.18
CA ALA E 149 -34.60 -7.44 -20.58
C ALA E 149 -33.55 -8.50 -20.84
N VAL E 150 -33.90 -9.56 -21.55
CA VAL E 150 -32.96 -10.64 -21.91
C VAL E 150 -32.96 -10.73 -23.42
N PHE E 151 -31.83 -10.48 -24.06
CA PHE E 151 -31.73 -10.46 -25.54
C PHE E 151 -30.59 -11.42 -25.91
N CYS E 152 -30.87 -12.51 -26.61
CA CYS E 152 -29.86 -13.56 -26.92
C CYS E 152 -29.05 -13.93 -25.66
N GLY E 153 -29.72 -14.03 -24.51
CA GLY E 153 -29.14 -14.47 -23.23
C GLY E 153 -28.47 -13.38 -22.43
N LEU E 154 -28.19 -12.24 -23.08
CA LEU E 154 -27.60 -11.06 -22.40
C LEU E 154 -28.69 -10.51 -21.50
N VAL E 155 -28.45 -10.44 -20.20
CA VAL E 155 -29.37 -9.82 -19.21
C VAL E 155 -28.96 -8.37 -18.99
N PHE E 156 -29.88 -7.45 -19.25
CA PHE E 156 -29.73 -6.00 -19.07
C PHE E 156 -30.74 -5.50 -18.06
N GLY E 157 -30.41 -4.43 -17.32
CA GLY E 157 -31.31 -3.82 -16.34
C GLY E 157 -31.34 -2.32 -16.52
N SER E 158 -32.51 -1.71 -16.35
CA SER E 158 -32.63 -0.23 -16.27
C SER E 158 -33.37 0.14 -14.99
N PHE E 159 -33.06 1.32 -14.45
CA PHE E 159 -33.78 1.89 -13.28
C PHE E 159 -35.04 2.64 -13.76
N SER E 160 -35.17 2.93 -15.07
CA SER E 160 -36.28 3.73 -15.65
C SER E 160 -37.35 2.82 -16.24
N GLU E 161 -38.63 2.98 -15.84
CA GLU E 161 -39.75 2.25 -16.51
C GLU E 161 -39.87 2.76 -17.96
N ASP E 162 -39.52 4.03 -18.19
CA ASP E 162 -39.80 4.78 -19.45
C ASP E 162 -38.74 4.49 -20.51
N VAL E 163 -37.61 3.86 -20.14
CA VAL E 163 -36.51 3.51 -21.08
C VAL E 163 -37.15 2.82 -22.27
N PRO E 164 -36.70 3.05 -23.51
CA PRO E 164 -37.20 2.29 -24.65
C PRO E 164 -36.87 0.80 -24.54
N SER E 165 -37.58 -0.02 -25.30
CA SER E 165 -37.40 -1.50 -25.35
C SER E 165 -35.96 -1.76 -25.75
N ILE E 166 -35.44 -2.92 -25.36
CA ILE E 166 -34.04 -3.30 -25.71
C ILE E 166 -33.92 -3.32 -27.24
N GLU E 167 -34.95 -3.76 -27.95
CA GLU E 167 -34.94 -3.89 -29.44
C GLU E 167 -34.80 -2.49 -30.05
N ASP E 168 -35.57 -1.52 -29.53
CA ASP E 168 -35.57 -0.13 -30.05
C ASP E 168 -34.29 0.57 -29.60
N TYR E 169 -33.86 0.36 -28.34
CA TYR E 169 -32.59 0.88 -27.78
C TYR E 169 -31.43 0.41 -28.66
N LEU E 170 -31.36 -0.88 -28.94
CA LEU E 170 -30.23 -1.46 -29.72
C LEU E 170 -30.31 -0.97 -31.15
N GLY E 171 -31.51 -0.95 -31.71
CA GLY E 171 -31.77 -0.83 -33.16
C GLY E 171 -31.59 -2.18 -33.88
N PRO E 172 -32.14 -2.30 -35.11
CA PRO E 172 -32.15 -3.55 -35.85
C PRO E 172 -30.76 -4.03 -36.31
N GLU E 173 -29.88 -3.10 -36.67
CA GLU E 173 -28.53 -3.45 -37.21
C GLU E 173 -27.76 -4.10 -36.04
N ILE E 174 -27.87 -3.56 -34.84
CA ILE E 174 -27.08 -4.11 -33.69
C ILE E 174 -27.75 -5.40 -33.19
N CYS E 175 -29.10 -5.45 -33.18
CA CYS E 175 -29.85 -6.69 -32.84
C CYS E 175 -29.32 -7.85 -33.70
N GLU E 176 -29.14 -7.64 -35.00
CA GLU E 176 -28.70 -8.71 -35.93
C GLU E 176 -27.25 -9.06 -35.64
N ARG E 177 -26.41 -8.07 -35.36
CA ARG E 177 -24.95 -8.32 -35.16
C ARG E 177 -24.77 -9.11 -33.85
N ILE E 178 -25.63 -8.91 -32.84
CA ILE E 178 -25.61 -9.73 -31.60
C ILE E 178 -26.08 -11.14 -31.91
N GLU E 179 -27.24 -11.30 -32.57
CA GLU E 179 -27.84 -12.63 -32.92
C GLU E 179 -26.83 -13.44 -33.72
N ARG E 180 -26.05 -12.76 -34.56
CA ARG E 180 -25.03 -13.40 -35.43
C ARG E 180 -24.14 -14.29 -34.57
N VAL E 181 -23.67 -13.76 -33.43
CA VAL E 181 -22.65 -14.36 -32.53
C VAL E 181 -23.34 -15.22 -31.50
N LEU E 182 -24.40 -14.72 -30.89
CA LEU E 182 -25.15 -15.46 -29.82
C LEU E 182 -26.37 -16.14 -30.46
N HIS E 183 -26.09 -17.08 -31.38
CA HIS E 183 -27.08 -17.75 -32.27
C HIS E 183 -27.40 -19.14 -31.71
N LYS E 184 -26.66 -19.55 -30.69
CA LYS E 184 -26.61 -20.91 -30.10
C LYS E 184 -26.39 -20.77 -28.58
N PRO E 185 -26.56 -21.86 -27.82
CA PRO E 185 -26.19 -21.85 -26.41
C PRO E 185 -24.66 -21.64 -26.24
N VAL E 186 -24.31 -20.70 -25.36
CA VAL E 186 -22.89 -20.40 -24.98
C VAL E 186 -22.59 -20.99 -23.59
N GLU E 187 -21.31 -21.18 -23.32
CA GLU E 187 -20.76 -21.75 -22.08
C GLU E 187 -19.62 -20.81 -21.59
N VAL E 188 -19.66 -20.34 -20.36
CA VAL E 188 -18.54 -19.51 -19.84
C VAL E 188 -17.28 -20.39 -19.72
N ILE E 189 -16.14 -19.95 -20.25
CA ILE E 189 -14.84 -20.72 -20.21
C ILE E 189 -13.77 -20.03 -19.38
N GLY E 190 -14.09 -18.87 -18.84
CA GLY E 190 -13.22 -18.20 -17.86
C GLY E 190 -13.66 -16.77 -17.66
N ARG E 191 -13.32 -16.21 -16.51
CA ARG E 191 -13.56 -14.79 -16.16
C ARG E 191 -12.22 -14.20 -15.72
N PHE E 192 -11.98 -12.95 -16.10
CA PHE E 192 -10.82 -12.13 -15.63
C PHE E 192 -11.28 -10.68 -15.50
N THR E 193 -10.73 -9.94 -14.55
CA THR E 193 -11.05 -8.52 -14.33
C THR E 193 -9.77 -7.74 -14.56
N GLN E 194 -9.86 -6.61 -15.26
CA GLN E 194 -8.78 -5.59 -15.32
C GLN E 194 -9.14 -4.33 -14.53
N LYS E 195 -8.28 -3.86 -13.62
CA LYS E 195 -8.46 -2.52 -13.00
C LYS E 195 -7.71 -1.51 -13.89
N LEU E 196 -8.47 -0.63 -14.55
CA LEU E 196 -7.93 0.35 -15.53
C LEU E 196 -7.65 1.66 -14.81
N PRO E 197 -6.43 2.20 -14.96
CA PRO E 197 -6.07 3.48 -14.33
C PRO E 197 -6.59 4.65 -15.20
N ASN E 198 -7.88 4.69 -15.48
CA ASN E 198 -8.45 5.77 -16.30
C ASN E 198 -9.94 5.86 -16.03
N ASN E 199 -10.49 7.07 -16.19
CA ASN E 199 -11.95 7.33 -16.29
C ASN E 199 -12.60 6.30 -17.22
N TRP E 200 -13.73 5.75 -16.83
CA TRP E 200 -14.47 4.77 -17.69
C TRP E 200 -14.57 5.23 -19.14
N LYS E 201 -14.86 6.51 -19.37
CA LYS E 201 -15.17 7.01 -20.72
C LYS E 201 -13.99 6.74 -21.65
N LEU E 202 -12.75 6.89 -21.17
CA LEU E 202 -11.53 6.64 -21.99
C LEU E 202 -11.52 5.18 -22.49
N TYR E 203 -11.97 4.22 -21.70
CA TYR E 203 -11.90 2.81 -22.15
C TYR E 203 -12.99 2.58 -23.22
N PHE E 204 -14.18 3.14 -22.99
CA PHE E 204 -15.34 2.92 -23.89
C PHE E 204 -15.07 3.63 -25.23
N GLU E 205 -14.51 4.83 -25.17
CA GLU E 205 -14.03 5.52 -26.42
C GLU E 205 -13.09 4.55 -27.14
N ASN E 206 -12.14 3.95 -26.44
CA ASN E 206 -11.11 3.06 -27.05
C ASN E 206 -11.78 1.84 -27.68
N VAL E 207 -12.84 1.29 -27.08
CA VAL E 207 -13.58 0.14 -27.69
C VAL E 207 -14.09 0.59 -29.06
N LYS E 208 -14.54 1.84 -29.16
CA LYS E 208 -15.20 2.42 -30.36
C LYS E 208 -14.16 3.04 -31.29
N ASP E 209 -12.88 3.02 -30.94
CA ASP E 209 -11.81 3.73 -31.69
C ASP E 209 -11.34 2.80 -32.82
N SER E 210 -12.05 2.83 -33.94
CA SER E 210 -11.72 2.07 -35.17
C SER E 210 -10.39 2.56 -35.75
N TYR E 211 -10.06 3.83 -35.57
CA TYR E 211 -8.77 4.44 -36.00
C TYR E 211 -7.63 3.67 -35.35
N HIS E 212 -7.66 3.56 -34.03
CA HIS E 212 -6.67 2.78 -33.22
C HIS E 212 -6.64 1.32 -33.68
N ALA E 213 -7.81 0.70 -33.83
CA ALA E 213 -7.96 -0.75 -34.04
C ALA E 213 -7.43 -1.10 -35.44
N SER E 214 -7.78 -0.31 -36.44
CA SER E 214 -7.27 -0.48 -37.83
C SER E 214 -5.75 -0.24 -37.83
N LEU E 215 -5.27 0.75 -37.09
CA LEU E 215 -3.82 1.05 -37.06
C LEU E 215 -3.08 -0.22 -36.62
N LEU E 216 -3.62 -0.87 -35.60
CA LEU E 216 -2.98 -1.98 -34.88
C LEU E 216 -3.05 -3.27 -35.70
N HIS E 217 -4.24 -3.58 -36.20
CA HIS E 217 -4.57 -4.70 -37.14
C HIS E 217 -3.72 -4.56 -38.40
N MET E 218 -3.51 -3.33 -38.89
CA MET E 218 -2.66 -3.07 -40.08
C MET E 218 -1.21 -3.43 -39.74
N PHE E 219 -0.71 -2.98 -38.58
CA PHE E 219 0.60 -3.40 -38.03
C PHE E 219 0.67 -4.92 -37.86
N PHE E 220 -0.41 -5.59 -37.46
CA PHE E 220 -0.38 -7.03 -37.10
C PHE E 220 -0.27 -7.87 -38.37
N THR E 221 -0.66 -7.33 -39.51
CA THR E 221 -0.47 -7.99 -40.84
C THR E 221 0.67 -7.27 -41.57
N THR E 222 1.80 -7.04 -40.86
CA THR E 222 3.19 -7.00 -41.38
C THR E 222 3.77 -8.42 -41.19
N PHE E 223 3.06 -9.29 -40.48
CA PHE E 223 3.56 -10.61 -40.01
C PHE E 223 2.94 -11.69 -40.92
N GLU E 224 1.70 -12.12 -40.65
CA GLU E 224 0.90 -13.08 -41.49
C GLU E 224 -0.53 -13.18 -40.93
N LEU E 228 -4.49 -12.25 -46.86
CA LEU E 228 -5.80 -12.22 -47.59
C LEU E 228 -6.41 -10.84 -47.45
N SER E 229 -6.74 -10.19 -48.57
CA SER E 229 -7.36 -8.83 -48.64
C SER E 229 -8.64 -8.79 -47.80
N GLN E 230 -8.76 -7.75 -46.97
CA GLN E 230 -9.94 -7.50 -46.11
C GLN E 230 -10.42 -6.08 -46.35
N LYS E 231 -11.73 -5.89 -46.32
CA LYS E 231 -12.44 -4.58 -46.20
C LYS E 231 -13.03 -4.55 -44.79
N GLY E 232 -13.32 -3.37 -44.29
CA GLY E 232 -13.98 -3.20 -42.99
C GLY E 232 -14.94 -2.03 -43.02
N GLY E 233 -15.53 -1.79 -41.86
CA GLY E 233 -16.59 -0.79 -41.73
C GLY E 233 -16.95 -0.56 -40.28
N VAL E 234 -17.77 0.45 -40.07
CA VAL E 234 -18.18 0.93 -38.72
C VAL E 234 -19.66 1.26 -38.87
N ILE E 235 -20.47 0.56 -38.10
CA ILE E 235 -21.91 0.84 -37.94
C ILE E 235 -22.14 1.63 -36.65
N VAL E 236 -23.06 2.58 -36.65
CA VAL E 236 -23.49 3.36 -35.49
C VAL E 236 -25.01 3.45 -35.51
N ASP E 237 -25.66 3.07 -34.42
CA ASP E 237 -27.13 3.19 -34.22
C ASP E 237 -27.52 4.68 -34.32
N GLU E 238 -28.81 4.97 -34.36
CA GLU E 238 -29.32 6.34 -34.52
C GLU E 238 -28.92 7.20 -33.30
N SER E 239 -28.84 6.63 -32.08
CA SER E 239 -28.56 7.42 -30.85
C SER E 239 -27.09 7.85 -30.80
N GLY E 240 -26.19 7.10 -31.47
CA GLY E 240 -24.73 7.30 -31.39
C GLY E 240 -24.05 6.38 -30.39
N GLY E 241 -24.81 5.86 -29.42
CA GLY E 241 -24.30 5.14 -28.24
C GLY E 241 -23.73 3.74 -28.53
N HIS E 242 -24.21 3.07 -29.55
CA HIS E 242 -23.84 1.67 -29.87
C HIS E 242 -23.11 1.67 -31.19
N HIS E 243 -22.11 0.80 -31.32
CA HIS E 243 -21.35 0.71 -32.59
C HIS E 243 -21.07 -0.75 -32.89
N VAL E 244 -20.66 -1.02 -34.13
CA VAL E 244 -19.98 -2.26 -34.55
C VAL E 244 -18.83 -1.86 -35.48
N SER E 245 -17.64 -2.31 -35.13
CA SER E 245 -16.40 -2.27 -35.92
C SER E 245 -16.29 -3.68 -36.49
N TYR E 246 -16.15 -3.87 -37.79
CA TYR E 246 -16.01 -5.22 -38.39
C TYR E 246 -14.88 -5.19 -39.42
N SER E 247 -14.36 -6.39 -39.69
CA SER E 247 -13.46 -6.68 -40.83
C SER E 247 -13.82 -8.06 -41.42
N MET E 248 -13.65 -8.23 -42.70
CA MET E 248 -14.27 -9.36 -43.45
C MET E 248 -13.47 -9.65 -44.72
N ILE E 249 -13.43 -10.91 -45.10
CA ILE E 249 -12.88 -11.34 -46.40
C ILE E 249 -14.09 -11.44 -47.32
N ASP E 250 -13.80 -11.51 -48.61
CA ASP E 250 -14.77 -11.81 -49.69
C ASP E 250 -14.65 -13.30 -49.89
N ARG E 251 -15.54 -14.08 -49.26
CA ARG E 251 -15.54 -15.56 -49.42
C ARG E 251 -15.60 -15.84 -50.93
N GLY E 252 -14.64 -16.59 -51.44
CA GLY E 252 -14.57 -16.92 -52.88
C GLY E 252 -14.15 -15.76 -53.76
N ALA E 253 -13.08 -15.07 -53.44
CA ALA E 253 -12.28 -14.28 -54.40
C ALA E 253 -11.00 -15.05 -54.74
N LYS E 254 -10.30 -14.66 -55.80
CA LYS E 254 -9.00 -15.27 -56.20
C LYS E 254 -7.85 -14.42 -55.60
N ASP E 255 -6.68 -15.04 -55.36
CA ASP E 255 -5.55 -14.53 -54.53
C ASP E 255 -5.98 -14.59 -53.06
N ARG E 271 7.04 -16.42 -39.24
CA ARG E 271 7.39 -15.71 -37.98
C ARG E 271 7.10 -16.60 -36.75
N LEU E 272 5.88 -17.18 -36.64
CA LEU E 272 5.40 -17.94 -35.44
C LEU E 272 5.98 -19.35 -35.46
N LYS E 273 6.62 -19.77 -34.36
CA LYS E 273 7.14 -21.14 -34.19
C LYS E 273 5.95 -22.09 -34.01
N ASP E 274 4.82 -21.60 -33.49
CA ASP E 274 3.59 -22.43 -33.35
C ASP E 274 2.44 -21.68 -33.99
N PRO E 275 2.23 -21.86 -35.32
CA PRO E 275 1.18 -21.15 -36.05
C PRO E 275 -0.25 -21.47 -35.57
N SER E 276 -0.42 -22.53 -34.77
CA SER E 276 -1.72 -23.04 -34.25
C SER E 276 -2.51 -21.91 -33.57
N LEU E 277 -1.84 -20.89 -33.03
CA LEU E 277 -2.50 -19.70 -32.42
C LEU E 277 -3.53 -19.10 -33.39
N LEU E 278 -3.26 -19.08 -34.70
CA LEU E 278 -4.15 -18.44 -35.70
C LEU E 278 -4.93 -19.48 -36.51
N GLU E 279 -4.60 -20.78 -36.35
CA GLU E 279 -5.33 -21.90 -37.02
C GLU E 279 -6.77 -21.91 -36.47
N GLY E 280 -7.70 -21.37 -37.26
CA GLY E 280 -9.12 -21.20 -36.92
C GLY E 280 -9.98 -22.15 -37.72
N PHE E 281 -11.29 -21.92 -37.70
CA PHE E 281 -12.30 -22.76 -38.33
C PHE E 281 -13.47 -21.83 -38.64
N GLU E 282 -14.23 -22.15 -39.68
CA GLU E 282 -15.32 -21.30 -40.20
C GLU E 282 -16.57 -21.73 -39.43
N GLU E 283 -17.41 -20.81 -38.99
CA GLU E 283 -18.61 -21.14 -38.16
C GLU E 283 -19.64 -20.00 -38.21
N PHE E 284 -19.43 -18.99 -39.05
CA PHE E 284 -20.49 -18.01 -39.38
C PHE E 284 -20.66 -18.07 -40.91
N GLU E 285 -21.92 -17.89 -41.36
CA GLU E 285 -22.27 -17.88 -42.80
C GLU E 285 -21.98 -16.47 -43.37
N ASP E 286 -20.72 -16.01 -43.22
CA ASP E 286 -20.25 -14.72 -43.80
C ASP E 286 -18.73 -14.71 -43.74
N GLY E 287 -18.09 -13.61 -44.17
CA GLY E 287 -16.62 -13.51 -44.23
C GLY E 287 -16.04 -12.76 -43.05
N VAL E 288 -16.83 -12.50 -42.01
CA VAL E 288 -16.46 -11.53 -40.95
C VAL E 288 -15.46 -12.22 -40.03
N THR E 289 -14.22 -11.72 -39.98
CA THR E 289 -13.05 -12.23 -39.18
C THR E 289 -13.01 -11.57 -37.79
N LEU E 290 -13.57 -10.38 -37.70
CA LEU E 290 -13.51 -9.51 -36.51
C LEU E 290 -14.80 -8.73 -36.43
N GLN E 291 -15.46 -8.75 -35.30
CA GLN E 291 -16.72 -7.98 -35.06
C GLN E 291 -16.71 -7.57 -33.60
N ILE E 292 -16.59 -6.27 -33.35
CA ILE E 292 -16.58 -5.67 -32.01
C ILE E 292 -17.82 -4.81 -31.93
N LEU E 293 -18.71 -5.17 -31.01
CA LEU E 293 -20.02 -4.52 -30.85
C LEU E 293 -20.03 -3.87 -29.47
N SER E 294 -20.47 -2.62 -29.38
CA SER E 294 -20.60 -1.90 -28.09
C SER E 294 -22.04 -1.44 -27.87
N VAL E 295 -22.48 -1.45 -26.61
CA VAL E 295 -23.82 -0.92 -26.23
C VAL E 295 -23.67 -0.01 -25.03
N PHE E 296 -23.95 1.27 -25.25
CA PHE E 296 -23.99 2.32 -24.20
C PHE E 296 -24.68 1.79 -22.95
N PRO E 297 -24.14 2.04 -21.73
CA PRO E 297 -22.87 2.72 -21.52
C PRO E 297 -21.63 1.88 -21.19
N GLY E 298 -21.65 0.56 -21.35
CA GLY E 298 -20.50 -0.26 -20.91
C GLY E 298 -20.58 -1.73 -21.26
N PHE E 299 -21.24 -2.13 -22.35
CA PHE E 299 -21.29 -3.55 -22.79
C PHE E 299 -20.45 -3.71 -24.05
N VAL E 300 -19.66 -4.78 -24.11
CA VAL E 300 -18.96 -5.18 -25.36
C VAL E 300 -19.20 -6.66 -25.63
N LEU E 301 -19.55 -7.00 -26.87
CA LEU E 301 -19.55 -8.38 -27.42
C LEU E 301 -18.52 -8.42 -28.54
N GLN E 302 -17.64 -9.41 -28.51
CA GLN E 302 -16.56 -9.50 -29.51
C GLN E 302 -16.47 -10.92 -30.10
N GLN E 303 -16.15 -10.93 -31.38
CA GLN E 303 -15.77 -12.13 -32.15
C GLN E 303 -14.48 -11.77 -32.88
N ILE E 304 -13.38 -12.43 -32.56
CA ILE E 304 -12.08 -12.26 -33.25
C ILE E 304 -11.63 -13.67 -33.63
N GLN E 305 -11.74 -14.03 -34.90
CA GLN E 305 -11.63 -15.42 -35.39
C GLN E 305 -12.61 -16.28 -34.58
N ASN E 306 -12.12 -17.24 -33.82
CA ASN E 306 -12.98 -18.12 -32.98
C ASN E 306 -12.98 -17.64 -31.51
N SER E 307 -12.41 -16.48 -31.20
CA SER E 307 -12.40 -15.94 -29.82
C SER E 307 -13.66 -15.11 -29.61
N ILE E 308 -14.56 -15.63 -28.78
CA ILE E 308 -15.85 -15.00 -28.42
C ILE E 308 -15.72 -14.48 -26.98
N ALA E 309 -16.17 -13.28 -26.68
CA ALA E 309 -16.17 -12.81 -25.28
C ALA E 309 -17.12 -11.63 -25.11
N VAL E 310 -17.53 -11.46 -23.88
CA VAL E 310 -18.33 -10.30 -23.41
C VAL E 310 -17.42 -9.51 -22.47
N ARG E 311 -17.56 -8.19 -22.45
CA ARG E 311 -16.91 -7.29 -21.47
C ARG E 311 -17.98 -6.42 -20.82
N GLN E 312 -17.80 -6.16 -19.52
CA GLN E 312 -18.62 -5.24 -18.72
C GLN E 312 -17.69 -4.18 -18.16
N LEU E 313 -17.93 -2.92 -18.52
CA LEU E 313 -17.12 -1.76 -18.09
C LEU E 313 -17.91 -1.04 -17.00
N LEU E 314 -17.32 -0.90 -15.83
CA LEU E 314 -17.91 -0.14 -14.71
C LEU E 314 -16.98 1.00 -14.35
N PRO E 315 -17.55 2.13 -13.97
CA PRO E 315 -16.80 3.20 -13.34
C PRO E 315 -16.49 2.80 -11.90
N LYS E 316 -15.37 3.27 -11.36
CA LYS E 316 -15.06 3.03 -9.93
C LYS E 316 -14.72 4.33 -9.22
N SER E 317 -13.91 5.15 -9.83
CA SER E 317 -13.46 6.44 -9.24
C SER E 317 -13.23 7.38 -10.42
N ILE E 318 -13.06 8.68 -10.21
CA ILE E 318 -12.95 9.64 -11.35
C ILE E 318 -11.86 9.14 -12.33
N SER E 319 -10.79 8.52 -11.82
CA SER E 319 -9.62 8.12 -12.65
C SER E 319 -9.40 6.61 -12.61
N SER E 320 -10.43 5.83 -12.35
CA SER E 320 -10.33 4.37 -12.32
C SER E 320 -11.62 3.73 -12.84
N SER E 321 -11.49 2.61 -13.52
CA SER E 321 -12.66 1.83 -14.00
C SER E 321 -12.34 0.34 -13.94
N GLU E 322 -13.37 -0.49 -13.97
CA GLU E 322 -13.24 -1.96 -13.91
C GLU E 322 -13.76 -2.55 -15.22
N LEU E 323 -12.99 -3.46 -15.80
CA LEU E 323 -13.36 -4.23 -17.01
C LEU E 323 -13.47 -5.70 -16.65
N ASN E 324 -14.68 -6.25 -16.73
CA ASN E 324 -14.93 -7.67 -16.44
C ASN E 324 -15.09 -8.44 -17.76
N TRP E 325 -14.21 -9.40 -17.99
CA TRP E 325 -14.23 -10.30 -19.15
C TRP E 325 -15.04 -11.53 -18.77
N THR E 326 -15.97 -11.93 -19.63
CA THR E 326 -16.56 -13.29 -19.64
C THR E 326 -16.15 -13.97 -20.95
N TYR E 327 -15.19 -14.91 -20.91
CA TYR E 327 -14.76 -15.66 -22.13
C TYR E 327 -15.84 -16.71 -22.44
N LEU E 328 -16.13 -16.97 -23.72
CA LEU E 328 -17.24 -17.88 -24.15
C LEU E 328 -16.77 -18.92 -25.14
N GLY E 329 -17.31 -20.13 -24.98
CA GLY E 329 -17.37 -21.20 -25.97
C GLY E 329 -18.82 -21.40 -26.36
N TYR E 330 -19.07 -22.22 -27.37
CA TYR E 330 -20.44 -22.74 -27.65
C TYR E 330 -20.57 -24.11 -26.96
N ALA E 331 -21.74 -24.39 -26.39
CA ALA E 331 -22.03 -25.66 -25.66
C ALA E 331 -21.72 -26.87 -26.56
N ASP E 332 -21.93 -26.71 -27.88
CA ASP E 332 -21.80 -27.83 -28.87
C ASP E 332 -20.34 -27.98 -29.33
N ASP E 333 -19.41 -27.16 -28.83
CA ASP E 333 -17.97 -27.25 -29.19
C ASP E 333 -17.51 -28.70 -29.02
N SER E 334 -16.77 -29.23 -29.99
CA SER E 334 -15.94 -30.45 -29.83
C SER E 334 -14.70 -30.09 -29.02
N ALA E 335 -13.96 -31.10 -28.55
CA ALA E 335 -12.66 -30.90 -27.88
C ALA E 335 -11.78 -29.99 -28.73
N GLU E 336 -11.63 -30.33 -30.02
CA GLU E 336 -10.68 -29.61 -30.91
C GLU E 336 -11.15 -28.18 -31.11
N GLN E 337 -12.45 -27.94 -31.26
CA GLN E 337 -12.97 -26.56 -31.48
C GLN E 337 -12.71 -25.71 -30.24
N ARG E 338 -12.84 -26.31 -29.04
CA ARG E 338 -12.70 -25.56 -27.76
C ARG E 338 -11.22 -25.19 -27.61
N LYS E 339 -10.33 -26.14 -27.89
CA LYS E 339 -8.86 -25.94 -27.85
C LYS E 339 -8.52 -24.72 -28.70
N VAL E 340 -9.12 -24.59 -29.87
CA VAL E 340 -8.83 -23.43 -30.75
C VAL E 340 -9.17 -22.13 -29.99
N ARG E 341 -10.30 -22.09 -29.28
CA ARG E 341 -10.73 -20.85 -28.60
C ARG E 341 -9.80 -20.55 -27.42
N LEU E 342 -9.29 -21.59 -26.77
CA LEU E 342 -8.33 -21.48 -25.65
C LEU E 342 -7.00 -20.92 -26.17
N LYS E 343 -6.53 -21.34 -27.34
CA LYS E 343 -5.29 -20.79 -27.97
C LYS E 343 -5.55 -19.36 -28.39
N GLN E 344 -6.68 -19.08 -29.01
CA GLN E 344 -7.00 -17.74 -29.55
C GLN E 344 -7.31 -16.76 -28.42
N ALA E 345 -7.64 -17.21 -27.22
CA ALA E 345 -7.83 -16.32 -26.05
C ALA E 345 -6.55 -15.49 -25.78
N ASN E 346 -5.38 -15.98 -26.19
CA ASN E 346 -4.09 -15.27 -26.09
C ASN E 346 -4.16 -13.93 -26.82
N LEU E 347 -5.16 -13.72 -27.66
CA LEU E 347 -5.26 -12.48 -28.46
C LEU E 347 -5.92 -11.40 -27.61
N ILE E 348 -6.69 -11.82 -26.60
CA ILE E 348 -7.61 -10.92 -25.85
C ILE E 348 -7.26 -10.93 -24.35
N GLY E 349 -7.95 -10.06 -23.62
CA GLY E 349 -7.81 -9.97 -22.17
C GLY E 349 -6.55 -9.20 -21.77
N PRO E 350 -6.20 -9.29 -20.47
CA PRO E 350 -5.12 -8.49 -19.89
C PRO E 350 -3.74 -8.70 -20.54
N ALA E 351 -3.46 -9.86 -21.11
CA ALA E 351 -2.19 -10.20 -21.79
C ALA E 351 -2.38 -10.40 -23.32
N GLY E 352 -3.44 -9.87 -23.91
CA GLY E 352 -3.77 -10.14 -25.32
C GLY E 352 -2.73 -9.61 -26.29
N PHE E 353 -2.31 -10.43 -27.25
CA PHE E 353 -1.47 -9.94 -28.39
C PHE E 353 -2.12 -8.70 -28.99
N ILE E 354 -3.44 -8.72 -29.13
CA ILE E 354 -4.24 -7.57 -29.67
C ILE E 354 -4.53 -6.54 -28.57
N SER E 355 -5.06 -6.96 -27.43
CA SER E 355 -5.77 -6.05 -26.49
C SER E 355 -4.91 -5.59 -25.29
N MET E 356 -3.66 -6.06 -25.13
CA MET E 356 -2.78 -5.70 -23.99
C MET E 356 -2.80 -4.18 -23.82
N GLU E 357 -2.49 -3.44 -24.89
CA GLU E 357 -2.23 -1.97 -24.83
C GLU E 357 -3.53 -1.24 -24.48
N ASP E 358 -4.70 -1.83 -24.75
CA ASP E 358 -6.04 -1.22 -24.49
C ASP E 358 -6.10 -0.86 -23.00
N GLY E 359 -5.45 -1.61 -22.11
CA GLY E 359 -5.41 -1.31 -20.68
C GLY E 359 -4.64 -0.04 -20.34
N ALA E 360 -3.62 0.31 -21.12
CA ALA E 360 -2.64 1.39 -20.77
C ALA E 360 -2.96 2.70 -21.50
N VAL E 361 -3.52 2.67 -22.71
CA VAL E 361 -3.63 3.92 -23.50
C VAL E 361 -4.57 4.89 -22.77
N GLY E 362 -5.63 4.39 -22.14
CA GLY E 362 -6.54 5.21 -21.32
C GLY E 362 -5.75 6.00 -20.31
N GLY E 363 -4.85 5.32 -19.63
CA GLY E 363 -3.99 5.92 -18.59
C GLY E 363 -3.06 6.93 -19.19
N PHE E 364 -2.53 6.66 -20.37
CA PHE E 364 -1.61 7.58 -21.08
C PHE E 364 -2.34 8.91 -21.30
N VAL E 365 -3.63 8.85 -21.59
CA VAL E 365 -4.46 10.06 -21.83
C VAL E 365 -4.71 10.73 -20.48
N GLN E 366 -5.21 9.95 -19.51
CA GLN E 366 -5.45 10.46 -18.14
C GLN E 366 -4.23 11.26 -17.67
N ARG E 367 -3.02 10.78 -17.94
CA ARG E 367 -1.78 11.41 -17.45
C ARG E 367 -1.32 12.54 -18.38
N GLY E 368 -1.46 12.38 -19.69
CA GLY E 368 -1.06 13.40 -20.68
C GLY E 368 -1.83 14.72 -20.47
N ILE E 369 -3.05 14.65 -19.95
CA ILE E 369 -3.93 15.83 -19.87
C ILE E 369 -3.85 16.49 -18.50
N ALA E 370 -2.91 16.07 -17.66
CA ALA E 370 -2.83 16.52 -16.25
C ALA E 370 -2.83 18.06 -16.15
N GLY E 371 -2.19 18.76 -17.09
CA GLY E 371 -2.08 20.22 -17.10
C GLY E 371 -2.97 20.91 -18.14
N ALA E 372 -3.95 20.19 -18.69
CA ALA E 372 -4.75 20.59 -19.86
C ALA E 372 -6.23 20.34 -19.59
N ALA E 373 -6.69 20.54 -18.37
CA ALA E 373 -8.12 20.30 -18.05
C ALA E 373 -9.01 21.26 -18.88
N ASN E 374 -8.46 22.40 -19.30
CA ASN E 374 -9.24 23.50 -19.98
C ASN E 374 -9.15 23.36 -21.50
N LEU E 375 -8.39 22.38 -22.02
CA LEU E 375 -8.23 22.13 -23.48
C LEU E 375 -9.19 21.03 -23.96
N ASP E 376 -9.20 20.76 -25.26
CA ASP E 376 -10.21 19.93 -25.96
C ASP E 376 -9.49 18.83 -26.75
N ALA E 377 -10.00 17.59 -26.73
CA ALA E 377 -9.57 16.51 -27.63
C ALA E 377 -10.03 16.85 -29.05
N VAL E 378 -9.25 16.45 -30.05
CA VAL E 378 -9.60 16.67 -31.49
C VAL E 378 -10.03 15.35 -32.14
N ILE E 379 -11.27 15.30 -32.62
CA ILE E 379 -11.94 14.07 -33.16
C ILE E 379 -12.61 14.36 -34.51
N GLU E 380 -11.82 14.46 -35.58
CA GLU E 380 -12.25 14.98 -36.91
C GLU E 380 -12.17 13.91 -37.99
N MET E 381 -11.53 12.79 -37.69
CA MET E 381 -11.41 11.65 -38.64
C MET E 381 -12.81 11.23 -39.12
N GLY E 382 -13.05 11.33 -40.44
CA GLY E 382 -14.32 10.98 -41.10
C GLY E 382 -15.35 12.11 -41.03
N GLY E 383 -14.92 13.31 -40.64
CA GLY E 383 -15.72 14.56 -40.66
C GLY E 383 -16.41 14.87 -39.33
N ASP E 384 -17.67 15.29 -39.37
CA ASP E 384 -18.61 15.63 -38.27
C ASP E 384 -19.54 14.48 -37.97
N HIS E 385 -19.62 13.49 -38.88
CA HIS E 385 -20.81 12.60 -38.90
C HIS E 385 -20.66 11.58 -37.75
N GLU E 386 -21.82 11.05 -37.36
CA GLU E 386 -22.05 10.17 -36.19
C GLU E 386 -22.84 8.94 -36.66
N GLY E 387 -22.81 8.65 -37.98
CA GLY E 387 -23.49 7.50 -38.63
C GLY E 387 -22.50 6.50 -39.20
N SER E 388 -23.01 5.40 -39.78
CA SER E 388 -22.18 4.30 -40.33
C SER E 388 -21.26 4.79 -41.46
N SER E 389 -20.15 4.09 -41.70
CA SER E 389 -19.11 4.43 -42.72
C SER E 389 -18.45 3.16 -43.23
N GLU E 390 -18.08 3.12 -44.50
CA GLU E 390 -17.17 2.09 -45.06
C GLU E 390 -15.76 2.46 -44.58
N GLY E 391 -14.92 1.47 -44.33
CA GLY E 391 -13.55 1.68 -43.86
C GLY E 391 -13.55 2.05 -42.38
N ARG E 392 -12.36 2.07 -41.76
CA ARG E 392 -12.21 2.21 -40.30
C ARG E 392 -11.32 3.41 -39.93
N ALA E 393 -10.67 4.07 -40.90
CA ALA E 393 -9.90 5.31 -40.64
C ALA E 393 -10.88 6.50 -40.41
N THR E 394 -11.70 6.39 -39.38
CA THR E 394 -12.75 7.36 -38.96
C THR E 394 -12.88 7.32 -37.43
N GLU E 395 -13.52 8.33 -36.84
CA GLU E 395 -13.84 8.42 -35.40
C GLU E 395 -15.35 8.62 -35.21
N THR E 396 -16.16 8.18 -36.18
CA THR E 396 -17.64 8.40 -36.20
C THR E 396 -18.25 7.73 -34.96
N SER E 397 -17.82 6.51 -34.61
CA SER E 397 -18.35 5.73 -33.44
C SER E 397 -17.96 6.38 -32.11
N VAL E 398 -16.79 7.02 -32.07
CA VAL E 398 -16.37 7.86 -30.92
C VAL E 398 -17.28 9.10 -30.82
N ARG E 399 -17.46 9.86 -31.89
CA ARG E 399 -18.35 11.06 -31.87
C ARG E 399 -19.75 10.60 -31.47
N GLY E 400 -20.16 9.41 -31.92
CA GLY E 400 -21.46 8.84 -31.55
C GLY E 400 -21.61 8.70 -30.04
N PHE E 401 -20.58 8.16 -29.39
CA PHE E 401 -20.55 8.03 -27.92
C PHE E 401 -20.96 9.37 -27.30
N TRP E 402 -20.34 10.46 -27.77
CA TRP E 402 -20.53 11.79 -27.18
C TRP E 402 -21.90 12.38 -27.59
N LYS E 403 -22.41 12.05 -28.76
CA LYS E 403 -23.78 12.45 -29.12
C LYS E 403 -24.73 11.87 -28.07
N ALA E 404 -24.61 10.57 -27.80
CA ALA E 404 -25.46 9.84 -26.84
C ALA E 404 -25.26 10.41 -25.45
N TYR E 405 -24.00 10.67 -25.07
CA TYR E 405 -23.59 11.12 -23.73
C TYR E 405 -24.28 12.47 -23.44
N ARG E 406 -24.13 13.43 -24.35
CA ARG E 406 -24.61 14.82 -24.16
C ARG E 406 -26.13 14.82 -24.10
N LYS E 407 -26.76 13.97 -24.90
CA LYS E 407 -28.24 13.77 -24.89
C LYS E 407 -28.69 13.39 -23.48
N HIS E 408 -28.14 12.31 -22.93
CA HIS E 408 -28.45 11.80 -21.57
C HIS E 408 -28.08 12.83 -20.48
N MET E 409 -27.03 13.63 -20.70
CA MET E 409 -26.46 14.50 -19.63
C MET E 409 -27.05 15.91 -19.69
N GLY E 410 -27.89 16.19 -20.69
CA GLY E 410 -28.45 17.54 -20.91
C GLY E 410 -27.34 18.53 -21.22
N GLN E 411 -26.41 18.17 -22.12
CA GLN E 411 -25.17 18.96 -22.44
C GLN E 411 -25.13 19.33 -23.93
N GLU E 412 -26.30 19.33 -24.58
CA GLU E 412 -26.50 19.93 -25.92
C GLU E 412 -26.46 21.45 -25.69
N MET E 413 -26.36 22.23 -26.76
CA MET E 413 -26.28 23.73 -26.66
C MET E 413 -27.41 24.23 -25.72
N GLN E 414 -27.05 25.03 -24.72
CA GLN E 414 -28.08 25.63 -23.80
C GLN E 414 -28.66 26.92 -24.43
N ALA E 415 -29.98 27.12 -24.26
CA ALA E 415 -30.74 28.39 -24.11
C ALA E 415 -29.88 29.66 -24.37
N GLU E 416 -29.04 30.11 -23.44
CA GLU E 416 -28.24 31.37 -23.59
C GLU E 416 -27.34 31.25 -24.82
N ASN E 417 -26.64 30.14 -24.98
CA ASN E 417 -25.59 30.02 -26.03
C ASN E 417 -26.24 29.84 -27.38
N LEU E 418 -27.48 29.36 -27.36
CA LEU E 418 -28.31 29.15 -28.57
C LEU E 418 -28.83 30.54 -28.99
N TYR E 419 -29.34 31.33 -28.03
CA TYR E 419 -29.79 32.73 -28.26
C TYR E 419 -28.68 33.45 -29.02
N PHE E 420 -27.42 33.35 -28.55
CA PHE E 420 -26.32 34.21 -29.08
C PHE E 420 -26.05 33.75 -30.52
N GLN E 421 -25.81 32.45 -30.73
CA GLN E 421 -25.54 31.86 -32.08
C GLN E 421 -26.73 32.15 -33.06
N GLY E 422 -27.99 31.95 -32.64
CA GLY E 422 -29.20 32.33 -33.40
C GLY E 422 -29.86 33.56 -32.82
N GLU F 5 -14.49 31.37 6.08
CA GLU F 5 -14.48 30.15 5.22
C GLU F 5 -13.19 30.10 4.36
N SER F 6 -12.55 31.24 4.03
CA SER F 6 -11.25 31.28 3.33
C SER F 6 -10.12 31.11 4.35
N ILE F 7 -9.40 30.00 4.22
CA ILE F 7 -8.23 29.59 5.06
C ILE F 7 -6.93 30.10 4.40
N ILE F 8 -7.02 30.79 3.25
CA ILE F 8 -5.91 31.41 2.45
C ILE F 8 -5.99 32.95 2.53
N GLN F 9 -6.60 33.43 3.62
CA GLN F 9 -6.61 34.85 4.06
C GLN F 9 -5.27 35.17 4.70
N TRP F 10 -4.44 35.99 4.06
CA TRP F 10 -3.19 36.53 4.64
C TRP F 10 -3.52 37.55 5.75
N HIS F 11 -2.81 37.48 6.89
CA HIS F 11 -3.01 38.39 8.06
C HIS F 11 -2.66 39.83 7.66
N GLY F 12 -1.50 40.06 7.03
CA GLY F 12 -0.97 41.39 6.64
C GLY F 12 -0.12 41.33 5.37
N ALA F 13 0.65 42.37 5.08
CA ALA F 13 1.49 42.52 3.85
C ALA F 13 2.91 42.03 4.12
N THR F 14 3.15 41.40 5.26
CA THR F 14 4.48 41.41 5.93
C THR F 14 5.23 40.07 5.72
N ASN F 15 4.51 38.93 5.70
CA ASN F 15 5.05 37.54 5.57
C ASN F 15 5.63 37.02 6.91
N THR F 16 5.36 37.67 8.03
CA THR F 16 5.66 37.11 9.38
C THR F 16 4.58 36.11 9.75
N ARG F 17 3.49 36.05 8.98
CA ARG F 17 2.33 35.14 9.25
C ARG F 17 1.88 34.46 7.94
N VAL F 18 1.94 33.14 7.90
CA VAL F 18 1.52 32.30 6.74
C VAL F 18 0.26 31.53 7.13
N PRO F 19 -0.86 31.65 6.38
CA PRO F 19 -2.07 30.88 6.69
C PRO F 19 -1.82 29.39 6.42
N PHE F 20 -2.06 28.54 7.42
CA PHE F 20 -1.81 27.08 7.34
C PHE F 20 -2.69 26.45 6.24
N GLY F 21 -3.77 27.12 5.85
CA GLY F 21 -4.66 26.72 4.75
C GLY F 21 -3.91 26.65 3.43
N ILE F 22 -2.80 27.37 3.31
CA ILE F 22 -2.06 27.47 2.03
C ILE F 22 -1.53 26.08 1.64
N TYR F 23 -1.42 25.18 2.62
CA TYR F 23 -0.83 23.81 2.49
C TYR F 23 -1.91 22.73 2.28
N THR F 24 -3.17 23.15 2.16
CA THR F 24 -4.39 22.31 2.23
C THR F 24 -5.40 22.66 1.13
N ASP F 25 -5.54 23.93 0.73
CA ASP F 25 -6.62 24.37 -0.18
C ASP F 25 -6.33 23.84 -1.60
N THR F 26 -7.22 23.01 -2.13
CA THR F 26 -6.99 22.32 -3.43
C THR F 26 -7.20 23.29 -4.59
N ALA F 27 -8.16 24.21 -4.48
CA ALA F 27 -8.39 25.28 -5.48
C ALA F 27 -7.13 26.14 -5.61
N ASN F 28 -6.49 26.43 -4.46
CA ASN F 28 -5.27 27.26 -4.38
C ASN F 28 -4.15 26.52 -5.08
N ALA F 29 -4.10 25.20 -4.97
CA ALA F 29 -3.06 24.36 -5.62
C ALA F 29 -3.24 24.47 -7.13
N ASP F 30 -4.48 24.43 -7.61
CA ASP F 30 -4.75 24.47 -9.07
C ASP F 30 -4.31 25.87 -9.56
N GLN F 31 -4.49 26.92 -8.77
CA GLN F 31 -3.98 28.29 -9.08
C GLN F 31 -2.45 28.25 -9.16
N GLU F 32 -1.78 27.51 -8.28
CA GLU F 32 -0.30 27.37 -8.29
C GLU F 32 0.13 26.79 -9.64
N GLN F 33 -0.65 25.84 -10.19
CA GLN F 33 -0.34 25.27 -11.53
C GLN F 33 -0.43 26.37 -12.58
N GLN F 34 -1.51 27.15 -12.60
CA GLN F 34 -1.77 28.17 -13.65
C GLN F 34 -0.79 29.33 -13.49
N ARG F 35 -0.57 29.77 -12.25
CA ARG F 35 0.08 31.07 -11.95
C ARG F 35 1.57 30.93 -11.65
N ILE F 36 2.01 29.80 -11.09
CA ILE F 36 3.45 29.55 -10.80
C ILE F 36 4.02 28.67 -11.91
N TYR F 37 3.68 27.38 -11.94
CA TYR F 37 4.45 26.39 -12.74
C TYR F 37 4.34 26.73 -14.23
N ARG F 38 3.14 27.11 -14.71
CA ARG F 38 2.93 27.57 -16.11
C ARG F 38 2.88 29.11 -16.17
N GLY F 39 3.40 29.82 -15.18
CA GLY F 39 3.49 31.30 -15.14
C GLY F 39 4.91 31.79 -15.37
N GLU F 40 5.23 32.97 -14.86
CA GLU F 40 6.51 33.66 -15.13
C GLU F 40 7.58 33.09 -14.19
N VAL F 41 7.88 31.80 -14.34
CA VAL F 41 8.98 31.13 -13.62
C VAL F 41 9.84 30.35 -14.61
N TRP F 42 11.02 29.95 -14.13
CA TRP F 42 11.89 28.95 -14.78
C TRP F 42 11.85 27.63 -13.98
N ASN F 43 11.35 26.57 -14.63
CA ASN F 43 11.25 25.20 -14.08
C ASN F 43 12.53 24.44 -14.42
N TYR F 44 13.24 23.88 -13.44
CA TYR F 44 14.43 23.05 -13.73
C TYR F 44 13.97 21.75 -14.37
N LEU F 45 14.60 21.41 -15.50
CA LEU F 45 14.26 20.21 -16.31
C LEU F 45 15.34 19.11 -16.13
N CYS F 46 16.60 19.41 -16.38
CA CYS F 46 17.69 18.43 -16.40
C CYS F 46 19.03 19.14 -16.59
N LEU F 47 20.10 18.37 -16.56
CA LEU F 47 21.46 18.85 -16.86
C LEU F 47 21.70 18.67 -18.34
N GLU F 48 22.45 19.62 -18.90
CA GLU F 48 22.87 19.62 -20.30
C GLU F 48 23.69 18.34 -20.52
N SER F 49 24.46 17.88 -19.54
CA SER F 49 25.33 16.68 -19.66
C SER F 49 24.48 15.40 -19.69
N GLU F 50 23.22 15.48 -19.26
CA GLU F 50 22.26 14.33 -19.34
C GLU F 50 21.70 14.21 -20.76
N ILE F 51 21.82 15.24 -21.61
CA ILE F 51 21.36 15.14 -23.03
C ILE F 51 22.46 15.72 -23.92
N PRO F 52 23.64 15.09 -23.94
CA PRO F 52 24.81 15.72 -24.61
C PRO F 52 24.68 15.82 -26.14
N GLY F 53 24.22 14.74 -26.79
CA GLY F 53 24.19 14.60 -28.27
C GLY F 53 22.79 14.76 -28.85
N ALA F 54 22.72 14.91 -30.17
CA ALA F 54 21.47 15.23 -30.92
C ALA F 54 20.53 14.02 -30.82
N GLY F 55 19.29 14.27 -30.42
CA GLY F 55 18.28 13.24 -30.16
C GLY F 55 18.20 12.79 -28.71
N ASP F 56 19.24 13.00 -27.91
CA ASP F 56 19.21 12.66 -26.46
C ASP F 56 18.07 13.45 -25.82
N PHE F 57 17.15 12.75 -25.14
CA PHE F 57 15.99 13.36 -24.45
C PHE F 57 15.85 12.78 -23.04
N ARG F 58 15.11 13.52 -22.22
CA ARG F 58 14.57 13.05 -20.93
C ARG F 58 13.09 13.46 -20.86
N THR F 59 12.30 12.83 -20.00
CA THR F 59 10.95 13.32 -19.60
C THR F 59 10.97 13.69 -18.11
N THR F 60 10.21 14.72 -17.77
CA THR F 60 10.05 15.19 -16.38
C THR F 60 8.75 15.99 -16.32
N PHE F 61 8.68 16.91 -15.36
CA PHE F 61 7.46 17.67 -15.03
C PHE F 61 7.83 19.14 -14.86
N ALA F 62 6.89 20.00 -15.18
CA ALA F 62 6.83 21.40 -14.71
C ALA F 62 5.49 21.51 -13.97
N GLY F 63 5.57 21.51 -12.65
CA GLY F 63 4.41 21.25 -11.78
C GLY F 63 3.77 19.93 -12.13
N GLU F 64 2.44 19.94 -12.28
CA GLU F 64 1.61 18.74 -12.63
C GLU F 64 1.92 18.30 -14.08
N THR F 65 2.48 19.19 -14.91
CA THR F 65 2.46 19.06 -16.39
C THR F 65 3.69 18.30 -16.86
N PRO F 66 3.51 17.14 -17.51
CA PRO F 66 4.66 16.38 -17.98
C PRO F 66 5.32 17.09 -19.18
N ILE F 67 6.63 16.91 -19.32
CA ILE F 67 7.50 17.69 -20.24
C ILE F 67 8.47 16.72 -20.93
N VAL F 68 8.69 16.94 -22.22
CA VAL F 68 9.86 16.35 -22.97
C VAL F 68 10.93 17.44 -23.16
N VAL F 69 12.18 17.10 -22.89
CA VAL F 69 13.34 18.00 -23.10
C VAL F 69 14.35 17.22 -23.93
N VAL F 70 14.85 17.85 -25.02
CA VAL F 70 15.63 17.15 -26.07
C VAL F 70 16.65 18.08 -26.76
N ARG F 71 17.81 17.53 -27.05
CA ARG F 71 18.89 18.13 -27.86
C ARG F 71 18.59 17.88 -29.33
N ASP F 72 18.77 18.89 -30.20
CA ASP F 72 18.65 18.79 -31.68
C ASP F 72 20.03 18.93 -32.34
N ALA F 73 20.10 18.69 -33.65
CA ALA F 73 21.34 18.68 -34.48
C ALA F 73 22.07 20.03 -34.37
N ASP F 74 21.31 21.14 -34.26
CA ASP F 74 21.84 22.53 -34.12
C ASP F 74 22.58 22.70 -32.78
N GLN F 75 22.59 21.66 -31.92
CA GLN F 75 23.22 21.63 -30.57
C GLN F 75 22.36 22.44 -29.58
N GLU F 76 21.18 22.92 -29.98
CA GLU F 76 20.28 23.63 -29.06
C GLU F 76 19.38 22.62 -28.35
N ILE F 77 18.76 23.04 -27.25
CA ILE F 77 17.86 22.21 -26.43
C ILE F 77 16.44 22.78 -26.53
N TYR F 78 15.46 21.92 -26.77
CA TYR F 78 14.03 22.27 -26.86
C TYR F 78 13.24 21.50 -25.81
N ALA F 79 12.05 22.04 -25.51
CA ALA F 79 11.13 21.40 -24.56
C ALA F 79 9.69 21.70 -24.97
N PHE F 80 8.83 20.69 -24.85
CA PHE F 80 7.38 20.82 -25.11
C PHE F 80 6.64 19.91 -24.13
N GLU F 81 5.39 20.29 -23.86
CA GLU F 81 4.41 19.56 -23.06
C GLU F 81 4.29 18.13 -23.63
N ASN F 82 4.36 17.12 -22.79
CA ASN F 82 4.28 15.68 -23.18
C ASN F 82 2.81 15.26 -23.33
N ARG F 83 2.09 15.93 -24.24
CA ARG F 83 0.64 15.73 -24.49
C ARG F 83 0.37 15.76 -26.00
N CYS F 84 -0.12 14.65 -26.53
CA CYS F 84 -0.48 14.50 -27.95
C CYS F 84 -1.67 15.42 -28.23
N ALA F 85 -1.60 16.19 -29.31
CA ALA F 85 -2.61 17.20 -29.68
C ALA F 85 -3.84 16.50 -30.28
N HIS F 86 -3.81 15.19 -30.44
CA HIS F 86 -4.97 14.38 -30.86
C HIS F 86 -5.94 14.27 -29.68
N ARG F 87 -5.82 13.21 -28.87
CA ARG F 87 -6.74 12.92 -27.75
C ARG F 87 -5.99 12.95 -26.39
N GLY F 88 -4.73 13.37 -26.34
CA GLY F 88 -4.09 13.85 -25.10
C GLY F 88 -3.11 12.86 -24.48
N ALA F 89 -2.86 11.71 -25.09
CA ALA F 89 -1.90 10.72 -24.54
C ALA F 89 -0.49 11.31 -24.34
N LEU F 90 0.22 10.86 -23.31
CA LEU F 90 1.70 11.03 -23.22
C LEU F 90 2.31 10.64 -24.56
N ILE F 91 3.24 11.45 -25.06
CA ILE F 91 3.95 11.23 -26.35
C ILE F 91 5.15 10.33 -26.10
N ALA F 92 6.08 10.77 -25.24
CA ALA F 92 7.28 10.00 -24.89
C ALA F 92 7.03 9.24 -23.59
N LEU F 93 7.16 7.91 -23.59
CA LEU F 93 6.74 7.02 -22.46
C LEU F 93 7.93 6.67 -21.57
N GLU F 94 9.15 7.05 -21.96
CA GLU F 94 10.42 6.64 -21.30
C GLU F 94 11.03 7.84 -20.56
N LYS F 95 11.66 7.57 -19.43
CA LYS F 95 12.43 8.53 -18.59
C LYS F 95 13.47 9.22 -19.49
N SER F 96 14.11 8.48 -20.40
CA SER F 96 15.25 8.97 -21.21
C SER F 96 15.51 8.07 -22.41
N GLY F 97 16.23 8.58 -23.40
CA GLY F 97 16.60 7.85 -24.63
C GLY F 97 17.18 8.80 -25.67
N ARG F 98 17.31 8.32 -26.89
CA ARG F 98 17.72 9.09 -28.06
C ARG F 98 16.73 8.77 -29.18
N THR F 99 16.18 9.77 -29.83
CA THR F 99 15.23 9.51 -30.94
C THR F 99 15.45 10.54 -32.07
N ASP F 100 15.07 10.18 -33.30
CA ASP F 100 15.05 11.10 -34.47
C ASP F 100 13.81 11.98 -34.34
N SER F 101 12.66 11.37 -34.07
CA SER F 101 11.42 12.12 -33.75
C SER F 101 10.59 11.36 -32.69
N PHE F 102 9.57 12.01 -32.12
CA PHE F 102 8.66 11.43 -31.11
C PHE F 102 7.42 10.94 -31.82
N GLN F 103 6.79 9.91 -31.29
CA GLN F 103 5.55 9.38 -31.86
C GLN F 103 4.64 8.94 -30.73
N CYS F 104 3.42 9.47 -30.68
CA CYS F 104 2.30 8.99 -29.81
C CYS F 104 1.90 7.60 -30.28
N VAL F 105 1.92 6.61 -29.39
CA VAL F 105 1.74 5.18 -29.79
C VAL F 105 0.28 4.92 -30.08
N TYR F 106 -0.63 5.78 -29.61
CA TYR F 106 -2.09 5.49 -29.62
C TYR F 106 -2.56 5.46 -31.10
N HIS F 107 -2.31 6.54 -31.87
CA HIS F 107 -2.68 6.65 -33.30
C HIS F 107 -1.52 7.19 -34.15
N ALA F 108 -0.28 7.03 -33.70
CA ALA F 108 0.93 7.18 -34.53
C ALA F 108 1.00 8.60 -35.13
N TRP F 109 0.68 9.63 -34.36
CA TRP F 109 1.04 11.03 -34.70
C TRP F 109 2.53 11.28 -34.34
N SER F 110 3.28 11.81 -35.32
CA SER F 110 4.73 12.10 -35.25
C SER F 110 4.93 13.58 -34.88
N TYR F 111 5.89 13.85 -34.00
CA TYR F 111 6.33 15.20 -33.55
C TYR F 111 7.83 15.28 -33.74
N ASN F 112 8.34 16.40 -34.23
CA ASN F 112 9.81 16.68 -34.33
C ASN F 112 10.28 17.10 -32.93
N ARG F 113 11.58 17.38 -32.79
CA ARG F 113 12.19 17.66 -31.47
C ARG F 113 11.77 19.04 -30.94
N GLN F 114 11.02 19.83 -31.71
CA GLN F 114 10.53 21.18 -31.28
C GLN F 114 9.12 21.00 -30.72
N GLY F 115 8.49 19.88 -31.02
CA GLY F 115 7.11 19.61 -30.60
C GLY F 115 6.07 19.91 -31.66
N ASP F 116 6.51 20.00 -32.93
CA ASP F 116 5.62 20.27 -34.09
C ASP F 116 5.07 18.93 -34.54
N LEU F 117 3.75 18.89 -34.78
CA LEU F 117 3.07 17.76 -35.47
C LEU F 117 3.57 17.65 -36.92
N THR F 118 4.37 16.63 -37.23
CA THR F 118 4.96 16.39 -38.57
C THR F 118 4.23 15.26 -39.28
N GLY F 119 3.31 14.56 -38.63
CA GLY F 119 2.74 13.35 -39.25
C GLY F 119 1.48 12.87 -38.53
N VAL F 120 0.48 12.48 -39.31
CA VAL F 120 -0.83 11.98 -38.80
C VAL F 120 -1.14 10.69 -39.53
N ALA F 121 -1.15 9.57 -38.82
CA ALA F 121 -1.45 8.24 -39.42
C ALA F 121 -2.82 8.34 -40.09
N PHE F 122 -2.87 7.91 -41.36
CA PHE F 122 -4.08 7.86 -42.21
C PHE F 122 -4.72 9.26 -42.34
N GLU F 123 -3.92 10.32 -42.36
CA GLU F 123 -4.47 11.69 -42.53
C GLU F 123 -5.30 11.75 -43.82
N LYS F 124 -4.87 11.01 -44.86
CA LYS F 124 -5.46 11.02 -46.22
C LYS F 124 -6.33 9.78 -46.42
N GLY F 125 -6.83 9.18 -45.33
CA GLY F 125 -7.68 7.99 -45.39
C GLY F 125 -6.89 6.73 -45.75
N VAL F 126 -7.59 5.62 -45.96
CA VAL F 126 -7.10 4.30 -46.47
C VAL F 126 -8.00 3.90 -47.64
N LYS F 127 -7.45 3.85 -48.86
CA LYS F 127 -8.19 3.59 -50.14
C LYS F 127 -9.31 4.64 -50.31
N GLY F 128 -8.93 5.92 -50.29
CA GLY F 128 -9.81 7.08 -50.47
C GLY F 128 -11.02 7.08 -49.55
N GLN F 129 -10.92 6.38 -48.41
CA GLN F 129 -11.99 6.29 -47.39
C GLN F 129 -11.51 6.91 -46.08
N GLY F 130 -12.37 7.75 -45.50
CA GLY F 130 -12.14 8.50 -44.25
C GLY F 130 -10.85 9.31 -44.27
N GLY F 131 -10.16 9.43 -43.14
CA GLY F 131 -9.06 10.39 -42.97
C GLY F 131 -9.60 11.75 -42.55
N MET F 132 -8.74 12.77 -42.58
CA MET F 132 -9.06 14.11 -42.06
C MET F 132 -9.87 14.87 -43.08
N PRO F 133 -10.71 15.85 -42.67
CA PRO F 133 -11.39 16.72 -43.61
C PRO F 133 -10.34 17.60 -44.31
N ALA F 134 -10.66 18.11 -45.50
CA ALA F 134 -9.78 18.97 -46.30
C ALA F 134 -9.27 20.13 -45.44
N SER F 135 -10.14 20.67 -44.57
CA SER F 135 -9.91 21.86 -43.68
C SER F 135 -8.88 21.59 -42.58
N PHE F 136 -8.48 20.34 -42.32
CA PHE F 136 -7.55 20.00 -41.20
C PHE F 136 -6.11 20.25 -41.66
N CYS F 137 -5.34 20.91 -40.79
CA CYS F 137 -3.98 21.43 -41.05
C CYS F 137 -3.08 21.11 -39.83
N LYS F 138 -2.09 20.24 -40.04
CA LYS F 138 -1.16 19.75 -39.00
C LYS F 138 -0.60 20.90 -38.15
N GLU F 139 -0.26 22.02 -38.79
CA GLU F 139 0.53 23.11 -38.19
C GLU F 139 -0.35 23.86 -37.16
N GLU F 140 -1.66 23.58 -37.10
CA GLU F 140 -2.63 24.28 -36.21
C GLU F 140 -2.83 23.48 -34.92
N HIS F 141 -2.24 22.28 -34.81
CA HIS F 141 -2.37 21.38 -33.62
C HIS F 141 -0.98 21.03 -33.10
N GLY F 142 -0.81 21.08 -31.77
CA GLY F 142 0.51 20.84 -31.15
C GLY F 142 0.49 20.98 -29.63
N PRO F 143 1.37 20.24 -28.91
CA PRO F 143 1.60 20.52 -27.49
C PRO F 143 2.12 21.96 -27.30
N ARG F 144 1.79 22.59 -26.17
CA ARG F 144 2.39 23.87 -25.76
C ARG F 144 3.92 23.67 -25.71
N LYS F 145 4.66 24.51 -26.41
CA LYS F 145 6.13 24.49 -26.39
C LYS F 145 6.56 25.34 -25.21
N LEU F 146 7.74 25.03 -24.67
CA LEU F 146 8.36 25.80 -23.57
C LEU F 146 9.52 26.61 -24.15
N ARG F 147 9.71 27.81 -23.64
CA ARG F 147 11.00 28.56 -23.75
C ARG F 147 11.98 27.77 -22.91
N VAL F 148 13.14 27.50 -23.47
CA VAL F 148 14.31 26.90 -22.77
C VAL F 148 15.41 27.93 -22.57
N ALA F 149 16.06 27.82 -21.42
CA ALA F 149 17.22 28.62 -21.01
C ALA F 149 18.25 27.68 -20.42
N VAL F 150 19.53 27.98 -20.61
CA VAL F 150 20.68 27.20 -20.12
C VAL F 150 21.50 28.12 -19.22
N PHE F 151 22.03 27.63 -18.10
CA PHE F 151 23.01 28.39 -17.29
C PHE F 151 24.04 27.44 -16.68
N CYS F 152 25.26 27.51 -17.16
CA CYS F 152 26.40 26.69 -16.68
C CYS F 152 26.02 25.21 -16.62
N GLY F 153 25.23 24.70 -17.57
CA GLY F 153 24.88 23.25 -17.62
C GLY F 153 23.52 22.92 -17.04
N LEU F 154 22.78 23.91 -16.54
CA LEU F 154 21.42 23.72 -15.99
C LEU F 154 20.39 24.07 -17.07
N VAL F 155 19.48 23.17 -17.41
CA VAL F 155 18.39 23.43 -18.40
C VAL F 155 17.11 23.76 -17.64
N PHE F 156 16.53 24.92 -17.93
CA PHE F 156 15.25 25.41 -17.38
C PHE F 156 14.20 25.59 -18.49
N GLY F 157 12.91 25.44 -18.18
CA GLY F 157 11.82 25.64 -19.14
C GLY F 157 10.74 26.55 -18.58
N SER F 158 10.15 27.42 -19.39
CA SER F 158 8.99 28.27 -18.98
C SER F 158 7.88 28.16 -20.00
N PHE F 159 6.63 28.30 -19.56
CA PHE F 159 5.45 28.37 -20.47
C PHE F 159 5.16 29.82 -20.89
N SER F 160 5.81 30.80 -20.27
CA SER F 160 5.49 32.26 -20.37
C SER F 160 6.40 32.95 -21.38
N GLU F 161 5.83 33.64 -22.36
CA GLU F 161 6.62 34.52 -23.29
C GLU F 161 7.27 35.64 -22.48
N ASP F 162 6.56 36.10 -21.44
CA ASP F 162 6.83 37.35 -20.67
C ASP F 162 7.90 37.14 -19.61
N VAL F 163 8.23 35.88 -19.27
CA VAL F 163 9.23 35.56 -18.23
C VAL F 163 10.55 36.23 -18.59
N PRO F 164 11.25 36.85 -17.63
CA PRO F 164 12.56 37.46 -17.90
C PRO F 164 13.61 36.40 -18.26
N SER F 165 14.78 36.83 -18.72
CA SER F 165 15.93 35.94 -19.06
C SER F 165 16.33 35.22 -17.78
N ILE F 166 16.97 34.07 -17.93
CA ILE F 166 17.45 33.28 -16.75
C ILE F 166 18.40 34.16 -15.93
N GLU F 167 19.25 34.96 -16.58
CA GLU F 167 20.25 35.81 -15.84
C GLU F 167 19.50 36.86 -15.02
N ASP F 168 18.48 37.48 -15.59
CA ASP F 168 17.65 38.52 -14.93
C ASP F 168 16.79 37.87 -13.84
N TYR F 169 16.17 36.72 -14.13
CA TYR F 169 15.36 35.93 -13.16
C TYR F 169 16.22 35.56 -11.96
N LEU F 170 17.41 34.99 -12.19
CA LEU F 170 18.30 34.51 -11.10
C LEU F 170 18.79 35.73 -10.32
N GLY F 171 19.17 36.78 -11.06
CA GLY F 171 19.90 37.94 -10.52
C GLY F 171 21.39 37.65 -10.49
N PRO F 172 22.21 38.71 -10.32
CA PRO F 172 23.67 38.60 -10.42
C PRO F 172 24.30 37.81 -9.27
N GLU F 173 23.76 37.93 -8.05
CA GLU F 173 24.40 37.29 -6.87
C GLU F 173 24.19 35.78 -7.04
N ILE F 174 23.04 35.35 -7.53
CA ILE F 174 22.77 33.89 -7.63
C ILE F 174 23.52 33.34 -8.85
N CYS F 175 23.56 34.10 -9.94
CA CYS F 175 24.35 33.75 -11.15
C CYS F 175 25.78 33.43 -10.74
N GLU F 176 26.40 34.26 -9.92
CA GLU F 176 27.82 34.10 -9.51
C GLU F 176 27.95 32.86 -8.64
N ARG F 177 26.99 32.66 -7.74
CA ARG F 177 27.04 31.54 -6.77
C ARG F 177 26.89 30.21 -7.54
N ILE F 178 26.09 30.17 -8.60
CA ILE F 178 25.96 28.95 -9.45
C ILE F 178 27.26 28.72 -10.23
N GLU F 179 27.77 29.76 -10.93
CA GLU F 179 28.99 29.65 -11.77
C GLU F 179 30.14 29.17 -10.89
N ARG F 180 30.17 29.60 -9.63
CA ARG F 180 31.23 29.21 -8.66
C ARG F 180 31.41 27.68 -8.65
N VAL F 181 30.30 26.96 -8.63
CA VAL F 181 30.23 25.47 -8.54
C VAL F 181 30.30 24.84 -9.93
N LEU F 182 29.51 25.37 -10.86
CA LEU F 182 29.30 24.70 -12.18
C LEU F 182 30.19 25.32 -13.25
N HIS F 183 31.45 25.59 -12.94
CA HIS F 183 32.39 26.37 -13.79
C HIS F 183 33.06 25.42 -14.79
N LYS F 184 32.81 24.13 -14.64
CA LYS F 184 33.40 23.02 -15.42
C LYS F 184 32.31 22.00 -15.76
N PRO F 185 32.59 21.10 -16.73
CA PRO F 185 31.65 20.04 -17.07
C PRO F 185 31.49 19.10 -15.85
N VAL F 186 30.22 18.83 -15.54
CA VAL F 186 29.79 17.89 -14.48
C VAL F 186 29.31 16.58 -15.14
N GLU F 187 29.33 15.53 -14.33
CA GLU F 187 29.01 14.12 -14.71
C GLU F 187 28.06 13.58 -13.63
N VAL F 188 26.90 13.05 -14.04
CA VAL F 188 25.97 12.44 -13.03
C VAL F 188 26.62 11.19 -12.44
N ILE F 189 26.67 11.05 -11.11
CA ILE F 189 27.27 9.83 -10.44
C ILE F 189 26.19 9.03 -9.69
N GLY F 190 24.96 9.49 -9.67
CA GLY F 190 23.84 8.68 -9.16
C GLY F 190 22.57 9.52 -9.13
N ARG F 191 21.43 8.86 -9.17
CA ARG F 191 20.10 9.50 -9.00
C ARG F 191 19.35 8.70 -7.93
N PHE F 192 18.58 9.40 -7.10
CA PHE F 192 17.64 8.85 -6.12
C PHE F 192 16.46 9.80 -5.99
N THR F 193 15.27 9.23 -5.80
CA THR F 193 14.02 10.01 -5.63
C THR F 193 13.53 9.77 -4.23
N GLN F 194 13.06 10.80 -3.54
CA GLN F 194 12.32 10.71 -2.25
C GLN F 194 10.86 11.10 -2.47
N LYS F 195 9.89 10.29 -2.04
CA LYS F 195 8.47 10.69 -1.99
C LYS F 195 8.20 11.30 -0.60
N LEU F 196 7.92 12.58 -0.58
CA LEU F 196 7.74 13.38 0.66
C LEU F 196 6.27 13.41 1.00
N PRO F 197 5.88 13.06 2.25
CA PRO F 197 4.48 13.09 2.65
C PRO F 197 4.09 14.51 3.09
N ASN F 198 4.27 15.49 2.22
CA ASN F 198 3.96 16.89 2.55
C ASN F 198 3.74 17.65 1.26
N ASN F 199 2.91 18.69 1.34
CA ASN F 199 2.81 19.77 0.34
C ASN F 199 4.22 20.23 -0.08
N TRP F 200 4.46 20.42 -1.36
CA TRP F 200 5.77 20.88 -1.90
C TRP F 200 6.33 22.07 -1.11
N LYS F 201 5.47 23.02 -0.77
CA LYS F 201 5.91 24.31 -0.19
C LYS F 201 6.68 24.03 1.10
N LEU F 202 6.25 23.05 1.90
CA LEU F 202 6.94 22.70 3.18
C LEU F 202 8.38 22.25 2.90
N TYR F 203 8.64 21.53 1.82
CA TYR F 203 10.04 21.08 1.58
C TYR F 203 10.88 22.28 1.13
N PHE F 204 10.32 23.15 0.28
CA PHE F 204 11.06 24.29 -0.29
C PHE F 204 11.35 25.32 0.82
N GLU F 205 10.36 25.57 1.69
CA GLU F 205 10.57 26.38 2.92
C GLU F 205 11.78 25.80 3.64
N ASN F 206 11.77 24.49 3.87
CA ASN F 206 12.83 23.80 4.63
C ASN F 206 14.20 23.99 3.99
N VAL F 207 14.32 23.98 2.66
CA VAL F 207 15.61 24.19 1.95
C VAL F 207 16.16 25.56 2.36
N LYS F 208 15.27 26.55 2.49
CA LYS F 208 15.56 27.97 2.74
C LYS F 208 15.66 28.25 4.24
N ASP F 209 15.39 27.25 5.09
CA ASP F 209 15.28 27.48 6.55
C ASP F 209 16.67 27.43 7.17
N SER F 210 17.41 28.55 7.17
CA SER F 210 18.77 28.68 7.80
C SER F 210 18.68 28.48 9.31
N TYR F 211 17.55 28.87 9.92
CA TYR F 211 17.24 28.69 11.36
C TYR F 211 17.34 27.21 11.70
N HIS F 212 16.61 26.36 10.95
CA HIS F 212 16.60 24.89 11.12
C HIS F 212 18.02 24.34 10.90
N ALA F 213 18.68 24.78 9.82
CA ALA F 213 19.93 24.18 9.30
C ALA F 213 21.03 24.46 10.31
N SER F 214 21.12 25.70 10.81
CA SER F 214 22.06 26.10 11.89
C SER F 214 21.88 25.18 13.14
N LEU F 215 20.68 24.70 13.49
CA LEU F 215 20.48 23.74 14.63
C LEU F 215 21.25 22.45 14.32
N LEU F 216 21.42 22.07 13.04
CA LEU F 216 22.17 20.87 12.56
C LEU F 216 23.51 21.30 11.92
N SER F 229 35.78 27.21 13.61
CA SER F 229 35.51 28.68 13.67
C SER F 229 35.04 29.17 12.29
N GLN F 230 33.73 29.18 12.11
CA GLN F 230 33.08 29.47 10.81
C GLN F 230 32.08 30.58 10.99
N LYS F 231 32.06 31.53 10.05
CA LYS F 231 30.96 32.52 9.89
C LYS F 231 30.12 32.07 8.70
N GLY F 232 28.83 32.39 8.75
CA GLY F 232 27.83 32.07 7.71
C GLY F 232 27.09 33.31 7.24
N GLY F 233 26.14 33.12 6.34
CA GLY F 233 25.25 34.20 5.88
C GLY F 233 24.13 33.65 5.04
N VAL F 234 23.21 34.51 4.67
CA VAL F 234 22.00 34.19 3.86
C VAL F 234 21.84 35.31 2.87
N ILE F 235 21.87 34.99 1.58
CA ILE F 235 21.59 35.95 0.47
C ILE F 235 20.18 35.69 -0.05
N VAL F 236 19.46 36.75 -0.42
CA VAL F 236 18.14 36.64 -1.08
C VAL F 236 18.13 37.59 -2.28
N ASP F 237 17.76 37.08 -3.46
CA ASP F 237 17.58 37.88 -4.70
C ASP F 237 16.50 38.96 -4.46
N GLU F 238 16.33 39.87 -5.40
CA GLU F 238 15.38 41.00 -5.23
C GLU F 238 13.94 40.49 -5.18
N SER F 239 13.60 39.40 -5.86
CA SER F 239 12.21 38.89 -5.94
C SER F 239 11.81 38.19 -4.62
N GLY F 240 12.79 37.67 -3.87
CA GLY F 240 12.55 36.84 -2.66
C GLY F 240 12.64 35.34 -2.91
N GLY F 241 12.45 34.93 -4.17
CA GLY F 241 12.24 33.53 -4.59
C GLY F 241 13.47 32.65 -4.47
N HIS F 242 14.66 33.23 -4.61
CA HIS F 242 15.93 32.47 -4.67
C HIS F 242 16.75 32.85 -3.43
N HIS F 243 17.49 31.91 -2.87
CA HIS F 243 18.33 32.17 -1.70
C HIS F 243 19.67 31.46 -1.87
N VAL F 244 20.64 31.86 -1.07
CA VAL F 244 21.90 31.13 -0.79
C VAL F 244 22.16 31.21 0.70
N SER F 245 22.32 30.06 1.32
CA SER F 245 22.80 29.79 2.69
C SER F 245 24.25 29.37 2.51
N TYR F 246 25.22 30.02 3.17
CA TYR F 246 26.66 29.69 3.00
C TYR F 246 27.36 29.67 4.36
N SER F 247 28.53 29.03 4.41
CA SER F 247 29.41 28.88 5.59
C SER F 247 30.86 28.76 5.11
N MET F 248 31.81 29.34 5.85
CA MET F 248 33.22 29.50 5.39
C MET F 248 34.16 29.70 6.57
N ILE F 249 35.44 29.40 6.32
CA ILE F 249 36.57 29.53 7.28
C ILE F 249 36.75 31.01 7.65
N ARG F 271 35.72 11.15 17.76
CA ARG F 271 34.31 10.68 17.85
C ARG F 271 33.99 9.66 16.73
N LEU F 272 34.30 9.99 15.47
CA LEU F 272 34.17 9.12 14.26
C LEU F 272 35.30 8.09 14.25
N LYS F 273 34.97 6.80 14.13
CA LYS F 273 35.97 5.70 14.06
C LYS F 273 36.70 5.78 12.71
N ASP F 274 36.04 6.31 11.69
CA ASP F 274 36.64 6.51 10.34
C ASP F 274 36.44 7.96 9.93
N PRO F 275 37.33 8.89 10.34
CA PRO F 275 37.18 10.32 10.03
C PRO F 275 37.27 10.63 8.52
N SER F 276 37.67 9.64 7.70
CA SER F 276 37.82 9.78 6.22
C SER F 276 36.54 10.32 5.57
N LEU F 277 35.38 10.15 6.23
CA LEU F 277 34.08 10.70 5.76
C LEU F 277 34.22 12.20 5.49
N LEU F 278 34.99 12.93 6.30
CA LEU F 278 35.11 14.40 6.22
C LEU F 278 36.49 14.80 5.66
N GLU F 279 37.40 13.85 5.41
CA GLU F 279 38.69 14.12 4.71
C GLU F 279 38.36 14.61 3.29
N GLY F 280 38.47 15.92 3.10
CA GLY F 280 38.18 16.63 1.85
C GLY F 280 39.42 17.03 1.10
N PHE F 281 39.26 17.91 0.12
CA PHE F 281 40.35 18.46 -0.71
C PHE F 281 39.88 19.86 -1.13
N GLU F 282 40.83 20.75 -1.38
CA GLU F 282 40.58 22.17 -1.70
C GLU F 282 40.20 22.21 -3.20
N GLU F 283 39.12 22.92 -3.57
CA GLU F 283 38.83 23.11 -5.00
C GLU F 283 37.96 24.34 -5.25
N PHE F 284 37.68 25.17 -4.23
CA PHE F 284 37.08 26.51 -4.49
C PHE F 284 38.05 27.59 -3.99
N GLU F 285 38.18 28.67 -4.78
CA GLU F 285 39.23 29.72 -4.61
C GLU F 285 38.76 30.75 -3.57
N ASP F 286 37.83 30.36 -2.71
CA ASP F 286 37.32 31.08 -1.52
C ASP F 286 37.36 30.06 -0.40
N GLY F 287 36.83 30.36 0.79
CA GLY F 287 36.91 29.42 1.93
C GLY F 287 35.62 28.65 2.14
N VAL F 288 34.70 28.71 1.17
CA VAL F 288 33.27 28.35 1.43
C VAL F 288 33.17 26.83 1.49
N THR F 289 32.76 26.29 2.64
CA THR F 289 32.63 24.83 2.94
C THR F 289 31.20 24.34 2.70
N LEU F 290 30.24 25.25 2.70
CA LEU F 290 28.82 24.93 2.50
C LEU F 290 28.20 26.05 1.66
N GLN F 291 27.56 25.70 0.57
CA GLN F 291 26.72 26.65 -0.19
C GLN F 291 25.48 25.90 -0.67
N ILE F 292 24.34 26.26 -0.13
CA ILE F 292 23.02 25.72 -0.53
C ILE F 292 22.26 26.86 -1.21
N LEU F 293 21.96 26.66 -2.49
CA LEU F 293 21.36 27.70 -3.35
C LEU F 293 20.00 27.19 -3.81
N SER F 294 18.96 28.02 -3.78
CA SER F 294 17.60 27.65 -4.25
C SER F 294 17.11 28.61 -5.35
N VAL F 295 16.33 28.10 -6.31
CA VAL F 295 15.69 28.91 -7.37
C VAL F 295 14.21 28.53 -7.46
N PHE F 296 13.34 29.47 -7.11
CA PHE F 296 11.87 29.38 -7.27
C PHE F 296 11.53 28.76 -8.62
N PRO F 297 10.58 27.79 -8.71
CA PRO F 297 9.88 27.25 -7.54
C PRO F 297 10.31 25.87 -7.01
N GLY F 298 11.46 25.30 -7.43
CA GLY F 298 11.79 23.93 -7.02
C GLY F 298 13.19 23.47 -7.39
N PHE F 299 14.19 24.36 -7.53
CA PHE F 299 15.57 23.96 -7.89
C PHE F 299 16.49 24.17 -6.70
N VAL F 300 17.36 23.21 -6.43
CA VAL F 300 18.43 23.36 -5.43
C VAL F 300 19.75 22.92 -6.05
N LEU F 301 20.78 23.73 -5.86
CA LEU F 301 22.21 23.36 -6.09
C LEU F 301 22.91 23.42 -4.74
N GLN F 302 23.67 22.38 -4.39
CA GLN F 302 24.36 22.31 -3.09
C GLN F 302 25.81 21.90 -3.29
N GLN F 303 26.67 22.50 -2.48
CA GLN F 303 28.09 22.16 -2.31
C GLN F 303 28.32 22.06 -0.80
N ILE F 304 28.65 20.87 -0.30
CA ILE F 304 28.98 20.61 1.12
C ILE F 304 30.31 19.89 1.10
N GLN F 305 31.38 20.59 1.47
CA GLN F 305 32.78 20.18 1.20
C GLN F 305 32.90 19.82 -0.29
N ASN F 306 33.16 18.57 -0.60
CA ASN F 306 33.32 18.08 -2.01
C ASN F 306 32.02 17.42 -2.49
N SER F 307 30.93 17.48 -1.74
CA SER F 307 29.63 16.87 -2.14
C SER F 307 28.86 17.90 -2.93
N ILE F 308 28.71 17.65 -4.22
CA ILE F 308 27.96 18.49 -5.18
C ILE F 308 26.66 17.74 -5.51
N ALA F 309 25.51 18.40 -5.49
CA ALA F 309 24.29 17.77 -6.00
C ALA F 309 23.27 18.83 -6.43
N VAL F 310 22.35 18.37 -7.24
CA VAL F 310 21.17 19.14 -7.67
C VAL F 310 19.95 18.41 -7.11
N ARG F 311 18.90 19.16 -6.78
CA ARG F 311 17.57 18.60 -6.44
C ARG F 311 16.52 19.26 -7.30
N GLN F 312 15.53 18.46 -7.73
CA GLN F 312 14.29 18.95 -8.35
C GLN F 312 13.12 18.58 -7.42
N LEU F 313 12.37 19.57 -6.98
CA LEU F 313 11.15 19.41 -6.18
C LEU F 313 9.92 19.57 -7.08
N LEU F 314 9.08 18.54 -7.15
CA LEU F 314 7.80 18.59 -7.91
C LEU F 314 6.64 18.36 -6.95
N PRO F 315 5.54 19.08 -7.14
CA PRO F 315 4.32 18.78 -6.42
C PRO F 315 3.68 17.54 -7.03
N LYS F 316 2.93 16.77 -6.24
CA LYS F 316 2.26 15.57 -6.75
C LYS F 316 0.78 15.56 -6.37
N SER F 317 0.47 15.84 -5.12
CA SER F 317 -0.93 15.96 -4.62
C SER F 317 -0.87 17.02 -3.52
N ILE F 318 -2.03 17.46 -3.02
CA ILE F 318 -2.06 18.55 -2.01
C ILE F 318 -1.09 18.24 -0.86
N SER F 319 -0.96 16.97 -0.44
CA SER F 319 -0.16 16.58 0.75
C SER F 319 0.98 15.63 0.36
N SER F 320 1.45 15.65 -0.89
CA SER F 320 2.65 14.86 -1.30
C SER F 320 3.44 15.60 -2.36
N SER F 321 4.75 15.42 -2.34
CA SER F 321 5.67 16.02 -3.34
C SER F 321 6.82 15.03 -3.62
N GLU F 322 7.54 15.26 -4.71
CA GLU F 322 8.65 14.37 -5.13
C GLU F 322 9.93 15.22 -5.17
N LEU F 323 11.00 14.66 -4.60
CA LEU F 323 12.36 15.22 -4.61
C LEU F 323 13.27 14.32 -5.42
N ASN F 324 13.77 14.81 -6.53
CA ASN F 324 14.73 14.06 -7.38
C ASN F 324 16.13 14.60 -7.12
N TRP F 325 17.02 13.73 -6.65
CA TRP F 325 18.44 14.03 -6.45
C TRP F 325 19.20 13.66 -7.69
N THR F 326 20.08 14.55 -8.14
CA THR F 326 21.13 14.23 -9.14
C THR F 326 22.50 14.46 -8.46
N TYR F 327 23.20 13.40 -8.07
CA TYR F 327 24.54 13.51 -7.43
C TYR F 327 25.57 13.79 -8.54
N LEU F 328 26.58 14.65 -8.29
CA LEU F 328 27.51 15.13 -9.35
C LEU F 328 28.97 14.98 -8.95
N GLY F 329 29.79 14.57 -9.92
CA GLY F 329 31.24 14.81 -9.96
C GLY F 329 31.58 15.81 -11.06
N TYR F 330 32.84 16.20 -11.14
CA TYR F 330 33.40 16.88 -12.34
C TYR F 330 33.99 15.82 -13.26
N ALA F 331 33.80 15.99 -14.57
CA ALA F 331 34.29 15.06 -15.61
C ALA F 331 35.81 14.86 -15.47
N ASP F 332 36.54 15.86 -14.97
CA ASP F 332 38.04 15.81 -14.87
C ASP F 332 38.47 15.20 -13.53
N ASP F 333 37.54 14.78 -12.66
CA ASP F 333 37.88 14.19 -11.33
C ASP F 333 38.87 13.04 -11.52
N SER F 334 39.86 12.95 -10.65
CA SER F 334 40.70 11.73 -10.47
C SER F 334 39.89 10.68 -9.71
N ALA F 335 40.37 9.44 -9.74
CA ALA F 335 39.87 8.30 -8.92
C ALA F 335 39.74 8.76 -7.46
N GLU F 336 40.80 9.33 -6.90
CA GLU F 336 40.88 9.64 -5.45
C GLU F 336 39.87 10.74 -5.17
N GLN F 337 39.74 11.71 -6.05
CA GLN F 337 38.81 12.85 -5.81
C GLN F 337 37.37 12.32 -5.84
N ARG F 338 37.09 11.36 -6.72
CA ARG F 338 35.71 10.82 -6.92
C ARG F 338 35.33 10.03 -5.68
N LYS F 339 36.25 9.17 -5.20
CA LYS F 339 36.09 8.40 -3.94
C LYS F 339 35.63 9.35 -2.83
N VAL F 340 36.28 10.50 -2.72
CA VAL F 340 35.94 11.47 -1.64
C VAL F 340 34.47 11.86 -1.78
N ARG F 341 33.99 12.12 -3.00
CA ARG F 341 32.59 12.60 -3.22
C ARG F 341 31.62 11.47 -2.87
N LEU F 342 32.00 10.21 -3.18
CA LEU F 342 31.19 9.02 -2.88
C LEU F 342 31.09 8.86 -1.36
N LYS F 343 32.16 9.07 -0.60
CA LYS F 343 32.13 8.97 0.89
C LYS F 343 31.31 10.13 1.44
N GLN F 344 31.53 11.35 0.96
CA GLN F 344 30.86 12.55 1.50
C GLN F 344 29.37 12.56 1.14
N ALA F 345 28.95 11.83 0.10
CA ALA F 345 27.51 11.67 -0.26
C ALA F 345 26.70 11.14 0.92
N ASN F 346 27.32 10.43 1.88
CA ASN F 346 26.63 9.88 3.07
C ASN F 346 26.01 11.03 3.86
N LEU F 347 26.43 12.28 3.59
CA LEU F 347 25.93 13.49 4.31
C LEU F 347 24.57 13.86 3.78
N ILE F 348 24.28 13.50 2.53
CA ILE F 348 23.13 14.03 1.74
C ILE F 348 22.23 12.86 1.28
N GLY F 349 21.12 13.21 0.66
CA GLY F 349 20.17 12.21 0.12
C GLY F 349 19.29 11.61 1.21
N PRO F 350 18.53 10.56 0.85
CA PRO F 350 17.49 10.00 1.72
C PRO F 350 17.94 9.55 3.12
N ALA F 351 19.19 9.12 3.26
CA ALA F 351 19.84 8.62 4.50
C ALA F 351 20.96 9.58 4.99
N GLY F 352 21.00 10.83 4.51
CA GLY F 352 22.10 11.77 4.82
C GLY F 352 22.27 12.06 6.31
N PHE F 353 23.49 11.98 6.82
CA PHE F 353 23.79 12.41 8.20
C PHE F 353 23.18 13.80 8.42
N ILE F 354 23.33 14.69 7.43
CA ILE F 354 22.78 16.07 7.44
C ILE F 354 21.31 16.09 7.01
N SER F 355 20.92 15.46 5.91
CA SER F 355 19.63 15.72 5.22
C SER F 355 18.52 14.70 5.54
N MET F 356 18.78 13.65 6.32
CA MET F 356 17.77 12.58 6.57
C MET F 356 16.43 13.20 7.00
N GLU F 357 16.46 14.04 8.02
CA GLU F 357 15.28 14.62 8.73
C GLU F 357 14.49 15.50 7.76
N ASP F 358 15.16 16.06 6.73
CA ASP F 358 14.55 16.98 5.73
C ASP F 358 13.34 16.25 5.11
N GLY F 359 13.37 14.93 4.96
CA GLY F 359 12.25 14.12 4.44
C GLY F 359 10.99 14.15 5.32
N ALA F 360 11.16 14.25 6.62
CA ALA F 360 10.08 13.99 7.61
C ALA F 360 9.50 15.29 8.18
N VAL F 361 10.29 16.35 8.30
CA VAL F 361 9.84 17.56 9.04
C VAL F 361 8.61 18.12 8.35
N GLY F 362 8.60 18.16 7.00
CA GLY F 362 7.45 18.60 6.23
C GLY F 362 6.19 17.88 6.69
N GLY F 363 6.28 16.55 6.81
CA GLY F 363 5.16 15.70 7.25
C GLY F 363 4.74 16.05 8.67
N PHE F 364 5.70 16.33 9.52
CA PHE F 364 5.43 16.68 10.95
C PHE F 364 4.54 17.94 10.96
N VAL F 365 4.78 18.85 10.05
CA VAL F 365 4.02 20.12 9.94
C VAL F 365 2.65 19.79 9.36
N GLN F 366 2.64 19.09 8.22
CA GLN F 366 1.40 18.64 7.57
C GLN F 366 0.45 18.06 8.64
N ARG F 367 0.96 17.23 9.54
CA ARG F 367 0.14 16.50 10.54
C ARG F 367 -0.16 17.39 11.75
N GLY F 368 0.79 18.20 12.19
CA GLY F 368 0.59 19.10 13.35
C GLY F 368 -0.52 20.13 13.09
N ILE F 369 -0.78 20.48 11.84
CA ILE F 369 -1.72 21.57 11.49
C ILE F 369 -3.09 21.01 11.14
N ALA F 370 -3.31 19.72 11.35
CA ALA F 370 -4.52 19.03 10.83
C ALA F 370 -5.79 19.73 11.34
N GLY F 371 -5.77 20.27 12.56
CA GLY F 371 -6.93 20.91 13.21
C GLY F 371 -6.82 22.43 13.23
N ALA F 372 -5.84 22.99 12.52
CA ALA F 372 -5.44 24.40 12.57
C ALA F 372 -5.36 25.00 11.15
N ALA F 373 -6.27 24.63 10.25
CA ALA F 373 -6.22 25.15 8.87
C ALA F 373 -6.50 26.67 8.92
N ASN F 374 -7.15 27.15 10.00
CA ASN F 374 -7.58 28.57 10.15
C ASN F 374 -6.51 29.42 10.84
N LEU F 375 -5.42 28.81 11.34
CA LEU F 375 -4.33 29.52 12.07
C LEU F 375 -3.15 29.80 11.13
N ASP F 376 -2.12 30.46 11.67
CA ASP F 376 -1.01 31.10 10.92
C ASP F 376 0.32 30.58 11.49
N ALA F 377 1.27 30.27 10.62
CA ALA F 377 2.68 30.02 11.00
C ALA F 377 3.29 31.36 11.41
N VAL F 378 4.22 31.31 12.34
CA VAL F 378 4.94 32.52 12.82
C VAL F 378 6.38 32.51 12.28
N ILE F 379 6.73 33.57 11.54
CA ILE F 379 8.04 33.72 10.83
C ILE F 379 8.64 35.11 11.09
N GLU F 380 9.20 35.34 12.29
CA GLU F 380 9.66 36.67 12.77
C GLU F 380 11.17 36.71 12.98
N MET F 381 11.85 35.58 12.93
CA MET F 381 13.30 35.49 13.10
C MET F 381 14.00 36.40 12.08
N GLY F 382 14.78 37.40 12.55
CA GLY F 382 15.52 38.36 11.70
C GLY F 382 14.64 39.49 11.20
N GLY F 383 13.45 39.67 11.80
CA GLY F 383 12.55 40.82 11.62
C GLY F 383 11.45 40.58 10.58
N ASP F 384 11.19 41.61 9.74
CA ASP F 384 10.24 41.64 8.57
C ASP F 384 10.99 41.41 7.26
N HIS F 385 12.33 41.50 7.33
CA HIS F 385 13.35 41.54 6.26
C HIS F 385 13.15 40.38 5.30
N GLU F 386 13.35 40.61 3.99
CA GLU F 386 13.28 39.57 2.92
C GLU F 386 14.52 39.72 2.01
N GLY F 387 15.58 40.33 2.54
CA GLY F 387 16.88 40.52 1.87
C GLY F 387 17.99 39.81 2.65
N SER F 388 19.23 39.95 2.19
CA SER F 388 20.42 39.25 2.73
C SER F 388 20.66 39.61 4.21
N SER F 389 21.33 38.71 4.96
CA SER F 389 21.67 38.86 6.40
C SER F 389 23.01 38.19 6.68
N GLU F 390 23.76 38.70 7.65
CA GLU F 390 25.04 38.11 8.10
C GLU F 390 24.76 36.90 9.00
N GLY F 391 23.66 36.90 9.77
CA GLY F 391 23.31 35.77 10.66
C GLY F 391 22.90 34.55 9.86
N ARG F 392 22.68 33.41 10.52
CA ARG F 392 21.84 32.30 10.00
C ARG F 392 20.66 32.03 10.95
N ALA F 393 20.68 32.55 12.19
CA ALA F 393 19.51 32.60 13.10
C ALA F 393 18.48 33.65 12.61
N THR F 394 17.96 33.45 11.40
CA THR F 394 16.95 34.31 10.72
C THR F 394 16.04 33.42 9.86
N GLU F 395 14.93 33.97 9.37
CA GLU F 395 13.96 33.31 8.45
C GLU F 395 13.73 34.19 7.22
N THR F 396 14.72 35.01 6.87
CA THR F 396 14.58 36.04 5.80
C THR F 396 14.32 35.35 4.46
N SER F 397 15.05 34.27 4.15
CA SER F 397 14.95 33.46 2.90
C SER F 397 13.60 32.73 2.83
N VAL F 398 13.05 32.34 3.99
CA VAL F 398 11.68 31.79 4.06
C VAL F 398 10.66 32.90 3.73
N ARG F 399 10.71 34.05 4.38
CA ARG F 399 9.79 35.18 4.07
C ARG F 399 9.93 35.54 2.59
N GLY F 400 11.16 35.47 2.05
CA GLY F 400 11.43 35.71 0.62
C GLY F 400 10.59 34.82 -0.28
N PHE F 401 10.57 33.53 0.03
CA PHE F 401 9.77 32.52 -0.70
C PHE F 401 8.35 33.07 -0.83
N TRP F 402 7.77 33.53 0.29
CA TRP F 402 6.34 33.94 0.32
C TRP F 402 6.16 35.30 -0.36
N LYS F 403 7.14 36.18 -0.33
CA LYS F 403 7.06 37.43 -1.12
C LYS F 403 6.88 37.04 -2.58
N ALA F 404 7.75 36.18 -3.09
CA ALA F 404 7.75 35.73 -4.50
C ALA F 404 6.42 35.01 -4.80
N TYR F 405 5.97 34.15 -3.88
CA TYR F 405 4.75 33.31 -4.03
C TYR F 405 3.53 34.22 -4.22
N ARG F 406 3.34 35.18 -3.32
CA ARG F 406 2.15 36.05 -3.28
C ARG F 406 2.14 36.93 -4.53
N LYS F 407 3.31 37.39 -4.99
CA LYS F 407 3.50 38.16 -6.24
C LYS F 407 2.92 37.34 -7.39
N HIS F 408 3.40 36.10 -7.60
CA HIS F 408 2.96 35.22 -8.71
C HIS F 408 1.48 34.85 -8.55
N MET F 409 0.97 34.77 -7.31
CA MET F 409 -0.39 34.22 -7.06
C MET F 409 -1.44 35.32 -6.97
N GLY F 410 -1.03 36.59 -7.07
CA GLY F 410 -1.94 37.74 -6.88
C GLY F 410 -2.54 37.73 -5.48
N GLN F 411 -1.71 37.58 -4.44
CA GLN F 411 -2.12 37.48 -3.02
C GLN F 411 -1.47 38.58 -2.16
N GLU F 412 -0.98 39.68 -2.76
CA GLU F 412 -0.34 40.77 -1.97
C GLU F 412 -1.42 41.59 -1.26
N MET F 413 -1.03 42.49 -0.36
CA MET F 413 -1.92 43.49 0.29
C MET F 413 -1.07 44.38 1.21
N LYS G 1 26.94 -39.37 17.76
CA LYS G 1 28.08 -40.00 17.05
C LYS G 1 29.29 -40.15 18.00
N VAL G 2 29.87 -41.34 18.02
CA VAL G 2 31.19 -41.61 18.62
C VAL G 2 32.20 -41.48 17.51
N PHE G 3 33.06 -40.47 17.62
CA PHE G 3 34.26 -40.27 16.80
C PHE G 3 35.33 -41.26 17.21
N GLY G 4 36.09 -41.71 16.22
CA GLY G 4 37.47 -42.19 16.40
C GLY G 4 38.38 -41.06 16.83
N ARG G 5 39.49 -41.41 17.48
CA ARG G 5 40.43 -40.40 18.02
C ARG G 5 40.94 -39.56 16.83
N CYS G 6 41.42 -40.25 15.80
CA CYS G 6 42.05 -39.59 14.64
C CYS G 6 40.98 -38.88 13.80
N GLU G 7 39.79 -39.48 13.64
CA GLU G 7 38.63 -38.84 12.95
C GLU G 7 38.42 -37.43 13.57
N LEU G 8 38.24 -37.39 14.88
CA LEU G 8 37.96 -36.14 15.59
C LEU G 8 39.17 -35.18 15.43
N ALA G 9 40.41 -35.68 15.51
CA ALA G 9 41.62 -34.84 15.33
C ALA G 9 41.53 -34.15 13.95
N ALA G 10 41.24 -34.93 12.92
CA ALA G 10 41.21 -34.45 11.53
C ALA G 10 40.11 -33.37 11.39
N ALA G 11 38.97 -33.58 12.03
CA ALA G 11 37.80 -32.66 11.95
C ALA G 11 38.13 -31.36 12.70
N MET G 12 38.82 -31.49 13.82
CA MET G 12 39.24 -30.30 14.62
C MET G 12 40.31 -29.53 13.83
N LYS G 13 41.21 -30.20 13.13
CA LYS G 13 42.25 -29.50 12.33
C LYS G 13 41.56 -28.76 11.18
N ARG G 14 40.76 -29.45 10.34
CA ARG G 14 39.97 -28.86 9.21
C ARG G 14 39.02 -27.72 9.68
N HIS G 15 38.88 -27.47 10.98
CA HIS G 15 38.08 -26.37 11.58
C HIS G 15 39.04 -25.36 12.23
N GLY G 16 40.36 -25.50 11.97
CA GLY G 16 41.46 -24.65 12.46
C GLY G 16 41.48 -24.47 13.96
N LEU G 17 41.58 -25.57 14.72
CA LEU G 17 41.80 -25.57 16.20
C LEU G 17 43.25 -25.89 16.47
N ASP G 18 44.06 -26.11 15.43
CA ASP G 18 45.50 -26.35 15.69
C ASP G 18 46.19 -25.04 16.06
N ASN G 19 46.67 -24.92 17.30
CA ASN G 19 47.41 -23.73 17.83
C ASN G 19 46.48 -22.52 18.01
N TYR G 20 45.19 -22.79 18.04
CA TYR G 20 44.14 -21.76 18.20
C TYR G 20 44.31 -21.15 19.59
N ARG G 21 44.79 -19.90 19.62
CA ARG G 21 44.92 -19.07 20.85
C ARG G 21 45.86 -19.78 21.83
N GLY G 22 46.91 -20.43 21.31
CA GLY G 22 48.03 -21.01 22.09
C GLY G 22 48.06 -22.53 22.03
N TYR G 23 46.92 -23.15 21.71
CA TYR G 23 46.58 -24.52 22.14
C TYR G 23 46.73 -25.48 20.95
N SER G 24 47.68 -26.41 21.02
CA SER G 24 47.94 -27.38 19.92
C SER G 24 46.78 -28.39 19.83
N LEU G 25 46.56 -28.95 18.63
CA LEU G 25 45.44 -29.88 18.28
C LEU G 25 45.19 -30.90 19.40
N GLY G 26 46.26 -31.50 19.92
CA GLY G 26 46.18 -32.54 20.96
C GLY G 26 45.41 -32.06 22.17
N ASN G 27 45.42 -30.76 22.46
CA ASN G 27 44.74 -30.27 23.69
C ASN G 27 43.24 -30.46 23.48
N TRP G 28 42.78 -30.09 22.28
CA TRP G 28 41.36 -30.13 21.88
C TRP G 28 40.89 -31.59 21.86
N VAL G 29 41.64 -32.49 21.21
CA VAL G 29 41.33 -33.95 21.22
C VAL G 29 41.30 -34.45 22.68
N CYS G 30 42.31 -34.15 23.50
CA CYS G 30 42.38 -34.61 24.92
C CYS G 30 41.15 -34.13 25.70
N ALA G 31 40.79 -32.86 25.54
CA ALA G 31 39.61 -32.21 26.18
C ALA G 31 38.32 -32.97 25.84
N ALA G 32 38.12 -33.31 24.57
CA ALA G 32 36.89 -34.02 24.15
C ALA G 32 36.94 -35.42 24.73
N LYS G 33 38.12 -36.05 24.73
CA LYS G 33 38.25 -37.39 25.34
C LYS G 33 37.66 -37.39 26.74
N PHE G 34 38.12 -36.49 27.61
CA PHE G 34 37.81 -36.55 29.05
C PHE G 34 36.54 -35.74 29.32
N GLU G 35 36.10 -34.84 28.45
CA GLU G 35 34.78 -34.18 28.63
C GLU G 35 33.59 -35.13 28.28
N SER G 36 33.61 -35.84 27.14
CA SER G 36 32.46 -36.53 26.46
C SER G 36 32.81 -37.94 25.96
N ASN G 37 34.08 -38.27 25.89
CA ASN G 37 34.58 -39.55 25.39
C ASN G 37 34.25 -39.63 23.93
N PHE G 38 34.33 -38.50 23.23
CA PHE G 38 34.23 -38.41 21.74
C PHE G 38 32.78 -38.70 21.29
N ASN G 39 31.83 -38.41 22.19
CA ASN G 39 30.38 -38.62 22.00
C ASN G 39 29.72 -37.25 21.83
N THR G 40 29.28 -36.97 20.60
CA THR G 40 28.60 -35.71 20.18
C THR G 40 27.28 -35.50 20.94
N GLN G 41 26.73 -36.55 21.55
CA GLN G 41 25.42 -36.53 22.24
C GLN G 41 25.56 -36.46 23.77
N ALA G 42 26.77 -36.59 24.30
CA ALA G 42 27.04 -36.46 25.75
C ALA G 42 26.26 -35.27 26.37
N THR G 43 25.72 -35.50 27.57
CA THR G 43 24.69 -34.65 28.24
C THR G 43 24.79 -34.83 29.76
N ASN G 44 25.09 -33.76 30.52
CA ASN G 44 25.38 -33.90 31.98
C ASN G 44 24.63 -32.79 32.73
N ARG G 45 23.53 -33.14 33.42
CA ARG G 45 22.77 -32.24 34.32
C ARG G 45 23.65 -31.99 35.55
N ASN G 46 23.73 -30.71 35.91
CA ASN G 46 24.44 -30.15 37.08
C ASN G 46 23.32 -29.86 38.10
N THR G 47 23.65 -29.82 39.38
CA THR G 47 22.67 -29.58 40.46
C THR G 47 22.21 -28.12 40.46
N ASP G 48 22.94 -27.25 39.76
CA ASP G 48 22.74 -25.78 39.66
C ASP G 48 21.62 -25.46 38.66
N GLY G 49 20.93 -26.47 38.10
CA GLY G 49 19.84 -26.30 37.10
C GLY G 49 20.31 -26.18 35.64
N SER G 50 21.63 -26.13 35.41
CA SER G 50 22.33 -26.03 34.10
C SER G 50 22.67 -27.43 33.61
N THR G 51 22.97 -27.57 32.31
CA THR G 51 23.45 -28.85 31.70
C THR G 51 24.68 -28.58 30.81
N ASP G 52 25.51 -29.60 30.64
CA ASP G 52 26.70 -29.53 29.74
C ASP G 52 26.41 -30.34 28.48
N TYR G 53 26.63 -29.76 27.29
CA TYR G 53 26.11 -30.32 26.02
C TYR G 53 27.24 -30.72 25.04
N GLY G 54 27.16 -31.92 24.50
CA GLY G 54 28.01 -32.28 23.34
C GLY G 54 29.45 -32.63 23.66
N ILE G 55 30.22 -32.71 22.57
CA ILE G 55 31.58 -33.32 22.56
C ILE G 55 32.54 -32.50 23.43
N LEU G 56 32.27 -31.20 23.68
CA LEU G 56 33.11 -30.33 24.54
C LEU G 56 32.36 -29.84 25.78
N GLN G 57 31.21 -30.44 26.05
CA GLN G 57 30.48 -30.32 27.34
C GLN G 57 30.35 -28.84 27.68
N ILE G 58 29.68 -28.10 26.81
CA ILE G 58 29.52 -26.63 26.92
C ILE G 58 28.28 -26.34 27.76
N ASN G 59 28.47 -25.49 28.77
CA ASN G 59 27.49 -25.22 29.85
C ASN G 59 26.34 -24.34 29.39
N SER G 60 25.10 -24.71 29.77
CA SER G 60 23.85 -24.04 29.34
C SER G 60 23.48 -22.78 30.15
N ARG G 61 24.22 -22.40 31.20
CA ARG G 61 24.01 -21.12 31.94
C ARG G 61 24.80 -20.00 31.26
N TRP G 62 25.97 -20.28 30.67
CA TRP G 62 26.87 -19.26 30.10
C TRP G 62 26.80 -19.21 28.58
N TRP G 63 26.81 -20.38 27.91
CA TRP G 63 27.32 -20.47 26.53
C TRP G 63 26.21 -20.73 25.50
N CYS G 64 25.34 -21.72 25.73
CA CYS G 64 24.24 -22.02 24.80
C CYS G 64 22.92 -21.94 25.54
N ASN G 65 21.84 -21.81 24.79
CA ASN G 65 20.49 -21.69 25.38
C ASN G 65 19.74 -23.02 25.21
N ASP G 66 19.48 -23.74 26.33
CA ASP G 66 18.70 -25.01 26.33
C ASP G 66 17.24 -24.80 26.78
N GLY G 67 16.82 -23.55 27.01
CA GLY G 67 15.44 -23.24 27.43
C GLY G 67 15.07 -23.69 28.84
N ARG G 68 15.96 -24.35 29.58
CA ARG G 68 15.65 -25.02 30.88
C ARG G 68 16.42 -24.39 32.05
N THR G 69 17.33 -23.43 31.80
CA THR G 69 18.41 -23.04 32.72
C THR G 69 18.22 -21.62 33.20
N PRO G 70 17.82 -21.40 34.47
CA PRO G 70 17.66 -20.04 34.97
C PRO G 70 18.97 -19.26 34.84
N GLY G 71 18.86 -18.02 34.38
CA GLY G 71 19.99 -17.09 34.19
C GLY G 71 20.79 -17.35 32.93
N SER G 72 20.22 -17.96 31.89
CA SER G 72 20.99 -18.18 30.65
C SER G 72 21.52 -16.83 30.15
N ARG G 73 22.82 -16.82 29.85
CA ARG G 73 23.52 -15.68 29.23
C ARG G 73 23.63 -15.93 27.72
N ASN G 74 23.73 -17.19 27.31
CA ASN G 74 23.76 -17.62 25.89
C ASN G 74 24.78 -16.79 25.11
N LEU G 75 26.05 -16.88 25.50
CA LEU G 75 27.13 -16.00 24.96
C LEU G 75 27.63 -16.52 23.61
N CYS G 76 27.25 -17.73 23.17
CA CYS G 76 27.60 -18.20 21.81
C CYS G 76 26.45 -17.98 20.85
N ASN G 77 25.34 -17.49 21.40
CA ASN G 77 24.11 -17.13 20.68
C ASN G 77 23.69 -18.33 19.81
N ILE G 78 23.47 -19.46 20.47
CA ILE G 78 23.07 -20.73 19.84
C ILE G 78 22.19 -21.49 20.81
N PRO G 79 21.19 -22.25 20.33
CA PRO G 79 20.55 -23.27 21.15
C PRO G 79 21.52 -24.42 21.41
N CYS G 80 21.43 -25.02 22.59
CA CYS G 80 22.35 -26.10 23.05
C CYS G 80 22.24 -27.30 22.10
N SER G 81 21.06 -27.49 21.49
CA SER G 81 20.76 -28.63 20.57
C SER G 81 21.72 -28.61 19.39
N ALA G 82 22.24 -27.48 19.00
CA ALA G 82 23.22 -27.40 17.89
C ALA G 82 24.55 -28.03 18.31
N LEU G 83 24.79 -28.20 19.61
CA LEU G 83 26.02 -28.82 20.19
C LEU G 83 25.89 -30.36 20.33
N LEU G 84 24.71 -30.89 19.99
CA LEU G 84 24.36 -32.34 20.00
C LEU G 84 24.23 -32.90 18.58
N SER G 85 24.76 -32.23 17.56
CA SER G 85 24.76 -32.80 16.17
C SER G 85 26.00 -33.68 15.94
N SER G 86 25.88 -34.52 14.94
CA SER G 86 26.91 -35.44 14.41
C SER G 86 28.11 -34.60 13.91
N ASP G 87 27.79 -33.37 13.52
CA ASP G 87 28.64 -32.30 12.93
C ASP G 87 29.16 -31.32 14.00
N ILE G 88 30.48 -31.17 14.12
CA ILE G 88 31.09 -30.44 15.27
C ILE G 88 31.19 -28.93 14.98
N THR G 89 30.71 -28.44 13.85
CA THR G 89 30.82 -27.00 13.53
C THR G 89 30.37 -26.15 14.73
N ALA G 90 29.11 -26.22 15.13
CA ALA G 90 28.58 -25.24 16.12
C ALA G 90 29.33 -25.37 17.45
N SER G 91 29.74 -26.59 17.80
CA SER G 91 30.47 -26.90 19.06
C SER G 91 31.83 -26.20 19.02
N VAL G 92 32.49 -26.21 17.87
CA VAL G 92 33.84 -25.61 17.68
C VAL G 92 33.73 -24.09 17.73
N ASN G 93 32.78 -23.53 17.02
CA ASN G 93 32.61 -22.07 17.00
C ASN G 93 32.36 -21.61 18.44
N CYS G 94 31.59 -22.32 19.25
CA CYS G 94 31.27 -21.84 20.61
C CYS G 94 32.53 -21.95 21.50
N ALA G 95 33.25 -23.06 21.37
CA ALA G 95 34.59 -23.32 21.94
C ALA G 95 35.56 -22.17 21.68
N LYS G 96 35.62 -21.70 20.43
CA LYS G 96 36.56 -20.64 19.99
C LYS G 96 36.25 -19.35 20.78
N LYS G 97 34.97 -19.07 20.96
CA LYS G 97 34.47 -17.96 21.80
C LYS G 97 34.84 -18.28 23.26
N ILE G 98 34.71 -19.49 23.71
CA ILE G 98 35.00 -19.80 25.13
C ILE G 98 36.52 -19.64 25.38
N VAL G 99 37.38 -20.18 24.51
CA VAL G 99 38.85 -20.23 24.78
C VAL G 99 39.43 -18.81 24.64
N SER G 100 38.75 -17.95 23.87
CA SER G 100 39.10 -16.52 23.64
C SER G 100 38.69 -15.64 24.83
N ASP G 101 37.74 -16.10 25.66
CA ASP G 101 37.26 -15.32 26.84
C ASP G 101 38.45 -14.97 27.73
N GLY G 102 39.52 -15.79 27.72
CA GLY G 102 40.84 -15.45 28.28
C GLY G 102 41.08 -16.05 29.66
N ASN G 103 40.29 -17.04 30.07
CA ASN G 103 40.70 -18.02 31.11
C ASN G 103 41.35 -19.22 30.36
N GLY G 104 41.66 -19.05 29.06
CA GLY G 104 42.13 -20.08 28.11
C GLY G 104 41.28 -21.35 28.17
N MET G 105 41.94 -22.52 28.13
CA MET G 105 41.25 -23.83 28.13
C MET G 105 40.98 -24.29 29.56
N ASN G 106 41.28 -23.46 30.58
CA ASN G 106 40.99 -23.83 32.00
C ASN G 106 39.47 -23.91 32.19
N ALA G 107 38.72 -23.21 31.34
CA ALA G 107 37.26 -23.34 31.17
C ALA G 107 36.85 -24.84 31.18
N TRP G 108 37.61 -25.73 30.53
CA TRP G 108 37.30 -27.18 30.51
C TRP G 108 37.91 -27.86 31.75
N VAL G 109 37.10 -28.07 32.79
CA VAL G 109 37.53 -28.76 34.04
C VAL G 109 38.32 -30.00 33.64
N ALA G 110 37.71 -30.92 32.89
CA ALA G 110 38.32 -32.24 32.55
C ALA G 110 39.64 -32.02 31.83
N TRP G 111 39.79 -30.96 31.04
CA TRP G 111 41.08 -30.58 30.40
C TRP G 111 42.11 -30.16 31.46
N ARG G 112 41.73 -29.49 32.55
CA ARG G 112 42.72 -29.14 33.61
C ARG G 112 43.17 -30.44 34.27
N ASN G 113 42.20 -31.22 34.69
CA ASN G 113 42.45 -32.35 35.62
C ASN G 113 43.25 -33.40 34.86
N ARG G 114 42.97 -33.58 33.57
CA ARG G 114 43.45 -34.78 32.84
C ARG G 114 44.37 -34.42 31.66
N CYS G 115 44.49 -33.17 31.24
CA CYS G 115 45.18 -32.81 29.96
C CYS G 115 46.31 -31.77 30.17
N LYS G 116 46.04 -30.70 30.92
CA LYS G 116 46.97 -29.56 31.08
C LYS G 116 48.36 -30.12 31.43
N GLY G 117 49.35 -29.79 30.59
CA GLY G 117 50.77 -30.06 30.85
C GLY G 117 51.13 -31.53 30.79
N THR G 118 50.23 -32.40 30.32
CA THR G 118 50.56 -33.79 29.95
C THR G 118 51.23 -33.70 28.58
N ASP G 119 51.53 -34.85 27.96
CA ASP G 119 51.99 -34.92 26.55
C ASP G 119 50.77 -34.96 25.59
N VAL G 120 49.77 -34.12 25.83
CA VAL G 120 48.85 -33.56 24.79
C VAL G 120 49.11 -34.13 23.37
N GLN G 121 50.28 -33.90 22.75
CA GLN G 121 50.58 -34.27 21.33
C GLN G 121 50.37 -35.79 21.11
N ALA G 122 50.23 -36.57 22.18
CA ALA G 122 50.04 -38.04 22.10
C ALA G 122 48.68 -38.35 21.45
N TRP G 123 47.66 -37.56 21.78
CA TRP G 123 46.28 -37.69 21.25
C TRP G 123 46.24 -37.53 19.73
N ILE G 124 47.33 -37.16 19.08
CA ILE G 124 47.35 -36.85 17.61
C ILE G 124 48.24 -37.85 16.88
N ARG G 125 48.98 -38.69 17.60
CA ARG G 125 49.98 -39.58 16.99
C ARG G 125 49.24 -40.77 16.43
N GLY G 126 49.60 -41.17 15.22
CA GLY G 126 49.07 -42.35 14.55
C GLY G 126 47.87 -42.01 13.70
N CYS G 127 47.72 -40.72 13.35
CA CYS G 127 46.56 -40.15 12.61
C CYS G 127 46.99 -39.58 11.25
N ARG G 128 46.25 -39.83 10.17
CA ARG G 128 46.50 -39.17 8.84
C ARG G 128 46.21 -37.67 9.06
N LEU G 129 47.27 -36.94 9.40
CA LEU G 129 47.34 -35.46 9.50
C LEU G 129 48.59 -34.96 8.75
#